data_7Z9O
# 
_entry.id   7Z9O 
# 
_audit_conform.dict_name       mmcif_pdbx.dic 
_audit_conform.dict_version    5.406 
_audit_conform.dict_location   http://mmcif.pdb.org/dictionaries/ascii/mmcif_pdbx.dic 
# 
loop_
_database_2.database_id 
_database_2.database_code 
_database_2.pdbx_database_accession 
_database_2.pdbx_DOI 
PDB   7Z9O         pdb_00007z9o 10.2210/pdb7z9o/pdb 
WWPDB D_1292121844 ?            ?                   
# 
loop_
_pdbx_audit_revision_history.ordinal 
_pdbx_audit_revision_history.data_content_type 
_pdbx_audit_revision_history.major_revision 
_pdbx_audit_revision_history.minor_revision 
_pdbx_audit_revision_history.revision_date 
_pdbx_audit_revision_history.part_number 
1 'Structure model' 1 0 2022-11-23 ? 
2 'Structure model' 1 1 2022-12-07 ? 
3 'Structure model' 1 2 2024-01-31 ? 
4 'Structure model' 1 3 2025-10-01 ? 
# 
_pdbx_audit_revision_details.ordinal             1 
_pdbx_audit_revision_details.revision_ordinal    1 
_pdbx_audit_revision_details.data_content_type   'Structure model' 
_pdbx_audit_revision_details.provider            repository 
_pdbx_audit_revision_details.type                'Initial release' 
_pdbx_audit_revision_details.description         ? 
_pdbx_audit_revision_details.details             ? 
# 
loop_
_pdbx_audit_revision_group.ordinal 
_pdbx_audit_revision_group.revision_ordinal 
_pdbx_audit_revision_group.data_content_type 
_pdbx_audit_revision_group.group 
1 2 'Structure model' 'Database references'    
2 3 'Structure model' 'Data collection'        
3 3 'Structure model' 'Refinement description' 
4 4 'Structure model' Advisory                 
5 4 'Structure model' 'Derived calculations'   
6 4 'Structure model' 'Structure summary'      
# 
loop_
_pdbx_audit_revision_category.ordinal 
_pdbx_audit_revision_category.revision_ordinal 
_pdbx_audit_revision_category.data_content_type 
_pdbx_audit_revision_category.category 
1 2 'Structure model' citation                      
2 2 'Structure model' citation_author               
3 3 'Structure model' chem_comp_atom                
4 3 'Structure model' chem_comp_bond                
5 3 'Structure model' pdbx_initial_refinement_model 
6 4 'Structure model' pdbx_entry_details            
7 4 'Structure model' pdbx_validate_close_contact   
8 4 'Structure model' struct_conn                   
# 
loop_
_pdbx_audit_revision_item.ordinal 
_pdbx_audit_revision_item.revision_ordinal 
_pdbx_audit_revision_item.data_content_type 
_pdbx_audit_revision_item.item 
1 2 'Structure model' '_citation.journal_volume'                     
2 2 'Structure model' '_citation.page_first'                         
3 2 'Structure model' '_citation.page_last'                          
4 2 'Structure model' '_citation_author.identifier_ORCID'            
5 4 'Structure model' '_pdbx_entry_details.has_protein_modification' 
# 
_pdbx_database_status.status_code                     REL 
_pdbx_database_status.status_code_sf                  REL 
_pdbx_database_status.status_code_mr                  ? 
_pdbx_database_status.entry_id                        7Z9O 
_pdbx_database_status.recvd_initial_deposition_date   2022-03-21 
_pdbx_database_status.SG_entry                        N 
_pdbx_database_status.deposit_site                    PDBE 
_pdbx_database_status.process_site                    PDBE 
_pdbx_database_status.status_code_cs                  ? 
_pdbx_database_status.status_code_nmr_data            ? 
_pdbx_database_status.methods_development_category    ? 
_pdbx_database_status.pdb_format_compatible           N 
# 
_pdbx_contact_author.id                 2 
_pdbx_contact_author.email              martin.noble@ncl.ac.uk 
_pdbx_contact_author.name_first         Martin 
_pdbx_contact_author.name_last          Noble 
_pdbx_contact_author.name_mi            E.M 
_pdbx_contact_author.role               'principal investigator/group leader' 
_pdbx_contact_author.identifier_ORCID   0000-0002-3595-9807 
# 
loop_
_audit_author.name 
_audit_author.pdbx_ordinal 
_audit_author.identifier_ORCID 
'Turberville, S.' 1 0000-0003-2173-9675 
'Martin, M.P.'    2 0000-0003-4810-3351 
'Hope, I.'        3 ?                   
'Noble, M.E.M.'   4 0000-0002-3595-9807 
# 
_citation.abstract                  ? 
_citation.abstract_id_CAS           ? 
_citation.book_id_ISBN              ? 
_citation.book_publisher            ? 
_citation.book_publisher_city       ? 
_citation.book_title                ? 
_citation.coordinate_linkage        ? 
_citation.country                   US 
_citation.database_id_Medline       ? 
_citation.details                   ? 
_citation.id                        primary 
_citation.journal_abbrev            J.Med.Chem. 
_citation.journal_id_ASTM           JMCMAR 
_citation.journal_id_CSD            0151 
_citation.journal_id_ISSN           0022-2623 
_citation.journal_full              ? 
_citation.journal_issue             ? 
_citation.journal_volume            65 
_citation.language                  ? 
_citation.page_first                15416 
_citation.page_last                 15432 
_citation.title                     
;Mapping Ligand Interactions of Bromodomains BRD4 and ATAD2 with FragLites and PepLites&#9472;Halogenated Probes of Druglike and Peptide-like Molecular Interactions.
;
_citation.year                      2022 
_citation.database_id_CSD           ? 
_citation.pdbx_database_id_DOI      10.1021/acs.jmedchem.2c01357 
_citation.pdbx_database_id_PubMed   36367089 
_citation.pdbx_database_id_patent   ? 
_citation.unpublished_flag          ? 
# 
loop_
_citation_author.citation_id 
_citation_author.name 
_citation_author.ordinal 
_citation_author.identifier_ORCID 
primary 'Davison, G.'       1  ? 
primary 'Martin, M.P.'      2  ? 
primary 'Turberville, S.'   3  ? 
primary 'Dormen, S.'        4  ? 
primary 'Heath, R.'         5  ? 
primary 'Heptinstall, A.B.' 6  ? 
primary 'Lawson, M.'        7  ? 
primary 'Miller, D.C.'      8  ? 
primary 'Ng, Y.M.'          9  ? 
primary 'Sanderson, J.N.'   10 ? 
primary 'Hope, I.'          11 ? 
primary 'Wood, D.J.'        12 ? 
primary 'Cano, C.'          13 ? 
primary 'Endicott, J.A.'    14 ? 
primary 'Hardcastle, I.R.'  15 ? 
primary 'Noble, M.E.M.'     16 ? 
primary 'Waring, M.J.'      17 ? 
# 
loop_
_entity.id 
_entity.type 
_entity.src_method 
_entity.pdbx_description 
_entity.formula_weight 
_entity.pdbx_number_of_molecules 
_entity.pdbx_ec 
_entity.pdbx_mutation 
_entity.pdbx_fragment 
_entity.details 
1 polymer     man 'ATPase family AAA domain-containing protein 2'                        15453.514 1   3.6.1.3 ? bromodomain ? 
2 non-polymer syn 'SULFATE ION'                                                          96.063    2   ?       ? ?           ? 
3 non-polymer syn 'CHLORIDE ION'                                                         35.453    1   ?       ? ?           ? 
4 non-polymer syn 1,2-ETHANEDIOL                                                         62.068    4   ?       ? ?           ? 
5 non-polymer syn '(2~{S})-2-acetamido-3-(4-hydroxyphenyl)-~{N}-prop-2-enyl-propanamide' 262.304   1   ?       ? ?           ? 
6 water       nat water                                                                  18.015    180 ?       ? ?           ? 
# 
_entity_name_com.entity_id   1 
_entity_name_com.name        'AAA nuclear coregulator cancer-associated protein,ANCCA' 
# 
_entity_poly.entity_id                      1 
_entity_poly.type                           'polypeptide(L)' 
_entity_poly.nstd_linkage                   no 
_entity_poly.nstd_monomer                   no 
_entity_poly.pdbx_seq_one_letter_code       
;SMQEEDTFRELRIFLRNVTHRLAIDKRFRVFTKPVDPDEVPDYVTVIKQPMDLSSVISKIDLHKYLTVKDYLRDIDLICS
NALEYNPDRDPGDRLIRHRACALRDTAYAIIKEELDEDFEQLCEEIQESR
;
_entity_poly.pdbx_seq_one_letter_code_can   
;SMQEEDTFRELRIFLRNVTHRLAIDKRFRVFTKPVDPDEVPDYVTVIKQPMDLSSVISKIDLHKYLTVKDYLRDIDLICS
NALEYNPDRDPGDRLIRHRACALRDTAYAIIKEELDEDFEQLCEEIQESR
;
_entity_poly.pdbx_strand_id                 AAA 
_entity_poly.pdbx_target_identifier         ? 
# 
loop_
_pdbx_entity_nonpoly.entity_id 
_pdbx_entity_nonpoly.name 
_pdbx_entity_nonpoly.comp_id 
2 'SULFATE ION'                                                          SO4 
3 'CHLORIDE ION'                                                         CL  
4 1,2-ETHANEDIOL                                                         EDO 
5 '(2~{S})-2-acetamido-3-(4-hydroxyphenyl)-~{N}-prop-2-enyl-propanamide' IK3 
6 water                                                                  HOH 
# 
loop_
_entity_poly_seq.entity_id 
_entity_poly_seq.num 
_entity_poly_seq.mon_id 
_entity_poly_seq.hetero 
1 1   SER n 
1 2   MET n 
1 3   GLN n 
1 4   GLU n 
1 5   GLU n 
1 6   ASP n 
1 7   THR n 
1 8   PHE n 
1 9   ARG n 
1 10  GLU n 
1 11  LEU n 
1 12  ARG n 
1 13  ILE n 
1 14  PHE n 
1 15  LEU n 
1 16  ARG n 
1 17  ASN n 
1 18  VAL n 
1 19  THR n 
1 20  HIS n 
1 21  ARG n 
1 22  LEU n 
1 23  ALA n 
1 24  ILE n 
1 25  ASP n 
1 26  LYS n 
1 27  ARG n 
1 28  PHE n 
1 29  ARG n 
1 30  VAL n 
1 31  PHE n 
1 32  THR n 
1 33  LYS n 
1 34  PRO n 
1 35  VAL n 
1 36  ASP n 
1 37  PRO n 
1 38  ASP n 
1 39  GLU n 
1 40  VAL n 
1 41  PRO n 
1 42  ASP n 
1 43  TYR n 
1 44  VAL n 
1 45  THR n 
1 46  VAL n 
1 47  ILE n 
1 48  LYS n 
1 49  GLN n 
1 50  PRO n 
1 51  MET n 
1 52  ASP n 
1 53  LEU n 
1 54  SER n 
1 55  SER n 
1 56  VAL n 
1 57  ILE n 
1 58  SER n 
1 59  LYS n 
1 60  ILE n 
1 61  ASP n 
1 62  LEU n 
1 63  HIS n 
1 64  LYS n 
1 65  TYR n 
1 66  LEU n 
1 67  THR n 
1 68  VAL n 
1 69  LYS n 
1 70  ASP n 
1 71  TYR n 
1 72  LEU n 
1 73  ARG n 
1 74  ASP n 
1 75  ILE n 
1 76  ASP n 
1 77  LEU n 
1 78  ILE n 
1 79  CYS n 
1 80  SER n 
1 81  ASN n 
1 82  ALA n 
1 83  LEU n 
1 84  GLU n 
1 85  TYR n 
1 86  ASN n 
1 87  PRO n 
1 88  ASP n 
1 89  ARG n 
1 90  ASP n 
1 91  PRO n 
1 92  GLY n 
1 93  ASP n 
1 94  ARG n 
1 95  LEU n 
1 96  ILE n 
1 97  ARG n 
1 98  HIS n 
1 99  ARG n 
1 100 ALA n 
1 101 CYS n 
1 102 ALA n 
1 103 LEU n 
1 104 ARG n 
1 105 ASP n 
1 106 THR n 
1 107 ALA n 
1 108 TYR n 
1 109 ALA n 
1 110 ILE n 
1 111 ILE n 
1 112 LYS n 
1 113 GLU n 
1 114 GLU n 
1 115 LEU n 
1 116 ASP n 
1 117 GLU n 
1 118 ASP n 
1 119 PHE n 
1 120 GLU n 
1 121 GLN n 
1 122 LEU n 
1 123 CYS n 
1 124 GLU n 
1 125 GLU n 
1 126 ILE n 
1 127 GLN n 
1 128 GLU n 
1 129 SER n 
1 130 ARG n 
# 
_entity_src_gen.entity_id                          1 
_entity_src_gen.pdbx_src_id                        1 
_entity_src_gen.pdbx_alt_source_flag               sample 
_entity_src_gen.pdbx_seq_type                      'Biological sequence' 
_entity_src_gen.pdbx_beg_seq_num                   1 
_entity_src_gen.pdbx_end_seq_num                   130 
_entity_src_gen.gene_src_common_name               human 
_entity_src_gen.gene_src_genus                     ? 
_entity_src_gen.pdbx_gene_src_gene                 'ATAD2, L16, PRO2000' 
_entity_src_gen.gene_src_species                   ? 
_entity_src_gen.gene_src_strain                    ? 
_entity_src_gen.gene_src_tissue                    ? 
_entity_src_gen.gene_src_tissue_fraction           ? 
_entity_src_gen.gene_src_details                   ? 
_entity_src_gen.pdbx_gene_src_fragment             ? 
_entity_src_gen.pdbx_gene_src_scientific_name      'Homo sapiens' 
_entity_src_gen.pdbx_gene_src_ncbi_taxonomy_id     9606 
_entity_src_gen.pdbx_gene_src_variant              ? 
_entity_src_gen.pdbx_gene_src_cell_line            ? 
_entity_src_gen.pdbx_gene_src_atcc                 ? 
_entity_src_gen.pdbx_gene_src_organ                ? 
_entity_src_gen.pdbx_gene_src_organelle            ? 
_entity_src_gen.pdbx_gene_src_cell                 ? 
_entity_src_gen.pdbx_gene_src_cellular_location    ? 
_entity_src_gen.host_org_common_name               ? 
_entity_src_gen.pdbx_host_org_scientific_name      'Escherichia coli BL21(DE3)' 
_entity_src_gen.pdbx_host_org_ncbi_taxonomy_id     469008 
_entity_src_gen.host_org_genus                     ? 
_entity_src_gen.pdbx_host_org_gene                 ? 
_entity_src_gen.pdbx_host_org_organ                ? 
_entity_src_gen.host_org_species                   ? 
_entity_src_gen.pdbx_host_org_tissue               ? 
_entity_src_gen.pdbx_host_org_tissue_fraction      ? 
_entity_src_gen.pdbx_host_org_strain               ? 
_entity_src_gen.pdbx_host_org_variant              ? 
_entity_src_gen.pdbx_host_org_cell_line            ? 
_entity_src_gen.pdbx_host_org_atcc                 ? 
_entity_src_gen.pdbx_host_org_culture_collection   ? 
_entity_src_gen.pdbx_host_org_cell                 ? 
_entity_src_gen.pdbx_host_org_organelle            ? 
_entity_src_gen.pdbx_host_org_cellular_location    ? 
_entity_src_gen.pdbx_host_org_vector_type          ? 
_entity_src_gen.pdbx_host_org_vector               ? 
_entity_src_gen.host_org_details                   ? 
_entity_src_gen.expression_system_id               ? 
_entity_src_gen.plasmid_name                       pET28b 
_entity_src_gen.plasmid_details                    ? 
_entity_src_gen.pdbx_description                   ? 
# 
loop_
_chem_comp.id 
_chem_comp.type 
_chem_comp.mon_nstd_flag 
_chem_comp.name 
_chem_comp.pdbx_synonyms 
_chem_comp.formula 
_chem_comp.formula_weight 
ALA 'L-peptide linking' y ALANINE                                                                ?                 'C3 H7 N O2' 
89.093  
ARG 'L-peptide linking' y ARGININE                                                               ?                 
'C6 H15 N4 O2 1' 175.209 
ASN 'L-peptide linking' y ASPARAGINE                                                             ?                 'C4 H8 N2 O3' 
132.118 
ASP 'L-peptide linking' y 'ASPARTIC ACID'                                                        ?                 'C4 H7 N O4' 
133.103 
CL  non-polymer         . 'CHLORIDE ION'                                                         ?                 'Cl -1' 35.453  
CYS 'L-peptide linking' y CYSTEINE                                                               ?                 'C3 H7 N O2 S' 
121.158 
EDO non-polymer         . 1,2-ETHANEDIOL                                                         'ETHYLENE GLYCOL' 'C2 H6 O2' 
62.068  
GLN 'L-peptide linking' y GLUTAMINE                                                              ?                 'C5 H10 N2 O3' 
146.144 
GLU 'L-peptide linking' y 'GLUTAMIC ACID'                                                        ?                 'C5 H9 N O4' 
147.129 
GLY 'peptide linking'   y GLYCINE                                                                ?                 'C2 H5 N O2' 
75.067  
HIS 'L-peptide linking' y HISTIDINE                                                              ?                 
'C6 H10 N3 O2 1' 156.162 
HOH non-polymer         . WATER                                                                  ?                 'H2 O' 18.015  
IK3 non-polymer         . '(2~{S})-2-acetamido-3-(4-hydroxyphenyl)-~{N}-prop-2-enyl-propanamide' ?                 'C14 H18 N2 O3' 
262.304 
ILE 'L-peptide linking' y ISOLEUCINE                                                             ?                 'C6 H13 N O2' 
131.173 
LEU 'L-peptide linking' y LEUCINE                                                                ?                 'C6 H13 N O2' 
131.173 
LYS 'L-peptide linking' y LYSINE                                                                 ?                 
'C6 H15 N2 O2 1' 147.195 
MET 'L-peptide linking' y METHIONINE                                                             ?                 'C5 H11 N O2 S' 
149.211 
PHE 'L-peptide linking' y PHENYLALANINE                                                          ?                 'C9 H11 N O2' 
165.189 
PRO 'L-peptide linking' y PROLINE                                                                ?                 'C5 H9 N O2' 
115.130 
SER 'L-peptide linking' y SERINE                                                                 ?                 'C3 H7 N O3' 
105.093 
SO4 non-polymer         . 'SULFATE ION'                                                          ?                 'O4 S -2' 
96.063  
THR 'L-peptide linking' y THREONINE                                                              ?                 'C4 H9 N O3' 
119.119 
TYR 'L-peptide linking' y TYROSINE                                                               ?                 'C9 H11 N O3' 
181.189 
VAL 'L-peptide linking' y VALINE                                                                 ?                 'C5 H11 N O2' 
117.146 
# 
loop_
_pdbx_poly_seq_scheme.asym_id 
_pdbx_poly_seq_scheme.entity_id 
_pdbx_poly_seq_scheme.seq_id 
_pdbx_poly_seq_scheme.mon_id 
_pdbx_poly_seq_scheme.ndb_seq_num 
_pdbx_poly_seq_scheme.pdb_seq_num 
_pdbx_poly_seq_scheme.auth_seq_num 
_pdbx_poly_seq_scheme.pdb_mon_id 
_pdbx_poly_seq_scheme.auth_mon_id 
_pdbx_poly_seq_scheme.pdb_strand_id 
_pdbx_poly_seq_scheme.pdb_ins_code 
_pdbx_poly_seq_scheme.hetero 
A 1 1   SER 1   979  979  SER SER AAA . n 
A 1 2   MET 2   980  980  MET MET AAA . n 
A 1 3   GLN 3   981  981  GLN GLN AAA . n 
A 1 4   GLU 4   982  982  GLU GLU AAA . n 
A 1 5   GLU 5   983  983  GLU GLU AAA . n 
A 1 6   ASP 6   984  984  ASP ASP AAA . n 
A 1 7   THR 7   985  985  THR THR AAA . n 
A 1 8   PHE 8   986  986  PHE PHE AAA . n 
A 1 9   ARG 9   987  987  ARG ARG AAA . n 
A 1 10  GLU 10  988  988  GLU GLU AAA . n 
A 1 11  LEU 11  989  989  LEU LEU AAA . n 
A 1 12  ARG 12  990  990  ARG ARG AAA . n 
A 1 13  ILE 13  991  991  ILE ILE AAA . n 
A 1 14  PHE 14  992  992  PHE PHE AAA . n 
A 1 15  LEU 15  993  993  LEU LEU AAA . n 
A 1 16  ARG 16  994  994  ARG ARG AAA . n 
A 1 17  ASN 17  995  995  ASN ASN AAA . n 
A 1 18  VAL 18  996  996  VAL VAL AAA . n 
A 1 19  THR 19  997  997  THR THR AAA . n 
A 1 20  HIS 20  998  998  HIS HIS AAA . n 
A 1 21  ARG 21  999  999  ARG ARG AAA . n 
A 1 22  LEU 22  1000 1000 LEU LEU AAA . n 
A 1 23  ALA 23  1001 1001 ALA ALA AAA . n 
A 1 24  ILE 24  1002 1002 ILE ILE AAA . n 
A 1 25  ASP 25  1003 1003 ASP ASP AAA . n 
A 1 26  LYS 26  1004 1004 LYS LYS AAA . n 
A 1 27  ARG 27  1005 1005 ARG ARG AAA . n 
A 1 28  PHE 28  1006 1006 PHE PHE AAA . n 
A 1 29  ARG 29  1007 1007 ARG ARG AAA . n 
A 1 30  VAL 30  1008 1008 VAL VAL AAA . n 
A 1 31  PHE 31  1009 1009 PHE PHE AAA . n 
A 1 32  THR 32  1010 1010 THR THR AAA . n 
A 1 33  LYS 33  1011 1011 LYS LYS AAA . n 
A 1 34  PRO 34  1012 1012 PRO PRO AAA . n 
A 1 35  VAL 35  1013 1013 VAL VAL AAA . n 
A 1 36  ASP 36  1014 1014 ASP ASP AAA . n 
A 1 37  PRO 37  1015 1015 PRO PRO AAA . n 
A 1 38  ASP 38  1016 1016 ASP ASP AAA . n 
A 1 39  GLU 39  1017 1017 GLU GLU AAA . n 
A 1 40  VAL 40  1018 1018 VAL VAL AAA . n 
A 1 41  PRO 41  1019 1019 PRO PRO AAA . n 
A 1 42  ASP 42  1020 1020 ASP ASP AAA . n 
A 1 43  TYR 43  1021 1021 TYR TYR AAA . n 
A 1 44  VAL 44  1022 1022 VAL VAL AAA . n 
A 1 45  THR 45  1023 1023 THR THR AAA . n 
A 1 46  VAL 46  1024 1024 VAL VAL AAA . n 
A 1 47  ILE 47  1025 1025 ILE ILE AAA . n 
A 1 48  LYS 48  1026 1026 LYS LYS AAA . n 
A 1 49  GLN 49  1027 1027 GLN GLN AAA . n 
A 1 50  PRO 50  1028 1028 PRO PRO AAA . n 
A 1 51  MET 51  1029 1029 MET MET AAA . n 
A 1 52  ASP 52  1030 1030 ASP ASP AAA . n 
A 1 53  LEU 53  1031 1031 LEU LEU AAA . n 
A 1 54  SER 54  1032 1032 SER SER AAA . n 
A 1 55  SER 55  1033 1033 SER SER AAA . n 
A 1 56  VAL 56  1034 1034 VAL VAL AAA . n 
A 1 57  ILE 57  1035 1035 ILE ILE AAA . n 
A 1 58  SER 58  1036 1036 SER SER AAA . n 
A 1 59  LYS 59  1037 1037 LYS LYS AAA . n 
A 1 60  ILE 60  1038 1038 ILE ILE AAA . n 
A 1 61  ASP 61  1039 1039 ASP ASP AAA . n 
A 1 62  LEU 62  1040 1040 LEU LEU AAA . n 
A 1 63  HIS 63  1041 1041 HIS HIS AAA . n 
A 1 64  LYS 64  1042 1042 LYS LYS AAA . n 
A 1 65  TYR 65  1043 1043 TYR TYR AAA . n 
A 1 66  LEU 66  1044 1044 LEU LEU AAA . n 
A 1 67  THR 67  1045 1045 THR THR AAA . n 
A 1 68  VAL 68  1046 1046 VAL VAL AAA . n 
A 1 69  LYS 69  1047 1047 LYS LYS AAA . n 
A 1 70  ASP 70  1048 1048 ASP ASP AAA . n 
A 1 71  TYR 71  1049 1049 TYR TYR AAA . n 
A 1 72  LEU 72  1050 1050 LEU LEU AAA . n 
A 1 73  ARG 73  1051 1051 ARG ARG AAA . n 
A 1 74  ASP 74  1052 1052 ASP ASP AAA . n 
A 1 75  ILE 75  1053 1053 ILE ILE AAA . n 
A 1 76  ASP 76  1054 1054 ASP ASP AAA . n 
A 1 77  LEU 77  1055 1055 LEU LEU AAA . n 
A 1 78  ILE 78  1056 1056 ILE ILE AAA . n 
A 1 79  CYS 79  1057 1057 CYS CYS AAA . n 
A 1 80  SER 80  1058 1058 SER SER AAA . n 
A 1 81  ASN 81  1059 1059 ASN ASN AAA . n 
A 1 82  ALA 82  1060 1060 ALA ALA AAA . n 
A 1 83  LEU 83  1061 1061 LEU LEU AAA . n 
A 1 84  GLU 84  1062 1062 GLU GLU AAA . n 
A 1 85  TYR 85  1063 1063 TYR TYR AAA . n 
A 1 86  ASN 86  1064 1064 ASN ASN AAA . n 
A 1 87  PRO 87  1065 1065 PRO PRO AAA . n 
A 1 88  ASP 88  1066 1066 ASP ASP AAA . n 
A 1 89  ARG 89  1067 1067 ARG ARG AAA . n 
A 1 90  ASP 90  1068 1068 ASP ASP AAA . n 
A 1 91  PRO 91  1069 1069 PRO PRO AAA . n 
A 1 92  GLY 92  1070 1070 GLY GLY AAA . n 
A 1 93  ASP 93  1071 1071 ASP ASP AAA . n 
A 1 94  ARG 94  1072 1072 ARG ARG AAA . n 
A 1 95  LEU 95  1073 1073 LEU LEU AAA . n 
A 1 96  ILE 96  1074 1074 ILE ILE AAA . n 
A 1 97  ARG 97  1075 1075 ARG ARG AAA . n 
A 1 98  HIS 98  1076 1076 HIS HIS AAA . n 
A 1 99  ARG 99  1077 1077 ARG ARG AAA . n 
A 1 100 ALA 100 1078 1078 ALA ALA AAA . n 
A 1 101 CYS 101 1079 1079 CYS CYS AAA . n 
A 1 102 ALA 102 1080 1080 ALA ALA AAA . n 
A 1 103 LEU 103 1081 1081 LEU LEU AAA . n 
A 1 104 ARG 104 1082 1082 ARG ARG AAA . n 
A 1 105 ASP 105 1083 1083 ASP ASP AAA . n 
A 1 106 THR 106 1084 1084 THR THR AAA . n 
A 1 107 ALA 107 1085 1085 ALA ALA AAA . n 
A 1 108 TYR 108 1086 1086 TYR TYR AAA . n 
A 1 109 ALA 109 1087 1087 ALA ALA AAA . n 
A 1 110 ILE 110 1088 1088 ILE ILE AAA . n 
A 1 111 ILE 111 1089 1089 ILE ILE AAA . n 
A 1 112 LYS 112 1090 1090 LYS LYS AAA . n 
A 1 113 GLU 113 1091 1091 GLU GLU AAA . n 
A 1 114 GLU 114 1092 1092 GLU GLU AAA . n 
A 1 115 LEU 115 1093 1093 LEU LEU AAA . n 
A 1 116 ASP 116 1094 1094 ASP ASP AAA . n 
A 1 117 GLU 117 1095 1095 GLU GLU AAA . n 
A 1 118 ASP 118 1096 1096 ASP ASP AAA . n 
A 1 119 PHE 119 1097 1097 PHE PHE AAA . n 
A 1 120 GLU 120 1098 1098 GLU GLU AAA . n 
A 1 121 GLN 121 1099 1099 GLN GLN AAA . n 
A 1 122 LEU 122 1100 1100 LEU LEU AAA . n 
A 1 123 CYS 123 1101 1101 CYS CYS AAA . n 
A 1 124 GLU 124 1102 1102 GLU GLU AAA . n 
A 1 125 GLU 125 1103 1103 GLU GLU AAA . n 
A 1 126 ILE 126 1104 1104 ILE ILE AAA . n 
A 1 127 GLN 127 1105 1105 GLN GLN AAA . n 
A 1 128 GLU 128 1106 1106 GLU GLU AAA . n 
A 1 129 SER 129 1107 1107 SER SER AAA . n 
A 1 130 ARG 130 1108 1108 ARG ARG AAA . n 
# 
_pdbx_entity_instance_feature.ordinal        1 
_pdbx_entity_instance_feature.comp_id        IK3 
_pdbx_entity_instance_feature.asym_id        ? 
_pdbx_entity_instance_feature.seq_num        ? 
_pdbx_entity_instance_feature.auth_comp_id   IK3 
_pdbx_entity_instance_feature.auth_asym_id   ? 
_pdbx_entity_instance_feature.auth_seq_num   ? 
_pdbx_entity_instance_feature.feature_type   'SUBJECT OF INVESTIGATION' 
_pdbx_entity_instance_feature.details        ? 
# 
loop_
_pdbx_nonpoly_scheme.asym_id 
_pdbx_nonpoly_scheme.entity_id 
_pdbx_nonpoly_scheme.mon_id 
_pdbx_nonpoly_scheme.ndb_seq_num 
_pdbx_nonpoly_scheme.pdb_seq_num 
_pdbx_nonpoly_scheme.auth_seq_num 
_pdbx_nonpoly_scheme.pdb_mon_id 
_pdbx_nonpoly_scheme.auth_mon_id 
_pdbx_nonpoly_scheme.pdb_strand_id 
_pdbx_nonpoly_scheme.pdb_ins_code 
B 2 SO4 1   1201 1    SO4 SO4 AAA . 
C 3 CL  1   1202 1109 CL  CL  AAA . 
D 4 EDO 1   1203 1    EDO EDO AAA . 
E 4 EDO 1   1204 2    EDO EDO AAA . 
F 4 EDO 1   1205 3    EDO EDO AAA . 
G 4 EDO 1   1206 4    EDO EDO AAA . 
H 2 SO4 1   1207 1    SO4 SO4 AAA . 
I 5 IK3 1   1208 1203 IK3 DRG AAA . 
J 6 HOH 1   1301 121  HOH HOH AAA . 
J 6 HOH 2   1302 164  HOH HOH AAA . 
J 6 HOH 3   1303 213  HOH HOH AAA . 
J 6 HOH 4   1304 185  HOH HOH AAA . 
J 6 HOH 5   1305 166  HOH HOH AAA . 
J 6 HOH 6   1306 36   HOH HOH AAA . 
J 6 HOH 7   1307 178  HOH HOH AAA . 
J 6 HOH 8   1308 158  HOH HOH AAA . 
J 6 HOH 9   1309 207  HOH HOH AAA . 
J 6 HOH 10  1310 124  HOH HOH AAA . 
J 6 HOH 11  1311 149  HOH HOH AAA . 
J 6 HOH 12  1312 65   HOH HOH AAA . 
J 6 HOH 13  1313 57   HOH HOH AAA . 
J 6 HOH 14  1314 49   HOH HOH AAA . 
J 6 HOH 15  1315 47   HOH HOH AAA . 
J 6 HOH 16  1316 159  HOH HOH AAA . 
J 6 HOH 17  1317 23   HOH HOH AAA . 
J 6 HOH 18  1318 238  HOH HOH AAA . 
J 6 HOH 19  1319 104  HOH HOH AAA . 
J 6 HOH 20  1320 55   HOH HOH AAA . 
J 6 HOH 21  1321 150  HOH HOH AAA . 
J 6 HOH 22  1322 42   HOH HOH AAA . 
J 6 HOH 23  1323 95   HOH HOH AAA . 
J 6 HOH 24  1324 126  HOH HOH AAA . 
J 6 HOH 25  1325 54   HOH HOH AAA . 
J 6 HOH 26  1326 114  HOH HOH AAA . 
J 6 HOH 27  1327 17   HOH HOH AAA . 
J 6 HOH 28  1328 15   HOH HOH AAA . 
J 6 HOH 29  1329 226  HOH HOH AAA . 
J 6 HOH 30  1330 100  HOH HOH AAA . 
J 6 HOH 31  1331 18   HOH HOH AAA . 
J 6 HOH 32  1332 176  HOH HOH AAA . 
J 6 HOH 33  1333 24   HOH HOH AAA . 
J 6 HOH 34  1334 175  HOH HOH AAA . 
J 6 HOH 35  1335 37   HOH HOH AAA . 
J 6 HOH 36  1336 240  HOH HOH AAA . 
J 6 HOH 37  1337 73   HOH HOH AAA . 
J 6 HOH 38  1338 235  HOH HOH AAA . 
J 6 HOH 39  1339 51   HOH HOH AAA . 
J 6 HOH 40  1340 151  HOH HOH AAA . 
J 6 HOH 41  1341 72   HOH HOH AAA . 
J 6 HOH 42  1342 8    HOH HOH AAA . 
J 6 HOH 43  1343 127  HOH HOH AAA . 
J 6 HOH 44  1344 128  HOH HOH AAA . 
J 6 HOH 45  1345 1    HOH HOH AAA . 
J 6 HOH 46  1346 22   HOH HOH AAA . 
J 6 HOH 47  1347 147  HOH HOH AAA . 
J 6 HOH 48  1348 21   HOH HOH AAA . 
J 6 HOH 49  1349 234  HOH HOH AAA . 
J 6 HOH 50  1350 13   HOH HOH AAA . 
J 6 HOH 51  1351 71   HOH HOH AAA . 
J 6 HOH 52  1352 10   HOH HOH AAA . 
J 6 HOH 53  1353 12   HOH HOH AAA . 
J 6 HOH 54  1354 77   HOH HOH AAA . 
J 6 HOH 55  1355 173  HOH HOH AAA . 
J 6 HOH 56  1356 102  HOH HOH AAA . 
J 6 HOH 57  1357 19   HOH HOH AAA . 
J 6 HOH 58  1358 11   HOH HOH AAA . 
J 6 HOH 59  1359 145  HOH HOH AAA . 
J 6 HOH 60  1360 69   HOH HOH AAA . 
J 6 HOH 61  1361 107  HOH HOH AAA . 
J 6 HOH 62  1362 83   HOH HOH AAA . 
J 6 HOH 63  1363 61   HOH HOH AAA . 
J 6 HOH 64  1364 98   HOH HOH AAA . 
J 6 HOH 65  1365 197  HOH HOH AAA . 
J 6 HOH 66  1366 2    HOH HOH AAA . 
J 6 HOH 67  1367 14   HOH HOH AAA . 
J 6 HOH 68  1368 33   HOH HOH AAA . 
J 6 HOH 69  1369 162  HOH HOH AAA . 
J 6 HOH 70  1370 182  HOH HOH AAA . 
J 6 HOH 71  1371 87   HOH HOH AAA . 
J 6 HOH 72  1372 129  HOH HOH AAA . 
J 6 HOH 73  1373 26   HOH HOH AAA . 
J 6 HOH 74  1374 120  HOH HOH AAA . 
J 6 HOH 75  1375 193  HOH HOH AAA . 
J 6 HOH 76  1376 113  HOH HOH AAA . 
J 6 HOH 77  1377 170  HOH HOH AAA . 
J 6 HOH 78  1378 29   HOH HOH AAA . 
J 6 HOH 79  1379 223  HOH HOH AAA . 
J 6 HOH 80  1380 58   HOH HOH AAA . 
J 6 HOH 81  1381 110  HOH HOH AAA . 
J 6 HOH 82  1382 35   HOH HOH AAA . 
J 6 HOH 83  1383 169  HOH HOH AAA . 
J 6 HOH 84  1384 59   HOH HOH AAA . 
J 6 HOH 85  1385 79   HOH HOH AAA . 
J 6 HOH 86  1386 40   HOH HOH AAA . 
J 6 HOH 87  1387 117  HOH HOH AAA . 
J 6 HOH 88  1388 76   HOH HOH AAA . 
J 6 HOH 89  1389 53   HOH HOH AAA . 
J 6 HOH 90  1390 41   HOH HOH AAA . 
J 6 HOH 91  1391 160  HOH HOH AAA . 
J 6 HOH 92  1392 48   HOH HOH AAA . 
J 6 HOH 93  1393 4    HOH HOH AAA . 
J 6 HOH 94  1394 93   HOH HOH AAA . 
J 6 HOH 95  1395 97   HOH HOH AAA . 
J 6 HOH 96  1396 3    HOH HOH AAA . 
J 6 HOH 97  1397 50   HOH HOH AAA . 
J 6 HOH 98  1398 6    HOH HOH AAA . 
J 6 HOH 99  1399 43   HOH HOH AAA . 
J 6 HOH 100 1400 236  HOH HOH AAA . 
J 6 HOH 101 1401 210  HOH HOH AAA . 
J 6 HOH 102 1402 237  HOH HOH AAA . 
J 6 HOH 103 1403 199  HOH HOH AAA . 
J 6 HOH 104 1404 20   HOH HOH AAA . 
J 6 HOH 105 1405 84   HOH HOH AAA . 
J 6 HOH 106 1406 64   HOH HOH AAA . 
J 6 HOH 107 1407 66   HOH HOH AAA . 
J 6 HOH 108 1408 188  HOH HOH AAA . 
J 6 HOH 109 1409 133  HOH HOH AAA . 
J 6 HOH 110 1410 25   HOH HOH AAA . 
J 6 HOH 111 1411 9    HOH HOH AAA . 
J 6 HOH 112 1412 222  HOH HOH AAA . 
J 6 HOH 113 1413 108  HOH HOH AAA . 
J 6 HOH 114 1414 211  HOH HOH AAA . 
J 6 HOH 115 1415 68   HOH HOH AAA . 
J 6 HOH 116 1416 106  HOH HOH AAA . 
J 6 HOH 117 1417 225  HOH HOH AAA . 
J 6 HOH 118 1418 105  HOH HOH AAA . 
J 6 HOH 119 1419 239  HOH HOH AAA . 
J 6 HOH 120 1420 224  HOH HOH AAA . 
J 6 HOH 121 1421 74   HOH HOH AAA . 
J 6 HOH 122 1422 132  HOH HOH AAA . 
J 6 HOH 123 1423 86   HOH HOH AAA . 
J 6 HOH 124 1424 88   HOH HOH AAA . 
J 6 HOH 125 1425 201  HOH HOH AAA . 
J 6 HOH 126 1426 172  HOH HOH AAA . 
J 6 HOH 127 1427 156  HOH HOH AAA . 
J 6 HOH 128 1428 135  HOH HOH AAA . 
J 6 HOH 129 1429 155  HOH HOH AAA . 
J 6 HOH 130 1430 174  HOH HOH AAA . 
J 6 HOH 131 1431 163  HOH HOH AAA . 
J 6 HOH 132 1432 89   HOH HOH AAA . 
J 6 HOH 133 1433 136  HOH HOH AAA . 
J 6 HOH 134 1434 228  HOH HOH AAA . 
J 6 HOH 135 1435 28   HOH HOH AAA . 
J 6 HOH 136 1436 204  HOH HOH AAA . 
J 6 HOH 137 1437 171  HOH HOH AAA . 
J 6 HOH 138 1438 81   HOH HOH AAA . 
J 6 HOH 139 1439 16   HOH HOH AAA . 
J 6 HOH 140 1440 227  HOH HOH AAA . 
J 6 HOH 141 1441 119  HOH HOH AAA . 
J 6 HOH 142 1442 82   HOH HOH AAA . 
J 6 HOH 143 1443 168  HOH HOH AAA . 
J 6 HOH 144 1444 217  HOH HOH AAA . 
J 6 HOH 145 1445 198  HOH HOH AAA . 
J 6 HOH 146 1446 27   HOH HOH AAA . 
J 6 HOH 147 1447 191  HOH HOH AAA . 
J 6 HOH 148 1448 7    HOH HOH AAA . 
J 6 HOH 149 1449 187  HOH HOH AAA . 
J 6 HOH 150 1450 63   HOH HOH AAA . 
J 6 HOH 151 1451 30   HOH HOH AAA . 
J 6 HOH 152 1452 78   HOH HOH AAA . 
J 6 HOH 153 1453 180  HOH HOH AAA . 
J 6 HOH 154 1454 186  HOH HOH AAA . 
J 6 HOH 155 1455 56   HOH HOH AAA . 
J 6 HOH 156 1456 141  HOH HOH AAA . 
J 6 HOH 157 1457 99   HOH HOH AAA . 
J 6 HOH 158 1458 62   HOH HOH AAA . 
J 6 HOH 159 1459 165  HOH HOH AAA . 
J 6 HOH 160 1460 5    HOH HOH AAA . 
J 6 HOH 161 1461 139  HOH HOH AAA . 
J 6 HOH 162 1462 167  HOH HOH AAA . 
J 6 HOH 163 1463 177  HOH HOH AAA . 
J 6 HOH 164 1464 233  HOH HOH AAA . 
J 6 HOH 165 1465 192  HOH HOH AAA . 
J 6 HOH 166 1466 143  HOH HOH AAA . 
J 6 HOH 167 1467 189  HOH HOH AAA . 
J 6 HOH 168 1468 60   HOH HOH AAA . 
J 6 HOH 169 1469 80   HOH HOH AAA . 
J 6 HOH 170 1470 46   HOH HOH AAA . 
J 6 HOH 171 1471 45   HOH HOH AAA . 
J 6 HOH 172 1472 205  HOH HOH AAA . 
J 6 HOH 173 1473 148  HOH HOH AAA . 
J 6 HOH 174 1474 44   HOH HOH AAA . 
J 6 HOH 175 1475 70   HOH HOH AAA . 
J 6 HOH 176 1476 232  HOH HOH AAA . 
J 6 HOH 177 1477 138  HOH HOH AAA . 
J 6 HOH 178 1478 92   HOH HOH AAA . 
J 6 HOH 179 1479 154  HOH HOH AAA . 
J 6 HOH 180 1480 116  HOH HOH AAA . 
# 
loop_
_software.citation_id 
_software.classification 
_software.compiler_name 
_software.compiler_version 
_software.contact_author 
_software.contact_author_email 
_software.date 
_software.description 
_software.dependencies 
_software.hardware 
_software.language 
_software.location 
_software.mods 
_software.name 
_software.os 
_software.os_version 
_software.type 
_software.version 
_software.pdbx_ordinal 
? refinement       ? ? ? ? ? ? ? ? ? ? ? REFMAC  ? ? ? 5.8.0258 1 
? refinement       ? ? ? ? ? ? ? ? ? ? ? REFMAC  ? ? ? 5.8.0258 2 
? 'data scaling'   ? ? ? ? ? ? ? ? ? ? ? Aimless ? ? ? 0.7.4    3 
? 'data reduction' ? ? ? ? ? ? ? ? ? ? ? xia2    ? ? ? .        4 
? phasing          ? ? ? ? ? ? ? ? ? ? ? PHASER  ? ? ? .        5 
# 
_cell.angle_alpha                  90.000 
_cell.angle_alpha_esd              ? 
_cell.angle_beta                   90.000 
_cell.angle_beta_esd               ? 
_cell.angle_gamma                  120.000 
_cell.angle_gamma_esd              ? 
_cell.entry_id                     7Z9O 
_cell.details                      ? 
_cell.formula_units_Z              ? 
_cell.length_a                     79.297 
_cell.length_a_esd                 ? 
_cell.length_b                     79.297 
_cell.length_b_esd                 ? 
_cell.length_c                     138.390 
_cell.length_c_esd                 ? 
_cell.volume                       ? 
_cell.volume_esd                   ? 
_cell.Z_PDB                        12 
_cell.reciprocal_angle_alpha       ? 
_cell.reciprocal_angle_beta        ? 
_cell.reciprocal_angle_gamma       ? 
_cell.reciprocal_angle_alpha_esd   ? 
_cell.reciprocal_angle_beta_esd    ? 
_cell.reciprocal_angle_gamma_esd   ? 
_cell.reciprocal_length_a          ? 
_cell.reciprocal_length_b          ? 
_cell.reciprocal_length_c          ? 
_cell.reciprocal_length_a_esd      ? 
_cell.reciprocal_length_b_esd      ? 
_cell.reciprocal_length_c_esd      ? 
_cell.pdbx_unique_axis             ? 
# 
_symmetry.entry_id                         7Z9O 
_symmetry.cell_setting                     ? 
_symmetry.Int_Tables_number                179 
_symmetry.space_group_name_Hall            ? 
_symmetry.space_group_name_H-M             'P 65 2 2' 
_symmetry.pdbx_full_space_group_name_H-M   ? 
# 
_exptl.absorpt_coefficient_mu     ? 
_exptl.absorpt_correction_T_max   ? 
_exptl.absorpt_correction_T_min   ? 
_exptl.absorpt_correction_type    ? 
_exptl.absorpt_process_details    ? 
_exptl.entry_id                   7Z9O 
_exptl.crystals_number            1 
_exptl.details                    ? 
_exptl.method                     'X-RAY DIFFRACTION' 
_exptl.method_details             ? 
# 
_exptl_crystal.colour                      ? 
_exptl_crystal.density_diffrn              ? 
_exptl_crystal.density_Matthews            ? 
_exptl_crystal.density_method              ? 
_exptl_crystal.density_percent_sol         ? 
_exptl_crystal.description                 ? 
_exptl_crystal.F_000                       ? 
_exptl_crystal.id                          1 
_exptl_crystal.preparation                 ? 
_exptl_crystal.size_max                    ? 
_exptl_crystal.size_mid                    ? 
_exptl_crystal.size_min                    ? 
_exptl_crystal.size_rad                    ? 
_exptl_crystal.colour_lustre               ? 
_exptl_crystal.colour_modifier             ? 
_exptl_crystal.colour_primary              ? 
_exptl_crystal.density_meas                ? 
_exptl_crystal.density_meas_esd            ? 
_exptl_crystal.density_meas_gt             ? 
_exptl_crystal.density_meas_lt             ? 
_exptl_crystal.density_meas_temp           ? 
_exptl_crystal.density_meas_temp_esd       ? 
_exptl_crystal.density_meas_temp_gt        ? 
_exptl_crystal.density_meas_temp_lt        ? 
_exptl_crystal.pdbx_crystal_image_url      ? 
_exptl_crystal.pdbx_crystal_image_format   ? 
_exptl_crystal.pdbx_mosaicity              ? 
_exptl_crystal.pdbx_mosaicity_esd          ? 
# 
_exptl_crystal_grow.apparatus       ? 
_exptl_crystal_grow.atmosphere      ? 
_exptl_crystal_grow.crystal_id      1 
_exptl_crystal_grow.details         ? 
_exptl_crystal_grow.method          'VAPOR DIFFUSION, HANGING DROP' 
_exptl_crystal_grow.method_ref      ? 
_exptl_crystal_grow.pH              6.5 
_exptl_crystal_grow.pressure        ? 
_exptl_crystal_grow.pressure_esd    ? 
_exptl_crystal_grow.seeding         ? 
_exptl_crystal_grow.seeding_ref     ? 
_exptl_crystal_grow.temp            293 
_exptl_crystal_grow.temp_details    ? 
_exptl_crystal_grow.temp_esd        ? 
_exptl_crystal_grow.time            ? 
_exptl_crystal_grow.pdbx_details    '0.1M BisTris pH 6-7, 1.7-2.1M Ammonium sulphate' 
_exptl_crystal_grow.pdbx_pH_range   6-7 
# 
_diffrn.ambient_environment              ? 
_diffrn.ambient_temp                     100 
_diffrn.ambient_temp_details             ? 
_diffrn.ambient_temp_esd                 ? 
_diffrn.crystal_id                       1 
_diffrn.crystal_support                  ? 
_diffrn.crystal_treatment                ? 
_diffrn.details                          ? 
_diffrn.id                               1 
_diffrn.ambient_pressure                 ? 
_diffrn.ambient_pressure_esd             ? 
_diffrn.ambient_pressure_gt              ? 
_diffrn.ambient_pressure_lt              ? 
_diffrn.ambient_temp_gt                  ? 
_diffrn.ambient_temp_lt                  ? 
_diffrn.pdbx_serial_crystal_experiment   N 
# 
_diffrn_detector.details                      ? 
_diffrn_detector.detector                     PIXEL 
_diffrn_detector.diffrn_id                    1 
_diffrn_detector.type                         'DECTRIS PILATUS 6M' 
_diffrn_detector.area_resol_mean              ? 
_diffrn_detector.dtime                        ? 
_diffrn_detector.pdbx_frames_total            ? 
_diffrn_detector.pdbx_collection_time_total   ? 
_diffrn_detector.pdbx_collection_date         2019-07-28 
_diffrn_detector.pdbx_frequency               ? 
# 
_diffrn_radiation.collimation                      ? 
_diffrn_radiation.diffrn_id                        1 
_diffrn_radiation.filter_edge                      ? 
_diffrn_radiation.inhomogeneity                    ? 
_diffrn_radiation.monochromator                    ? 
_diffrn_radiation.polarisn_norm                    ? 
_diffrn_radiation.polarisn_ratio                   ? 
_diffrn_radiation.probe                            ? 
_diffrn_radiation.type                             ? 
_diffrn_radiation.xray_symbol                      ? 
_diffrn_radiation.wavelength_id                    1 
_diffrn_radiation.pdbx_monochromatic_or_laue_m_l   M 
_diffrn_radiation.pdbx_wavelength_list             ? 
_diffrn_radiation.pdbx_wavelength                  ? 
_diffrn_radiation.pdbx_diffrn_protocol             'SINGLE WAVELENGTH' 
_diffrn_radiation.pdbx_analyzer                    ? 
_diffrn_radiation.pdbx_scattering_type             x-ray 
# 
_diffrn_radiation_wavelength.id           1 
_diffrn_radiation_wavelength.wavelength   0.9762 
_diffrn_radiation_wavelength.wt           1.0 
# 
_diffrn_source.current                     ? 
_diffrn_source.details                     ? 
_diffrn_source.diffrn_id                   1 
_diffrn_source.power                       ? 
_diffrn_source.size                        ? 
_diffrn_source.source                      SYNCHROTRON 
_diffrn_source.target                      ? 
_diffrn_source.type                        'DIAMOND BEAMLINE I04-1' 
_diffrn_source.voltage                     ? 
_diffrn_source.take-off_angle              ? 
_diffrn_source.pdbx_wavelength_list        0.9762 
_diffrn_source.pdbx_wavelength             ? 
_diffrn_source.pdbx_synchrotron_beamline   I04-1 
_diffrn_source.pdbx_synchrotron_site       Diamond 
# 
_reflns.B_iso_Wilson_estimate                          ? 
_reflns.entry_id                                       7Z9O 
_reflns.data_reduction_details                         ? 
_reflns.data_reduction_method                          ? 
_reflns.d_resolution_high                              1.47 
_reflns.d_resolution_low                               61.52 
_reflns.details                                        ? 
_reflns.limit_h_max                                    ? 
_reflns.limit_h_min                                    ? 
_reflns.limit_k_max                                    ? 
_reflns.limit_k_min                                    ? 
_reflns.limit_l_max                                    ? 
_reflns.limit_l_min                                    ? 
_reflns.number_all                                     ? 
_reflns.number_obs                                     44189 
_reflns.observed_criterion                             ? 
_reflns.observed_criterion_F_max                       ? 
_reflns.observed_criterion_F_min                       ? 
_reflns.observed_criterion_I_max                       ? 
_reflns.observed_criterion_I_min                       ? 
_reflns.observed_criterion_sigma_F                     ? 
_reflns.observed_criterion_sigma_I                     ? 
_reflns.percent_possible_obs                           99.4 
_reflns.R_free_details                                 ? 
_reflns.Rmerge_F_all                                   ? 
_reflns.Rmerge_F_obs                                   ? 
_reflns.Friedel_coverage                               ? 
_reflns.number_gt                                      ? 
_reflns.threshold_expression                           ? 
_reflns.pdbx_redundancy                                20.5 
_reflns.pdbx_Rmerge_I_obs                              0.088 
_reflns.pdbx_Rmerge_I_all                              ? 
_reflns.pdbx_Rsym_value                                ? 
_reflns.pdbx_netI_over_av_sigmaI                       ? 
_reflns.pdbx_netI_over_sigmaI                          16.8 
_reflns.pdbx_res_netI_over_av_sigmaI_2                 ? 
_reflns.pdbx_res_netI_over_sigmaI_2                    ? 
_reflns.pdbx_chi_squared                               ? 
_reflns.pdbx_scaling_rejects                           ? 
_reflns.pdbx_d_res_high_opt                            ? 
_reflns.pdbx_d_res_low_opt                             ? 
_reflns.pdbx_d_res_opt_method                          ? 
_reflns.phase_calculation_details                      ? 
_reflns.pdbx_Rrim_I_all                                0.093 
_reflns.pdbx_Rpim_I_all                                0.027 
_reflns.pdbx_d_opt                                     ? 
_reflns.pdbx_number_measured_all                       ? 
_reflns.pdbx_diffrn_id                                 1 
_reflns.pdbx_ordinal                                   1 
_reflns.pdbx_CC_half                                   0.999 
_reflns.pdbx_CC_star                                   ? 
_reflns.pdbx_R_split                                   ? 
_reflns.pdbx_aniso_diffraction_limit_axis_1_ortho[1]   ? 
_reflns.pdbx_aniso_diffraction_limit_axis_1_ortho[2]   ? 
_reflns.pdbx_aniso_diffraction_limit_axis_1_ortho[3]   ? 
_reflns.pdbx_aniso_diffraction_limit_axis_2_ortho[1]   ? 
_reflns.pdbx_aniso_diffraction_limit_axis_2_ortho[2]   ? 
_reflns.pdbx_aniso_diffraction_limit_axis_2_ortho[3]   ? 
_reflns.pdbx_aniso_diffraction_limit_axis_3_ortho[1]   ? 
_reflns.pdbx_aniso_diffraction_limit_axis_3_ortho[2]   ? 
_reflns.pdbx_aniso_diffraction_limit_axis_3_ortho[3]   ? 
_reflns.pdbx_aniso_diffraction_limit_1                 ? 
_reflns.pdbx_aniso_diffraction_limit_2                 ? 
_reflns.pdbx_aniso_diffraction_limit_3                 ? 
_reflns.pdbx_aniso_B_tensor_eigenvector_1_ortho[1]     ? 
_reflns.pdbx_aniso_B_tensor_eigenvector_1_ortho[2]     ? 
_reflns.pdbx_aniso_B_tensor_eigenvector_1_ortho[3]     ? 
_reflns.pdbx_aniso_B_tensor_eigenvector_2_ortho[1]     ? 
_reflns.pdbx_aniso_B_tensor_eigenvector_2_ortho[2]     ? 
_reflns.pdbx_aniso_B_tensor_eigenvector_2_ortho[3]     ? 
_reflns.pdbx_aniso_B_tensor_eigenvector_3_ortho[1]     ? 
_reflns.pdbx_aniso_B_tensor_eigenvector_3_ortho[2]     ? 
_reflns.pdbx_aniso_B_tensor_eigenvector_3_ortho[3]     ? 
_reflns.pdbx_aniso_B_tensor_eigenvalue_1               ? 
_reflns.pdbx_aniso_B_tensor_eigenvalue_2               ? 
_reflns.pdbx_aniso_B_tensor_eigenvalue_3               ? 
_reflns.pdbx_orthogonalization_convention              ? 
_reflns.pdbx_percent_possible_ellipsoidal              ? 
_reflns.pdbx_percent_possible_spherical                ? 
_reflns.pdbx_percent_possible_ellipsoidal_anomalous    ? 
_reflns.pdbx_percent_possible_spherical_anomalous      ? 
_reflns.pdbx_redundancy_anomalous                      ? 
_reflns.pdbx_CC_half_anomalous                         ? 
_reflns.pdbx_absDiff_over_sigma_anomalous              ? 
_reflns.pdbx_percent_possible_anomalous                ? 
_reflns.pdbx_observed_signal_threshold                 ? 
_reflns.pdbx_signal_type                               ? 
_reflns.pdbx_signal_details                            ? 
_reflns.pdbx_signal_software_id                        ? 
# 
loop_
_reflns_shell.d_res_high 
_reflns_shell.d_res_low 
_reflns_shell.meanI_over_sigI_all 
_reflns_shell.meanI_over_sigI_obs 
_reflns_shell.number_measured_all 
_reflns_shell.number_measured_obs 
_reflns_shell.number_possible 
_reflns_shell.number_unique_all 
_reflns_shell.number_unique_obs 
_reflns_shell.percent_possible_all 
_reflns_shell.percent_possible_obs 
_reflns_shell.Rmerge_F_all 
_reflns_shell.Rmerge_F_obs 
_reflns_shell.Rmerge_I_all 
_reflns_shell.Rmerge_I_obs 
_reflns_shell.meanI_over_sigI_gt 
_reflns_shell.meanI_over_uI_all 
_reflns_shell.meanI_over_uI_gt 
_reflns_shell.number_measured_gt 
_reflns_shell.number_unique_gt 
_reflns_shell.percent_possible_gt 
_reflns_shell.Rmerge_F_gt 
_reflns_shell.Rmerge_I_gt 
_reflns_shell.pdbx_redundancy 
_reflns_shell.pdbx_Rsym_value 
_reflns_shell.pdbx_chi_squared 
_reflns_shell.pdbx_netI_over_sigmaI_all 
_reflns_shell.pdbx_netI_over_sigmaI_obs 
_reflns_shell.pdbx_Rrim_I_all 
_reflns_shell.pdbx_Rpim_I_all 
_reflns_shell.pdbx_rejects 
_reflns_shell.pdbx_ordinal 
_reflns_shell.pdbx_diffrn_id 
_reflns_shell.pdbx_CC_half 
_reflns_shell.pdbx_CC_star 
_reflns_shell.pdbx_R_split 
_reflns_shell.pdbx_percent_possible_ellipsoidal 
_reflns_shell.pdbx_percent_possible_spherical 
_reflns_shell.pdbx_percent_possible_ellipsoidal_anomalous 
_reflns_shell.pdbx_percent_possible_spherical_anomalous 
_reflns_shell.pdbx_redundancy_anomalous 
_reflns_shell.pdbx_CC_half_anomalous 
_reflns_shell.pdbx_absDiff_over_sigma_anomalous 
_reflns_shell.pdbx_percent_possible_anomalous 
8.05 61.52 ? ? ? ? ? ? 341  ? ? ? ? ? 0.046 ? ? ? ? ? ? ? ? 15.5 ? ? ? ? 0.049 0.015 ? 1 1 0.999 ? ? ? ? ? ? ? ? ? ? 
1.47 1.50  ? ? ? ? ? ? 2048 ? ? ? ? ? 4.861 ? ? ? ? ? ? ? ? 13.4 ? ? ? ? 5.255 1.903 ? 2 1 0.254 ? ? ? ? ? ? ? ? ? ? 
# 
_refine.aniso_B[1][1]                            0.124 
_refine.aniso_B[1][2]                            0.062 
_refine.aniso_B[1][3]                            0.000 
_refine.aniso_B[2][2]                            0.124 
_refine.aniso_B[2][3]                            0.000 
_refine.aniso_B[3][3]                            -0.401 
_refine.B_iso_max                                ? 
_refine.B_iso_mean                               35.912 
_refine.B_iso_min                                ? 
_refine.correlation_coeff_Fo_to_Fc               0.965 
_refine.correlation_coeff_Fo_to_Fc_free          0.965 
_refine.details                                  'Hydrogens have been added in their riding positions' 
_refine.diff_density_max                         ? 
_refine.diff_density_max_esd                     ? 
_refine.diff_density_min                         ? 
_refine.diff_density_min_esd                     ? 
_refine.diff_density_rms                         ? 
_refine.diff_density_rms_esd                     ? 
_refine.entry_id                                 7Z9O 
_refine.pdbx_refine_id                           'X-RAY DIFFRACTION' 
_refine.ls_abs_structure_details                 ? 
_refine.ls_abs_structure_Flack                   ? 
_refine.ls_abs_structure_Flack_esd               ? 
_refine.ls_abs_structure_Rogers                  ? 
_refine.ls_abs_structure_Rogers_esd              ? 
_refine.ls_d_res_high                            1.470 
_refine.ls_d_res_low                             61.52 
_refine.ls_extinction_coef                       ? 
_refine.ls_extinction_coef_esd                   ? 
_refine.ls_extinction_expression                 ? 
_refine.ls_extinction_method                     ? 
_refine.ls_goodness_of_fit_all                   ? 
_refine.ls_goodness_of_fit_all_esd               ? 
_refine.ls_goodness_of_fit_obs                   ? 
_refine.ls_goodness_of_fit_obs_esd               ? 
_refine.ls_hydrogen_treatment                    ? 
_refine.ls_matrix_type                           ? 
_refine.ls_number_constraints                    ? 
_refine.ls_number_parameters                     ? 
_refine.ls_number_reflns_all                     ? 
_refine.ls_number_reflns_obs                     44128 
_refine.ls_number_reflns_R_free                  2213 
_refine.ls_number_reflns_R_work                  41915 
_refine.ls_number_restraints                     ? 
_refine.ls_percent_reflns_obs                    99.273 
_refine.ls_percent_reflns_R_free                 5.015 
_refine.ls_R_factor_all                          0.202 
_refine.ls_R_factor_obs                          ? 
_refine.ls_R_factor_R_free                       0.2176 
_refine.ls_R_factor_R_free_error                 ? 
_refine.ls_R_factor_R_free_error_details         ? 
_refine.ls_R_factor_R_work                       0.2010 
_refine.ls_R_Fsqd_factor_obs                     ? 
_refine.ls_R_I_factor_obs                        ? 
_refine.ls_redundancy_reflns_all                 ? 
_refine.ls_redundancy_reflns_obs                 ? 
_refine.ls_restrained_S_all                      ? 
_refine.ls_restrained_S_obs                      ? 
_refine.ls_shift_over_esd_max                    ? 
_refine.ls_shift_over_esd_mean                   ? 
_refine.ls_structure_factor_coef                 ? 
_refine.ls_weighting_details                     ? 
_refine.ls_weighting_scheme                      ? 
_refine.ls_wR_factor_all                         ? 
_refine.ls_wR_factor_obs                         ? 
_refine.ls_wR_factor_R_free                      ? 
_refine.ls_wR_factor_R_work                      ? 
_refine.occupancy_max                            ? 
_refine.occupancy_min                            ? 
_refine.solvent_model_details                    'MASK BULK SOLVENT' 
_refine.solvent_model_param_bsol                 ? 
_refine.solvent_model_param_ksol                 ? 
_refine.pdbx_R_complete                          ? 
_refine.ls_R_factor_gt                           ? 
_refine.ls_goodness_of_fit_gt                    ? 
_refine.ls_goodness_of_fit_ref                   ? 
_refine.ls_shift_over_su_max                     ? 
_refine.ls_shift_over_su_max_lt                  ? 
_refine.ls_shift_over_su_mean                    ? 
_refine.ls_shift_over_su_mean_lt                 ? 
_refine.pdbx_ls_sigma_I                          ? 
_refine.pdbx_ls_sigma_F                          ? 
_refine.pdbx_ls_sigma_Fsqd                       ? 
_refine.pdbx_data_cutoff_high_absF               ? 
_refine.pdbx_data_cutoff_high_rms_absF           ? 
_refine.pdbx_data_cutoff_low_absF                ? 
_refine.pdbx_isotropic_thermal_model             ? 
_refine.pdbx_ls_cross_valid_method               'FREE R-VALUE' 
_refine.pdbx_method_to_determine_struct          'MOLECULAR REPLACEMENT' 
_refine.pdbx_starting_model                      3DAI 
_refine.pdbx_stereochemistry_target_values       ? 
_refine.pdbx_R_Free_selection_details            ? 
_refine.pdbx_stereochem_target_val_spec_case     ? 
_refine.pdbx_overall_ESU_R                       0.057 
_refine.pdbx_overall_ESU_R_Free                  0.058 
_refine.pdbx_solvent_vdw_probe_radii             1.200 
_refine.pdbx_solvent_ion_probe_radii             0.800 
_refine.pdbx_solvent_shrinkage_radii             0.800 
_refine.pdbx_real_space_R                        ? 
_refine.pdbx_density_correlation                 ? 
_refine.pdbx_pd_number_of_powder_patterns        ? 
_refine.pdbx_pd_number_of_points                 ? 
_refine.pdbx_pd_meas_number_of_points            ? 
_refine.pdbx_pd_proc_ls_prof_R_factor            ? 
_refine.pdbx_pd_proc_ls_prof_wR_factor           ? 
_refine.pdbx_pd_Marquardt_correlation_coeff      ? 
_refine.pdbx_pd_Fsqrd_R_factor                   ? 
_refine.pdbx_pd_ls_matrix_band_width             ? 
_refine.pdbx_overall_phase_error                 ? 
_refine.pdbx_overall_SU_R_free_Cruickshank_DPI   ? 
_refine.pdbx_overall_SU_R_free_Blow_DPI          ? 
_refine.pdbx_overall_SU_R_Blow_DPI               ? 
_refine.pdbx_TLS_residual_ADP_flag               ? 
_refine.pdbx_diffrn_id                           1 
_refine.overall_SU_B                             1.164 
_refine.overall_SU_ML                            0.043 
_refine.overall_SU_R_Cruickshank_DPI             ? 
_refine.overall_SU_R_free                        ? 
_refine.overall_FOM_free_R_set                   ? 
_refine.overall_FOM_work_R_set                   ? 
_refine.pdbx_average_fsc_overall                 ? 
_refine.pdbx_average_fsc_work                    ? 
_refine.pdbx_average_fsc_free                    ? 
# 
_refine_hist.pdbx_refine_id                   'X-RAY DIFFRACTION' 
_refine_hist.cycle_id                         LAST 
_refine_hist.details                          ? 
_refine_hist.d_res_high                       1.470 
_refine_hist.d_res_low                        61.52 
_refine_hist.number_atoms_solvent             180 
_refine_hist.number_atoms_total               1310 
_refine_hist.number_reflns_all                ? 
_refine_hist.number_reflns_obs                ? 
_refine_hist.number_reflns_R_free             ? 
_refine_hist.number_reflns_R_work             ? 
_refine_hist.R_factor_all                     ? 
_refine_hist.R_factor_obs                     ? 
_refine_hist.R_factor_R_free                  ? 
_refine_hist.R_factor_R_work                  ? 
_refine_hist.pdbx_number_residues_total       ? 
_refine_hist.pdbx_B_iso_mean_ligand           ? 
_refine_hist.pdbx_B_iso_mean_solvent          ? 
_refine_hist.pdbx_number_atoms_protein        1084 
_refine_hist.pdbx_number_atoms_nucleic_acid   0 
_refine_hist.pdbx_number_atoms_ligand         46 
_refine_hist.pdbx_number_atoms_lipid          ? 
_refine_hist.pdbx_number_atoms_carb           ? 
_refine_hist.pdbx_pseudo_atom_details         ? 
# 
loop_
_refine_ls_restr.pdbx_refine_id 
_refine_ls_restr.criterion 
_refine_ls_restr.dev_ideal 
_refine_ls_restr.dev_ideal_target 
_refine_ls_restr.number 
_refine_ls_restr.rejects 
_refine_ls_restr.type 
_refine_ls_restr.weight 
_refine_ls_restr.pdbx_restraint_function 
'X-RAY DIFFRACTION' ? 0.025  0.012  1151 ? r_bond_refined_d               ? ? 
'X-RAY DIFFRACTION' ? 2.393  1.662  1547 ? r_angle_refined_deg            ? ? 
'X-RAY DIFFRACTION' ? 4.427  5.000  131  ? r_dihedral_angle_1_deg         ? ? 
'X-RAY DIFFRACTION' ? 34.851 20.641 78   ? r_dihedral_angle_2_deg         ? ? 
'X-RAY DIFFRACTION' ? 14.654 15.000 210  ? r_dihedral_angle_3_deg         ? ? 
'X-RAY DIFFRACTION' ? 15.078 15.000 13   ? r_dihedral_angle_4_deg         ? ? 
'X-RAY DIFFRACTION' ? 0.139  0.200  148  ? r_chiral_restr                 ? ? 
'X-RAY DIFFRACTION' ? 0.016  0.020  883  ? r_gen_planes_refined           ? ? 
'X-RAY DIFFRACTION' ? 0.226  0.200  568  ? r_nbd_refined                  ? ? 
'X-RAY DIFFRACTION' ? 0.320  0.200  795  ? r_nbtor_refined                ? ? 
'X-RAY DIFFRACTION' ? 0.247  0.200  137  ? r_xyhbond_nbd_refined          ? ? 
'X-RAY DIFFRACTION' ? 0.474  0.200  36   ? r_symmetry_nbd_refined         ? ? 
'X-RAY DIFFRACTION' ? 0.436  0.200  28   ? r_symmetry_xyhbond_nbd_refined ? ? 
'X-RAY DIFFRACTION' ? 2.904  2.879  524  ? r_mcbond_it                    ? ? 
'X-RAY DIFFRACTION' ? 4.201  4.288  655  ? r_mcangle_it                   ? ? 
'X-RAY DIFFRACTION' ? 5.982  3.648  627  ? r_scbond_it                    ? ? 
'X-RAY DIFFRACTION' ? 8.455  5.226  892  ? r_scangle_it                   ? ? 
'X-RAY DIFFRACTION' ? 11.230 43.256 1855 ? r_lrange_it                    ? ? 
# 
loop_
_refine_ls_shell.pdbx_refine_id 
_refine_ls_shell.d_res_high 
_refine_ls_shell.d_res_low 
_refine_ls_shell.number_reflns_all 
_refine_ls_shell.number_reflns_obs 
_refine_ls_shell.number_reflns_R_free 
_refine_ls_shell.number_reflns_R_work 
_refine_ls_shell.percent_reflns_obs 
_refine_ls_shell.percent_reflns_R_free 
_refine_ls_shell.R_factor_all 
_refine_ls_shell.R_factor_obs 
_refine_ls_shell.R_factor_R_free 
_refine_ls_shell.R_factor_R_free_error 
_refine_ls_shell.R_factor_R_work 
_refine_ls_shell.redundancy_reflns_all 
_refine_ls_shell.redundancy_reflns_obs 
_refine_ls_shell.wR_factor_all 
_refine_ls_shell.wR_factor_obs 
_refine_ls_shell.wR_factor_R_free 
_refine_ls_shell.wR_factor_R_work 
_refine_ls_shell.pdbx_R_complete 
_refine_ls_shell.pdbx_total_number_of_bins_used 
_refine_ls_shell.pdbx_phase_error 
_refine_ls_shell.pdbx_fsc_work 
_refine_ls_shell.pdbx_fsc_free 
'X-RAY DIFFRACTION' 1.470 1.508 . . 159 2889 95.2500  . . . 0.347 . 0.318 . . . . . . . . . . . 
'X-RAY DIFFRACTION' 1.508 1.549 . . 155 2920 97.3409  . . . 0.312 . 0.295 . . . . . . . . . . . 
'X-RAY DIFFRACTION' 1.549 1.594 . . 168 2849 98.7885  . . . 0.286 . 0.274 . . . . . . . . . . . 
'X-RAY DIFFRACTION' 1.594 1.643 . . 141 2823 99.7644  . . . 0.269 . 0.249 . . . . . . . . . . . 
'X-RAY DIFFRACTION' 1.643 1.697 . . 147 2748 99.7932  . . . 0.241 . 0.233 . . . . . . . . . . . 
'X-RAY DIFFRACTION' 1.697 1.757 . . 131 2655 99.9283  . . . 0.269 . 0.229 . . . . . . . . . . . 
'X-RAY DIFFRACTION' 1.757 1.823 . . 141 2549 99.9257  . . . 0.280 . 0.236 . . . . . . . . . . . 
'X-RAY DIFFRACTION' 1.823 1.898 . . 133 2474 100.0000 . . . 0.251 . 0.213 . . . . . . . . . . . 
'X-RAY DIFFRACTION' 1.898 1.982 . . 129 2385 99.9205  . . . 0.240 . 0.211 . . . . . . . . . . . 
'X-RAY DIFFRACTION' 1.982 2.079 . . 119 2279 99.9583  . . . 0.247 . 0.211 . . . . . . . . . . . 
'X-RAY DIFFRACTION' 2.079 2.191 . . 118 2171 100.0000 . . . 0.203 . 0.195 . . . . . . . . . . . 
'X-RAY DIFFRACTION' 2.191 2.324 . . 94  2085 100.0000 . . . 0.206 . 0.197 . . . . . . . . . . . 
'X-RAY DIFFRACTION' 2.324 2.484 . . 101 1955 100.0000 . . . 0.237 . 0.195 . . . . . . . . . . . 
'X-RAY DIFFRACTION' 2.484 2.683 . . 93  1818 100.0000 . . . 0.204 . 0.194 . . . . . . . . . . . 
'X-RAY DIFFRACTION' 2.683 2.939 . . 94  1692 100.0000 . . . 0.212 . 0.191 . . . . . . . . . . . 
'X-RAY DIFFRACTION' 2.939 3.286 . . 78  1545 100.0000 . . . 0.227 . 0.186 . . . . . . . . . . . 
'X-RAY DIFFRACTION' 3.286 3.794 . . 71  1377 100.0000 . . . 0.189 . 0.167 . . . . . . . . . . . 
'X-RAY DIFFRACTION' 3.794 4.646 . . 63  1187 100.0000 . . . 0.176 . 0.163 . . . . . . . . . . . 
'X-RAY DIFFRACTION' 4.646 6.567 . . 51  946  100.0000 . . . 0.174 . 0.231 . . . . . . . . . . . 
'X-RAY DIFFRACTION' 6.567 61.52 . . 27  568  97.2222  . . . 0.257 . 0.235 . . . . . . . . . . . 
# 
_struct.entry_id                     7Z9O 
_struct.title                        'ATAD2 in complex with PepLite-Tyr' 
_struct.pdbx_model_details           ? 
_struct.pdbx_formula_weight          ? 
_struct.pdbx_formula_weight_method   ? 
_struct.pdbx_model_type_details      ? 
_struct.pdbx_CASP_flag               N 
# 
_struct_keywords.entry_id        7Z9O 
_struct_keywords.text            'ATAD2, INHIBITOR, FRAGMENT, BROMODOMAIN, FRAGLITE, TRANSCRIPTION' 
_struct_keywords.pdbx_keywords   TRANSCRIPTION 
# 
loop_
_struct_asym.id 
_struct_asym.pdbx_blank_PDB_chainid_flag 
_struct_asym.pdbx_modified 
_struct_asym.entity_id 
_struct_asym.details 
A N N 1 ? 
B N N 2 ? 
C N N 3 ? 
D N N 4 ? 
E N N 4 ? 
F N N 4 ? 
G N N 4 ? 
H N N 2 ? 
I N N 5 ? 
J N N 6 ? 
# 
_struct_ref.id                         1 
_struct_ref.db_name                    UNP 
_struct_ref.db_code                    ATAD2_HUMAN 
_struct_ref.pdbx_db_accession          Q6PL18 
_struct_ref.pdbx_db_isoform            ? 
_struct_ref.entity_id                  1 
_struct_ref.pdbx_seq_one_letter_code   
;QEEDTFRELRIFLRNVTHRLAIDKRFRVFTKPVDPDEVPDYVTVIKQPMDLSSVISKIDLHKYLTVKDYLRDIDLICSNA
LEYNPDRDPGDRLIRHRACALRDTAYAIIKEELDEDFEQLCEEIQESR
;
_struct_ref.pdbx_align_begin           981 
# 
_struct_ref_seq.align_id                      1 
_struct_ref_seq.ref_id                        1 
_struct_ref_seq.pdbx_PDB_id_code              7Z9O 
_struct_ref_seq.pdbx_strand_id                AAA 
_struct_ref_seq.seq_align_beg                 3 
_struct_ref_seq.pdbx_seq_align_beg_ins_code   ? 
_struct_ref_seq.seq_align_end                 130 
_struct_ref_seq.pdbx_seq_align_end_ins_code   ? 
_struct_ref_seq.pdbx_db_accession             Q6PL18 
_struct_ref_seq.db_align_beg                  981 
_struct_ref_seq.pdbx_db_align_beg_ins_code    ? 
_struct_ref_seq.db_align_end                  1108 
_struct_ref_seq.pdbx_db_align_end_ins_code    ? 
_struct_ref_seq.pdbx_auth_seq_align_beg       981 
_struct_ref_seq.pdbx_auth_seq_align_end       1108 
# 
loop_
_struct_ref_seq_dif.align_id 
_struct_ref_seq_dif.pdbx_pdb_id_code 
_struct_ref_seq_dif.mon_id 
_struct_ref_seq_dif.pdbx_pdb_strand_id 
_struct_ref_seq_dif.seq_num 
_struct_ref_seq_dif.pdbx_pdb_ins_code 
_struct_ref_seq_dif.pdbx_seq_db_name 
_struct_ref_seq_dif.pdbx_seq_db_accession_code 
_struct_ref_seq_dif.db_mon_id 
_struct_ref_seq_dif.pdbx_seq_db_seq_num 
_struct_ref_seq_dif.details 
_struct_ref_seq_dif.pdbx_auth_seq_num 
_struct_ref_seq_dif.pdbx_ordinal 
1 7Z9O SER AAA 1 ? UNP Q6PL18 ? ? 'expression tag' 979 1 
1 7Z9O MET AAA 2 ? UNP Q6PL18 ? ? 'expression tag' 980 2 
# 
_pdbx_struct_assembly.id                   1 
_pdbx_struct_assembly.details              author_defined_assembly 
_pdbx_struct_assembly.method_details       ? 
_pdbx_struct_assembly.oligomeric_details   monomeric 
_pdbx_struct_assembly.oligomeric_count     1 
# 
_pdbx_struct_assembly_gen.assembly_id       1 
_pdbx_struct_assembly_gen.oper_expression   1 
_pdbx_struct_assembly_gen.asym_id_list      A,B,C,D,E,F,G,H,I,J 
# 
_pdbx_struct_assembly_auth_evidence.id                     1 
_pdbx_struct_assembly_auth_evidence.assembly_id            1 
_pdbx_struct_assembly_auth_evidence.experimental_support   'gel filtration' 
_pdbx_struct_assembly_auth_evidence.details                ? 
# 
_pdbx_struct_oper_list.id                   1 
_pdbx_struct_oper_list.type                 'identity operation' 
_pdbx_struct_oper_list.name                 1_555 
_pdbx_struct_oper_list.symmetry_operation   x,y,z 
_pdbx_struct_oper_list.matrix[1][1]         1.0000000000 
_pdbx_struct_oper_list.matrix[1][2]         0.0000000000 
_pdbx_struct_oper_list.matrix[1][3]         0.0000000000 
_pdbx_struct_oper_list.vector[1]            0.0000000000 
_pdbx_struct_oper_list.matrix[2][1]         0.0000000000 
_pdbx_struct_oper_list.matrix[2][2]         1.0000000000 
_pdbx_struct_oper_list.matrix[2][3]         0.0000000000 
_pdbx_struct_oper_list.vector[2]            0.0000000000 
_pdbx_struct_oper_list.matrix[3][1]         0.0000000000 
_pdbx_struct_oper_list.matrix[3][2]         0.0000000000 
_pdbx_struct_oper_list.matrix[3][3]         1.0000000000 
_pdbx_struct_oper_list.vector[3]            0.0000000000 
# 
loop_
_struct_conf.conf_type_id 
_struct_conf.id 
_struct_conf.pdbx_PDB_helix_id 
_struct_conf.beg_label_comp_id 
_struct_conf.beg_label_asym_id 
_struct_conf.beg_label_seq_id 
_struct_conf.pdbx_beg_PDB_ins_code 
_struct_conf.end_label_comp_id 
_struct_conf.end_label_asym_id 
_struct_conf.end_label_seq_id 
_struct_conf.pdbx_end_PDB_ins_code 
_struct_conf.beg_auth_comp_id 
_struct_conf.beg_auth_asym_id 
_struct_conf.beg_auth_seq_id 
_struct_conf.end_auth_comp_id 
_struct_conf.end_auth_asym_id 
_struct_conf.end_auth_seq_id 
_struct_conf.pdbx_PDB_helix_class 
_struct_conf.details 
_struct_conf.pdbx_PDB_helix_length 
HELX_P HELX_P1 AA1 SER A 1   ? ILE A 24  ? SER AAA 979  ILE AAA 1002 1 ? 24 
HELX_P HELX_P2 AA2 ASP A 25  ? THR A 32  ? ASP AAA 1003 THR AAA 1010 5 ? 8  
HELX_P HELX_P3 AA3 ASP A 42  ? ILE A 47  ? ASP AAA 1020 ILE AAA 1025 1 ? 6  
HELX_P HELX_P4 AA4 ASP A 52  ? LEU A 62  ? ASP AAA 1030 LEU AAA 1040 1 ? 11 
HELX_P HELX_P5 AA5 THR A 67  ? ASN A 86  ? THR AAA 1045 ASN AAA 1064 1 ? 20 
HELX_P HELX_P6 AA6 ASP A 90  ? LEU A 115 ? ASP AAA 1068 LEU AAA 1093 1 ? 26 
HELX_P HELX_P7 AA7 ASP A 116 ? SER A 129 ? ASP AAA 1094 SER AAA 1107 1 ? 14 
# 
_struct_conf_type.id          HELX_P 
_struct_conf_type.criteria    ? 
_struct_conf_type.reference   ? 
# 
_pdbx_entry_details.entry_id                   7Z9O 
_pdbx_entry_details.has_ligand_of_interest     Y 
_pdbx_entry_details.compound_details           ? 
_pdbx_entry_details.source_details             ? 
_pdbx_entry_details.nonpolymer_details         ? 
_pdbx_entry_details.sequence_details           ? 
_pdbx_entry_details.has_protein_modification   N 
# 
loop_
_pdbx_validate_close_contact.id 
_pdbx_validate_close_contact.PDB_model_num 
_pdbx_validate_close_contact.auth_atom_id_1 
_pdbx_validate_close_contact.auth_asym_id_1 
_pdbx_validate_close_contact.auth_comp_id_1 
_pdbx_validate_close_contact.auth_seq_id_1 
_pdbx_validate_close_contact.PDB_ins_code_1 
_pdbx_validate_close_contact.label_alt_id_1 
_pdbx_validate_close_contact.auth_atom_id_2 
_pdbx_validate_close_contact.auth_asym_id_2 
_pdbx_validate_close_contact.auth_comp_id_2 
_pdbx_validate_close_contact.auth_seq_id_2 
_pdbx_validate_close_contact.PDB_ins_code_2 
_pdbx_validate_close_contact.label_alt_id_2 
_pdbx_validate_close_contact.dist 
1 1 O3  AAA IK3 1208 ? ? O  AAA HOH 1301 ? ? 1.04 
2 1 SG  AAA CYS 1079 ? ? C2 AAA IK3 1208 ? ? 1.69 
3 1 C13 AAA IK3 1208 ? ? O  AAA HOH 1301 ? ? 1.89 
4 1 O   AAA HOH 1465 ? ? O  AAA HOH 1477 ? ? 1.95 
5 1 OD1 AAA ASP 1066 ? ? O  AAA HOH 1302 ? ? 2.00 
6 1 O   AAA HOH 1370 ? ? O  AAA HOH 1447 ? ? 2.12 
7 1 OE2 AAA GLU 983  ? ? O  AAA HOH 1303 ? ? 2.16 
8 1 O4  AAA SO4 1207 ? ? O  AAA HOH 1304 ? ? 2.18 
# 
_pdbx_validate_symm_contact.id                1 
_pdbx_validate_symm_contact.PDB_model_num     1 
_pdbx_validate_symm_contact.auth_atom_id_1    O 
_pdbx_validate_symm_contact.auth_asym_id_1    AAA 
_pdbx_validate_symm_contact.auth_comp_id_1    HOH 
_pdbx_validate_symm_contact.auth_seq_id_1     1357 
_pdbx_validate_symm_contact.PDB_ins_code_1    ? 
_pdbx_validate_symm_contact.label_alt_id_1    ? 
_pdbx_validate_symm_contact.site_symmetry_1   1_555 
_pdbx_validate_symm_contact.auth_atom_id_2    O 
_pdbx_validate_symm_contact.auth_asym_id_2    AAA 
_pdbx_validate_symm_contact.auth_comp_id_2    HOH 
_pdbx_validate_symm_contact.auth_seq_id_2     1425 
_pdbx_validate_symm_contact.PDB_ins_code_2    ? 
_pdbx_validate_symm_contact.label_alt_id_2    ? 
_pdbx_validate_symm_contact.site_symmetry_2   12_564 
_pdbx_validate_symm_contact.dist              1.85 
# 
loop_
_pdbx_validate_rmsd_bond.id 
_pdbx_validate_rmsd_bond.PDB_model_num 
_pdbx_validate_rmsd_bond.auth_atom_id_1 
_pdbx_validate_rmsd_bond.auth_asym_id_1 
_pdbx_validate_rmsd_bond.auth_comp_id_1 
_pdbx_validate_rmsd_bond.auth_seq_id_1 
_pdbx_validate_rmsd_bond.PDB_ins_code_1 
_pdbx_validate_rmsd_bond.label_alt_id_1 
_pdbx_validate_rmsd_bond.auth_atom_id_2 
_pdbx_validate_rmsd_bond.auth_asym_id_2 
_pdbx_validate_rmsd_bond.auth_comp_id_2 
_pdbx_validate_rmsd_bond.auth_seq_id_2 
_pdbx_validate_rmsd_bond.PDB_ins_code_2 
_pdbx_validate_rmsd_bond.label_alt_id_2 
_pdbx_validate_rmsd_bond.bond_value 
_pdbx_validate_rmsd_bond.bond_target_value 
_pdbx_validate_rmsd_bond.bond_deviation 
_pdbx_validate_rmsd_bond.bond_standard_deviation 
_pdbx_validate_rmsd_bond.linker_flag 
1 1 CG AAA GLU 983  ? ? CD  AAA GLU 983  ? ? 1.647 1.515 0.132 0.015 N 
2 1 CD AAA GLU 983  ? ? OE1 AAA GLU 983  ? ? 1.642 1.252 0.390 0.011 N 
3 1 CD AAA GLU 983  ? ? OE2 AAA GLU 983  ? ? 1.771 1.252 0.519 0.011 N 
4 1 CD AAA GLU 1102 ? ? OE2 AAA GLU 1102 ? ? 1.324 1.252 0.072 0.011 N 
# 
loop_
_pdbx_validate_rmsd_angle.id 
_pdbx_validate_rmsd_angle.PDB_model_num 
_pdbx_validate_rmsd_angle.auth_atom_id_1 
_pdbx_validate_rmsd_angle.auth_asym_id_1 
_pdbx_validate_rmsd_angle.auth_comp_id_1 
_pdbx_validate_rmsd_angle.auth_seq_id_1 
_pdbx_validate_rmsd_angle.PDB_ins_code_1 
_pdbx_validate_rmsd_angle.label_alt_id_1 
_pdbx_validate_rmsd_angle.auth_atom_id_2 
_pdbx_validate_rmsd_angle.auth_asym_id_2 
_pdbx_validate_rmsd_angle.auth_comp_id_2 
_pdbx_validate_rmsd_angle.auth_seq_id_2 
_pdbx_validate_rmsd_angle.PDB_ins_code_2 
_pdbx_validate_rmsd_angle.label_alt_id_2 
_pdbx_validate_rmsd_angle.auth_atom_id_3 
_pdbx_validate_rmsd_angle.auth_asym_id_3 
_pdbx_validate_rmsd_angle.auth_comp_id_3 
_pdbx_validate_rmsd_angle.auth_seq_id_3 
_pdbx_validate_rmsd_angle.PDB_ins_code_3 
_pdbx_validate_rmsd_angle.label_alt_id_3 
_pdbx_validate_rmsd_angle.angle_value 
_pdbx_validate_rmsd_angle.angle_target_value 
_pdbx_validate_rmsd_angle.angle_deviation 
_pdbx_validate_rmsd_angle.angle_standard_deviation 
_pdbx_validate_rmsd_angle.linker_flag 
1 1 CG  AAA GLU 983  ? ? CD AAA GLU 983  ? ? OE2 AAA GLU 983  ? ? 96.04  118.30 -22.26 2.00 N 
2 1 NE  AAA ARG 987  ? ? CZ AAA ARG 987  ? ? NH2 AAA ARG 987  ? ? 117.13 120.30 -3.17  0.50 N 
3 1 NE  AAA ARG 990  ? ? CZ AAA ARG 990  ? ? NH2 AAA ARG 990  ? ? 116.27 120.30 -4.03  0.50 N 
4 1 CG  AAA ARG 994  ? ? CD AAA ARG 994  ? ? NE  AAA ARG 994  ? ? 99.09  111.80 -12.71 2.10 N 
5 1 NE  AAA ARG 1067 ? ? CZ AAA ARG 1067 ? ? NH1 AAA ARG 1067 ? ? 116.13 120.30 -4.17  0.50 N 
6 1 NH1 AAA ARG 1108 ? ? CZ AAA ARG 1108 ? ? NH2 AAA ARG 1108 ? ? 132.89 119.40 13.49  1.10 N 
7 1 NE  AAA ARG 1108 ? ? CZ AAA ARG 1108 ? ? NH1 AAA ARG 1108 ? ? 114.06 120.30 -6.24  0.50 N 
8 1 NE  AAA ARG 1108 ? ? CZ AAA ARG 1108 ? ? NH2 AAA ARG 1108 ? ? 113.04 120.30 -7.26  0.50 N 
# 
_pdbx_validate_planes.id              1 
_pdbx_validate_planes.PDB_model_num   1 
_pdbx_validate_planes.auth_comp_id    GLU 
_pdbx_validate_planes.auth_asym_id    AAA 
_pdbx_validate_planes.auth_seq_id     983 
_pdbx_validate_planes.PDB_ins_code    ? 
_pdbx_validate_planes.label_alt_id    ? 
_pdbx_validate_planes.rmsd            0.145 
_pdbx_validate_planes.type            'SIDE CHAIN' 
# 
_pdbx_struct_special_symmetry.id              1 
_pdbx_struct_special_symmetry.PDB_model_num   1 
_pdbx_struct_special_symmetry.auth_asym_id    AAA 
_pdbx_struct_special_symmetry.auth_comp_id    HOH 
_pdbx_struct_special_symmetry.auth_seq_id     1324 
_pdbx_struct_special_symmetry.PDB_ins_code    ? 
_pdbx_struct_special_symmetry.label_asym_id   J 
_pdbx_struct_special_symmetry.label_comp_id   HOH 
_pdbx_struct_special_symmetry.label_seq_id    . 
# 
loop_
_chem_comp_atom.comp_id 
_chem_comp_atom.atom_id 
_chem_comp_atom.type_symbol 
_chem_comp_atom.pdbx_aromatic_flag 
_chem_comp_atom.pdbx_stereo_config 
_chem_comp_atom.pdbx_ordinal 
ALA N    N  N N 1   
ALA CA   C  N S 2   
ALA C    C  N N 3   
ALA O    O  N N 4   
ALA CB   C  N N 5   
ALA OXT  O  N N 6   
ALA H    H  N N 7   
ALA H2   H  N N 8   
ALA HA   H  N N 9   
ALA HB1  H  N N 10  
ALA HB2  H  N N 11  
ALA HB3  H  N N 12  
ALA HXT  H  N N 13  
ARG N    N  N N 14  
ARG CA   C  N S 15  
ARG C    C  N N 16  
ARG O    O  N N 17  
ARG CB   C  N N 18  
ARG CG   C  N N 19  
ARG CD   C  N N 20  
ARG NE   N  N N 21  
ARG CZ   C  N N 22  
ARG NH1  N  N N 23  
ARG NH2  N  N N 24  
ARG OXT  O  N N 25  
ARG H    H  N N 26  
ARG H2   H  N N 27  
ARG HA   H  N N 28  
ARG HB2  H  N N 29  
ARG HB3  H  N N 30  
ARG HG2  H  N N 31  
ARG HG3  H  N N 32  
ARG HD2  H  N N 33  
ARG HD3  H  N N 34  
ARG HE   H  N N 35  
ARG HH11 H  N N 36  
ARG HH12 H  N N 37  
ARG HH21 H  N N 38  
ARG HH22 H  N N 39  
ARG HXT  H  N N 40  
ASN N    N  N N 41  
ASN CA   C  N S 42  
ASN C    C  N N 43  
ASN O    O  N N 44  
ASN CB   C  N N 45  
ASN CG   C  N N 46  
ASN OD1  O  N N 47  
ASN ND2  N  N N 48  
ASN OXT  O  N N 49  
ASN H    H  N N 50  
ASN H2   H  N N 51  
ASN HA   H  N N 52  
ASN HB2  H  N N 53  
ASN HB3  H  N N 54  
ASN HD21 H  N N 55  
ASN HD22 H  N N 56  
ASN HXT  H  N N 57  
ASP N    N  N N 58  
ASP CA   C  N S 59  
ASP C    C  N N 60  
ASP O    O  N N 61  
ASP CB   C  N N 62  
ASP CG   C  N N 63  
ASP OD1  O  N N 64  
ASP OD2  O  N N 65  
ASP OXT  O  N N 66  
ASP H    H  N N 67  
ASP H2   H  N N 68  
ASP HA   H  N N 69  
ASP HB2  H  N N 70  
ASP HB3  H  N N 71  
ASP HD2  H  N N 72  
ASP HXT  H  N N 73  
CL  CL   CL N N 74  
CYS N    N  N N 75  
CYS CA   C  N R 76  
CYS C    C  N N 77  
CYS O    O  N N 78  
CYS CB   C  N N 79  
CYS SG   S  N N 80  
CYS OXT  O  N N 81  
CYS H    H  N N 82  
CYS H2   H  N N 83  
CYS HA   H  N N 84  
CYS HB2  H  N N 85  
CYS HB3  H  N N 86  
CYS HG   H  N N 87  
CYS HXT  H  N N 88  
EDO C1   C  N N 89  
EDO O1   O  N N 90  
EDO C2   C  N N 91  
EDO O2   O  N N 92  
EDO H11  H  N N 93  
EDO H12  H  N N 94  
EDO HO1  H  N N 95  
EDO H21  H  N N 96  
EDO H22  H  N N 97  
EDO HO2  H  N N 98  
GLN N    N  N N 99  
GLN CA   C  N S 100 
GLN C    C  N N 101 
GLN O    O  N N 102 
GLN CB   C  N N 103 
GLN CG   C  N N 104 
GLN CD   C  N N 105 
GLN OE1  O  N N 106 
GLN NE2  N  N N 107 
GLN OXT  O  N N 108 
GLN H    H  N N 109 
GLN H2   H  N N 110 
GLN HA   H  N N 111 
GLN HB2  H  N N 112 
GLN HB3  H  N N 113 
GLN HG2  H  N N 114 
GLN HG3  H  N N 115 
GLN HE21 H  N N 116 
GLN HE22 H  N N 117 
GLN HXT  H  N N 118 
GLU N    N  N N 119 
GLU CA   C  N S 120 
GLU C    C  N N 121 
GLU O    O  N N 122 
GLU CB   C  N N 123 
GLU CG   C  N N 124 
GLU CD   C  N N 125 
GLU OE1  O  N N 126 
GLU OE2  O  N N 127 
GLU OXT  O  N N 128 
GLU H    H  N N 129 
GLU H2   H  N N 130 
GLU HA   H  N N 131 
GLU HB2  H  N N 132 
GLU HB3  H  N N 133 
GLU HG2  H  N N 134 
GLU HG3  H  N N 135 
GLU HE2  H  N N 136 
GLU HXT  H  N N 137 
GLY N    N  N N 138 
GLY CA   C  N N 139 
GLY C    C  N N 140 
GLY O    O  N N 141 
GLY OXT  O  N N 142 
GLY H    H  N N 143 
GLY H2   H  N N 144 
GLY HA2  H  N N 145 
GLY HA3  H  N N 146 
GLY HXT  H  N N 147 
HIS N    N  N N 148 
HIS CA   C  N S 149 
HIS C    C  N N 150 
HIS O    O  N N 151 
HIS CB   C  N N 152 
HIS CG   C  Y N 153 
HIS ND1  N  Y N 154 
HIS CD2  C  Y N 155 
HIS CE1  C  Y N 156 
HIS NE2  N  Y N 157 
HIS OXT  O  N N 158 
HIS H    H  N N 159 
HIS H2   H  N N 160 
HIS HA   H  N N 161 
HIS HB2  H  N N 162 
HIS HB3  H  N N 163 
HIS HD1  H  N N 164 
HIS HD2  H  N N 165 
HIS HE1  H  N N 166 
HIS HE2  H  N N 167 
HIS HXT  H  N N 168 
HOH O    O  N N 169 
HOH H1   H  N N 170 
HOH H2   H  N N 171 
IK3 C4   C  N N 172 
IK3 C14  C  N N 173 
IK3 C5   C  N S 174 
IK3 C6   C  N N 175 
IK3 C11  C  Y N 176 
IK3 C7   C  Y N 177 
IK3 C8   C  Y N 178 
IK3 C9   C  Y N 179 
IK3 C10  C  Y N 180 
IK3 C12  C  Y N 181 
IK3 C13  C  N N 182 
IK3 N1   N  N N 183 
IK3 N2   N  N N 184 
IK3 C3   C  N N 185 
IK3 C1   C  N N 186 
IK3 C2   C  N N 187 
IK3 O1   O  N N 188 
IK3 O2   O  N N 189 
IK3 O3   O  N N 190 
IK3 H1   H  N N 191 
IK3 H2   H  N N 192 
IK3 H3   H  N N 193 
IK3 H4   H  N N 194 
IK3 H5   H  N N 195 
IK3 H6   H  N N 196 
IK3 H7   H  N N 197 
IK3 H8   H  N N 198 
IK3 H9   H  N N 199 
IK3 H10  H  N N 200 
IK3 H11  H  N N 201 
IK3 H12  H  N N 202 
IK3 H13  H  N N 203 
IK3 H14  H  N N 204 
IK3 H15  H  N N 205 
IK3 H16  H  N N 206 
IK3 H17  H  N N 207 
IK3 H18  H  N N 208 
ILE N    N  N N 209 
ILE CA   C  N S 210 
ILE C    C  N N 211 
ILE O    O  N N 212 
ILE CB   C  N S 213 
ILE CG1  C  N N 214 
ILE CG2  C  N N 215 
ILE CD1  C  N N 216 
ILE OXT  O  N N 217 
ILE H    H  N N 218 
ILE H2   H  N N 219 
ILE HA   H  N N 220 
ILE HB   H  N N 221 
ILE HG12 H  N N 222 
ILE HG13 H  N N 223 
ILE HG21 H  N N 224 
ILE HG22 H  N N 225 
ILE HG23 H  N N 226 
ILE HD11 H  N N 227 
ILE HD12 H  N N 228 
ILE HD13 H  N N 229 
ILE HXT  H  N N 230 
LEU N    N  N N 231 
LEU CA   C  N S 232 
LEU C    C  N N 233 
LEU O    O  N N 234 
LEU CB   C  N N 235 
LEU CG   C  N N 236 
LEU CD1  C  N N 237 
LEU CD2  C  N N 238 
LEU OXT  O  N N 239 
LEU H    H  N N 240 
LEU H2   H  N N 241 
LEU HA   H  N N 242 
LEU HB2  H  N N 243 
LEU HB3  H  N N 244 
LEU HG   H  N N 245 
LEU HD11 H  N N 246 
LEU HD12 H  N N 247 
LEU HD13 H  N N 248 
LEU HD21 H  N N 249 
LEU HD22 H  N N 250 
LEU HD23 H  N N 251 
LEU HXT  H  N N 252 
LYS N    N  N N 253 
LYS CA   C  N S 254 
LYS C    C  N N 255 
LYS O    O  N N 256 
LYS CB   C  N N 257 
LYS CG   C  N N 258 
LYS CD   C  N N 259 
LYS CE   C  N N 260 
LYS NZ   N  N N 261 
LYS OXT  O  N N 262 
LYS H    H  N N 263 
LYS H2   H  N N 264 
LYS HA   H  N N 265 
LYS HB2  H  N N 266 
LYS HB3  H  N N 267 
LYS HG2  H  N N 268 
LYS HG3  H  N N 269 
LYS HD2  H  N N 270 
LYS HD3  H  N N 271 
LYS HE2  H  N N 272 
LYS HE3  H  N N 273 
LYS HZ1  H  N N 274 
LYS HZ2  H  N N 275 
LYS HZ3  H  N N 276 
LYS HXT  H  N N 277 
MET N    N  N N 278 
MET CA   C  N S 279 
MET C    C  N N 280 
MET O    O  N N 281 
MET CB   C  N N 282 
MET CG   C  N N 283 
MET SD   S  N N 284 
MET CE   C  N N 285 
MET OXT  O  N N 286 
MET H    H  N N 287 
MET H2   H  N N 288 
MET HA   H  N N 289 
MET HB2  H  N N 290 
MET HB3  H  N N 291 
MET HG2  H  N N 292 
MET HG3  H  N N 293 
MET HE1  H  N N 294 
MET HE2  H  N N 295 
MET HE3  H  N N 296 
MET HXT  H  N N 297 
PHE N    N  N N 298 
PHE CA   C  N S 299 
PHE C    C  N N 300 
PHE O    O  N N 301 
PHE CB   C  N N 302 
PHE CG   C  Y N 303 
PHE CD1  C  Y N 304 
PHE CD2  C  Y N 305 
PHE CE1  C  Y N 306 
PHE CE2  C  Y N 307 
PHE CZ   C  Y N 308 
PHE OXT  O  N N 309 
PHE H    H  N N 310 
PHE H2   H  N N 311 
PHE HA   H  N N 312 
PHE HB2  H  N N 313 
PHE HB3  H  N N 314 
PHE HD1  H  N N 315 
PHE HD2  H  N N 316 
PHE HE1  H  N N 317 
PHE HE2  H  N N 318 
PHE HZ   H  N N 319 
PHE HXT  H  N N 320 
PRO N    N  N N 321 
PRO CA   C  N S 322 
PRO C    C  N N 323 
PRO O    O  N N 324 
PRO CB   C  N N 325 
PRO CG   C  N N 326 
PRO CD   C  N N 327 
PRO OXT  O  N N 328 
PRO H    H  N N 329 
PRO HA   H  N N 330 
PRO HB2  H  N N 331 
PRO HB3  H  N N 332 
PRO HG2  H  N N 333 
PRO HG3  H  N N 334 
PRO HD2  H  N N 335 
PRO HD3  H  N N 336 
PRO HXT  H  N N 337 
SER N    N  N N 338 
SER CA   C  N S 339 
SER C    C  N N 340 
SER O    O  N N 341 
SER CB   C  N N 342 
SER OG   O  N N 343 
SER OXT  O  N N 344 
SER H    H  N N 345 
SER H2   H  N N 346 
SER HA   H  N N 347 
SER HB2  H  N N 348 
SER HB3  H  N N 349 
SER HG   H  N N 350 
SER HXT  H  N N 351 
SO4 S    S  N N 352 
SO4 O1   O  N N 353 
SO4 O2   O  N N 354 
SO4 O3   O  N N 355 
SO4 O4   O  N N 356 
THR N    N  N N 357 
THR CA   C  N S 358 
THR C    C  N N 359 
THR O    O  N N 360 
THR CB   C  N R 361 
THR OG1  O  N N 362 
THR CG2  C  N N 363 
THR OXT  O  N N 364 
THR H    H  N N 365 
THR H2   H  N N 366 
THR HA   H  N N 367 
THR HB   H  N N 368 
THR HG1  H  N N 369 
THR HG21 H  N N 370 
THR HG22 H  N N 371 
THR HG23 H  N N 372 
THR HXT  H  N N 373 
TYR N    N  N N 374 
TYR CA   C  N S 375 
TYR C    C  N N 376 
TYR O    O  N N 377 
TYR CB   C  N N 378 
TYR CG   C  Y N 379 
TYR CD1  C  Y N 380 
TYR CD2  C  Y N 381 
TYR CE1  C  Y N 382 
TYR CE2  C  Y N 383 
TYR CZ   C  Y N 384 
TYR OH   O  N N 385 
TYR OXT  O  N N 386 
TYR H    H  N N 387 
TYR H2   H  N N 388 
TYR HA   H  N N 389 
TYR HB2  H  N N 390 
TYR HB3  H  N N 391 
TYR HD1  H  N N 392 
TYR HD2  H  N N 393 
TYR HE1  H  N N 394 
TYR HE2  H  N N 395 
TYR HH   H  N N 396 
TYR HXT  H  N N 397 
VAL N    N  N N 398 
VAL CA   C  N S 399 
VAL C    C  N N 400 
VAL O    O  N N 401 
VAL CB   C  N N 402 
VAL CG1  C  N N 403 
VAL CG2  C  N N 404 
VAL OXT  O  N N 405 
VAL H    H  N N 406 
VAL H2   H  N N 407 
VAL HA   H  N N 408 
VAL HB   H  N N 409 
VAL HG11 H  N N 410 
VAL HG12 H  N N 411 
VAL HG13 H  N N 412 
VAL HG21 H  N N 413 
VAL HG22 H  N N 414 
VAL HG23 H  N N 415 
VAL HXT  H  N N 416 
# 
loop_
_chem_comp_bond.comp_id 
_chem_comp_bond.atom_id_1 
_chem_comp_bond.atom_id_2 
_chem_comp_bond.value_order 
_chem_comp_bond.pdbx_aromatic_flag 
_chem_comp_bond.pdbx_stereo_config 
_chem_comp_bond.pdbx_ordinal 
ALA N   CA   sing N N 1   
ALA N   H    sing N N 2   
ALA N   H2   sing N N 3   
ALA CA  C    sing N N 4   
ALA CA  CB   sing N N 5   
ALA CA  HA   sing N N 6   
ALA C   O    doub N N 7   
ALA C   OXT  sing N N 8   
ALA CB  HB1  sing N N 9   
ALA CB  HB2  sing N N 10  
ALA CB  HB3  sing N N 11  
ALA OXT HXT  sing N N 12  
ARG N   CA   sing N N 13  
ARG N   H    sing N N 14  
ARG N   H2   sing N N 15  
ARG CA  C    sing N N 16  
ARG CA  CB   sing N N 17  
ARG CA  HA   sing N N 18  
ARG C   O    doub N N 19  
ARG C   OXT  sing N N 20  
ARG CB  CG   sing N N 21  
ARG CB  HB2  sing N N 22  
ARG CB  HB3  sing N N 23  
ARG CG  CD   sing N N 24  
ARG CG  HG2  sing N N 25  
ARG CG  HG3  sing N N 26  
ARG CD  NE   sing N N 27  
ARG CD  HD2  sing N N 28  
ARG CD  HD3  sing N N 29  
ARG NE  CZ   sing N N 30  
ARG NE  HE   sing N N 31  
ARG CZ  NH1  sing N N 32  
ARG CZ  NH2  doub N N 33  
ARG NH1 HH11 sing N N 34  
ARG NH1 HH12 sing N N 35  
ARG NH2 HH21 sing N N 36  
ARG NH2 HH22 sing N N 37  
ARG OXT HXT  sing N N 38  
ASN N   CA   sing N N 39  
ASN N   H    sing N N 40  
ASN N   H2   sing N N 41  
ASN CA  C    sing N N 42  
ASN CA  CB   sing N N 43  
ASN CA  HA   sing N N 44  
ASN C   O    doub N N 45  
ASN C   OXT  sing N N 46  
ASN CB  CG   sing N N 47  
ASN CB  HB2  sing N N 48  
ASN CB  HB3  sing N N 49  
ASN CG  OD1  doub N N 50  
ASN CG  ND2  sing N N 51  
ASN ND2 HD21 sing N N 52  
ASN ND2 HD22 sing N N 53  
ASN OXT HXT  sing N N 54  
ASP N   CA   sing N N 55  
ASP N   H    sing N N 56  
ASP N   H2   sing N N 57  
ASP CA  C    sing N N 58  
ASP CA  CB   sing N N 59  
ASP CA  HA   sing N N 60  
ASP C   O    doub N N 61  
ASP C   OXT  sing N N 62  
ASP CB  CG   sing N N 63  
ASP CB  HB2  sing N N 64  
ASP CB  HB3  sing N N 65  
ASP CG  OD1  doub N N 66  
ASP CG  OD2  sing N N 67  
ASP OD2 HD2  sing N N 68  
ASP OXT HXT  sing N N 69  
CYS N   CA   sing N N 70  
CYS N   H    sing N N 71  
CYS N   H2   sing N N 72  
CYS CA  C    sing N N 73  
CYS CA  CB   sing N N 74  
CYS CA  HA   sing N N 75  
CYS C   O    doub N N 76  
CYS C   OXT  sing N N 77  
CYS CB  SG   sing N N 78  
CYS CB  HB2  sing N N 79  
CYS CB  HB3  sing N N 80  
CYS SG  HG   sing N N 81  
CYS OXT HXT  sing N N 82  
EDO C1  O1   sing N N 83  
EDO C1  C2   sing N N 84  
EDO C1  H11  sing N N 85  
EDO C1  H12  sing N N 86  
EDO O1  HO1  sing N N 87  
EDO C2  O2   sing N N 88  
EDO C2  H21  sing N N 89  
EDO C2  H22  sing N N 90  
EDO O2  HO2  sing N N 91  
GLN N   CA   sing N N 92  
GLN N   H    sing N N 93  
GLN N   H2   sing N N 94  
GLN CA  C    sing N N 95  
GLN CA  CB   sing N N 96  
GLN CA  HA   sing N N 97  
GLN C   O    doub N N 98  
GLN C   OXT  sing N N 99  
GLN CB  CG   sing N N 100 
GLN CB  HB2  sing N N 101 
GLN CB  HB3  sing N N 102 
GLN CG  CD   sing N N 103 
GLN CG  HG2  sing N N 104 
GLN CG  HG3  sing N N 105 
GLN CD  OE1  doub N N 106 
GLN CD  NE2  sing N N 107 
GLN NE2 HE21 sing N N 108 
GLN NE2 HE22 sing N N 109 
GLN OXT HXT  sing N N 110 
GLU N   CA   sing N N 111 
GLU N   H    sing N N 112 
GLU N   H2   sing N N 113 
GLU CA  C    sing N N 114 
GLU CA  CB   sing N N 115 
GLU CA  HA   sing N N 116 
GLU C   O    doub N N 117 
GLU C   OXT  sing N N 118 
GLU CB  CG   sing N N 119 
GLU CB  HB2  sing N N 120 
GLU CB  HB3  sing N N 121 
GLU CG  CD   sing N N 122 
GLU CG  HG2  sing N N 123 
GLU CG  HG3  sing N N 124 
GLU CD  OE1  doub N N 125 
GLU CD  OE2  sing N N 126 
GLU OE2 HE2  sing N N 127 
GLU OXT HXT  sing N N 128 
GLY N   CA   sing N N 129 
GLY N   H    sing N N 130 
GLY N   H2   sing N N 131 
GLY CA  C    sing N N 132 
GLY CA  HA2  sing N N 133 
GLY CA  HA3  sing N N 134 
GLY C   O    doub N N 135 
GLY C   OXT  sing N N 136 
GLY OXT HXT  sing N N 137 
HIS N   CA   sing N N 138 
HIS N   H    sing N N 139 
HIS N   H2   sing N N 140 
HIS CA  C    sing N N 141 
HIS CA  CB   sing N N 142 
HIS CA  HA   sing N N 143 
HIS C   O    doub N N 144 
HIS C   OXT  sing N N 145 
HIS CB  CG   sing N N 146 
HIS CB  HB2  sing N N 147 
HIS CB  HB3  sing N N 148 
HIS CG  ND1  sing Y N 149 
HIS CG  CD2  doub Y N 150 
HIS ND1 CE1  doub Y N 151 
HIS ND1 HD1  sing N N 152 
HIS CD2 NE2  sing Y N 153 
HIS CD2 HD2  sing N N 154 
HIS CE1 NE2  sing Y N 155 
HIS CE1 HE1  sing N N 156 
HIS NE2 HE2  sing N N 157 
HIS OXT HXT  sing N N 158 
HOH O   H1   sing N N 159 
HOH O   H2   sing N N 160 
IK3 O3  C13  doub N N 161 
IK3 C13 N2   sing N N 162 
IK3 C13 C14  sing N N 163 
IK3 N2  C5   sing N N 164 
IK3 C3  C2   sing N N 165 
IK3 C3  N1   sing N N 166 
IK3 C2  C1   doub N N 167 
IK3 C5  C4   sing N N 168 
IK3 C5  C6   sing N N 169 
IK3 O1  C4   doub N N 170 
IK3 C4  N1   sing N N 171 
IK3 C6  C7   sing N N 172 
IK3 C7  C8   doub Y N 173 
IK3 C7  C12  sing Y N 174 
IK3 C8  C9   sing Y N 175 
IK3 C12 C11  doub Y N 176 
IK3 C9  C10  doub Y N 177 
IK3 C11 C10  sing Y N 178 
IK3 C10 O2   sing N N 179 
IK3 C14 H1   sing N N 180 
IK3 C14 H2   sing N N 181 
IK3 C14 H3   sing N N 182 
IK3 C5  H4   sing N N 183 
IK3 C6  H5   sing N N 184 
IK3 C6  H6   sing N N 185 
IK3 C11 H7   sing N N 186 
IK3 C8  H8   sing N N 187 
IK3 C9  H9   sing N N 188 
IK3 C12 H10  sing N N 189 
IK3 N1  H11  sing N N 190 
IK3 N2  H12  sing N N 191 
IK3 C3  H13  sing N N 192 
IK3 C3  H14  sing N N 193 
IK3 C1  H15  sing N N 194 
IK3 C1  H16  sing N N 195 
IK3 C2  H17  sing N N 196 
IK3 O2  H18  sing N N 197 
ILE N   CA   sing N N 198 
ILE N   H    sing N N 199 
ILE N   H2   sing N N 200 
ILE CA  C    sing N N 201 
ILE CA  CB   sing N N 202 
ILE CA  HA   sing N N 203 
ILE C   O    doub N N 204 
ILE C   OXT  sing N N 205 
ILE CB  CG1  sing N N 206 
ILE CB  CG2  sing N N 207 
ILE CB  HB   sing N N 208 
ILE CG1 CD1  sing N N 209 
ILE CG1 HG12 sing N N 210 
ILE CG1 HG13 sing N N 211 
ILE CG2 HG21 sing N N 212 
ILE CG2 HG22 sing N N 213 
ILE CG2 HG23 sing N N 214 
ILE CD1 HD11 sing N N 215 
ILE CD1 HD12 sing N N 216 
ILE CD1 HD13 sing N N 217 
ILE OXT HXT  sing N N 218 
LEU N   CA   sing N N 219 
LEU N   H    sing N N 220 
LEU N   H2   sing N N 221 
LEU CA  C    sing N N 222 
LEU CA  CB   sing N N 223 
LEU CA  HA   sing N N 224 
LEU C   O    doub N N 225 
LEU C   OXT  sing N N 226 
LEU CB  CG   sing N N 227 
LEU CB  HB2  sing N N 228 
LEU CB  HB3  sing N N 229 
LEU CG  CD1  sing N N 230 
LEU CG  CD2  sing N N 231 
LEU CG  HG   sing N N 232 
LEU CD1 HD11 sing N N 233 
LEU CD1 HD12 sing N N 234 
LEU CD1 HD13 sing N N 235 
LEU CD2 HD21 sing N N 236 
LEU CD2 HD22 sing N N 237 
LEU CD2 HD23 sing N N 238 
LEU OXT HXT  sing N N 239 
LYS N   CA   sing N N 240 
LYS N   H    sing N N 241 
LYS N   H2   sing N N 242 
LYS CA  C    sing N N 243 
LYS CA  CB   sing N N 244 
LYS CA  HA   sing N N 245 
LYS C   O    doub N N 246 
LYS C   OXT  sing N N 247 
LYS CB  CG   sing N N 248 
LYS CB  HB2  sing N N 249 
LYS CB  HB3  sing N N 250 
LYS CG  CD   sing N N 251 
LYS CG  HG2  sing N N 252 
LYS CG  HG3  sing N N 253 
LYS CD  CE   sing N N 254 
LYS CD  HD2  sing N N 255 
LYS CD  HD3  sing N N 256 
LYS CE  NZ   sing N N 257 
LYS CE  HE2  sing N N 258 
LYS CE  HE3  sing N N 259 
LYS NZ  HZ1  sing N N 260 
LYS NZ  HZ2  sing N N 261 
LYS NZ  HZ3  sing N N 262 
LYS OXT HXT  sing N N 263 
MET N   CA   sing N N 264 
MET N   H    sing N N 265 
MET N   H2   sing N N 266 
MET CA  C    sing N N 267 
MET CA  CB   sing N N 268 
MET CA  HA   sing N N 269 
MET C   O    doub N N 270 
MET C   OXT  sing N N 271 
MET CB  CG   sing N N 272 
MET CB  HB2  sing N N 273 
MET CB  HB3  sing N N 274 
MET CG  SD   sing N N 275 
MET CG  HG2  sing N N 276 
MET CG  HG3  sing N N 277 
MET SD  CE   sing N N 278 
MET CE  HE1  sing N N 279 
MET CE  HE2  sing N N 280 
MET CE  HE3  sing N N 281 
MET OXT HXT  sing N N 282 
PHE N   CA   sing N N 283 
PHE N   H    sing N N 284 
PHE N   H2   sing N N 285 
PHE CA  C    sing N N 286 
PHE CA  CB   sing N N 287 
PHE CA  HA   sing N N 288 
PHE C   O    doub N N 289 
PHE C   OXT  sing N N 290 
PHE CB  CG   sing N N 291 
PHE CB  HB2  sing N N 292 
PHE CB  HB3  sing N N 293 
PHE CG  CD1  doub Y N 294 
PHE CG  CD2  sing Y N 295 
PHE CD1 CE1  sing Y N 296 
PHE CD1 HD1  sing N N 297 
PHE CD2 CE2  doub Y N 298 
PHE CD2 HD2  sing N N 299 
PHE CE1 CZ   doub Y N 300 
PHE CE1 HE1  sing N N 301 
PHE CE2 CZ   sing Y N 302 
PHE CE2 HE2  sing N N 303 
PHE CZ  HZ   sing N N 304 
PHE OXT HXT  sing N N 305 
PRO N   CA   sing N N 306 
PRO N   CD   sing N N 307 
PRO N   H    sing N N 308 
PRO CA  C    sing N N 309 
PRO CA  CB   sing N N 310 
PRO CA  HA   sing N N 311 
PRO C   O    doub N N 312 
PRO C   OXT  sing N N 313 
PRO CB  CG   sing N N 314 
PRO CB  HB2  sing N N 315 
PRO CB  HB3  sing N N 316 
PRO CG  CD   sing N N 317 
PRO CG  HG2  sing N N 318 
PRO CG  HG3  sing N N 319 
PRO CD  HD2  sing N N 320 
PRO CD  HD3  sing N N 321 
PRO OXT HXT  sing N N 322 
SER N   CA   sing N N 323 
SER N   H    sing N N 324 
SER N   H2   sing N N 325 
SER CA  C    sing N N 326 
SER CA  CB   sing N N 327 
SER CA  HA   sing N N 328 
SER C   O    doub N N 329 
SER C   OXT  sing N N 330 
SER CB  OG   sing N N 331 
SER CB  HB2  sing N N 332 
SER CB  HB3  sing N N 333 
SER OG  HG   sing N N 334 
SER OXT HXT  sing N N 335 
SO4 S   O1   doub N N 336 
SO4 S   O2   doub N N 337 
SO4 S   O3   sing N N 338 
SO4 S   O4   sing N N 339 
THR N   CA   sing N N 340 
THR N   H    sing N N 341 
THR N   H2   sing N N 342 
THR CA  C    sing N N 343 
THR CA  CB   sing N N 344 
THR CA  HA   sing N N 345 
THR C   O    doub N N 346 
THR C   OXT  sing N N 347 
THR CB  OG1  sing N N 348 
THR CB  CG2  sing N N 349 
THR CB  HB   sing N N 350 
THR OG1 HG1  sing N N 351 
THR CG2 HG21 sing N N 352 
THR CG2 HG22 sing N N 353 
THR CG2 HG23 sing N N 354 
THR OXT HXT  sing N N 355 
TYR N   CA   sing N N 356 
TYR N   H    sing N N 357 
TYR N   H2   sing N N 358 
TYR CA  C    sing N N 359 
TYR CA  CB   sing N N 360 
TYR CA  HA   sing N N 361 
TYR C   O    doub N N 362 
TYR C   OXT  sing N N 363 
TYR CB  CG   sing N N 364 
TYR CB  HB2  sing N N 365 
TYR CB  HB3  sing N N 366 
TYR CG  CD1  doub Y N 367 
TYR CG  CD2  sing Y N 368 
TYR CD1 CE1  sing Y N 369 
TYR CD1 HD1  sing N N 370 
TYR CD2 CE2  doub Y N 371 
TYR CD2 HD2  sing N N 372 
TYR CE1 CZ   doub Y N 373 
TYR CE1 HE1  sing N N 374 
TYR CE2 CZ   sing Y N 375 
TYR CE2 HE2  sing N N 376 
TYR CZ  OH   sing N N 377 
TYR OH  HH   sing N N 378 
TYR OXT HXT  sing N N 379 
VAL N   CA   sing N N 380 
VAL N   H    sing N N 381 
VAL N   H2   sing N N 382 
VAL CA  C    sing N N 383 
VAL CA  CB   sing N N 384 
VAL CA  HA   sing N N 385 
VAL C   O    doub N N 386 
VAL C   OXT  sing N N 387 
VAL CB  CG1  sing N N 388 
VAL CB  CG2  sing N N 389 
VAL CB  HB   sing N N 390 
VAL CG1 HG11 sing N N 391 
VAL CG1 HG12 sing N N 392 
VAL CG1 HG13 sing N N 393 
VAL CG2 HG21 sing N N 394 
VAL CG2 HG22 sing N N 395 
VAL CG2 HG23 sing N N 396 
VAL OXT HXT  sing N N 397 
# 
loop_
_pdbx_audit_support.funding_organization 
_pdbx_audit_support.country 
_pdbx_audit_support.grant_number 
_pdbx_audit_support.ordinal 
'Cancer Research UK' 'United Kingdom' C57659/A27310 1 
'Cancer Research UK' 'United Kingdom' C1362/A20263  2 
'Cancer Research UK' 'United Kingdom' C2215/A21421  3 
# 
_pdbx_initial_refinement_model.id               1 
_pdbx_initial_refinement_model.entity_id_list   ? 
_pdbx_initial_refinement_model.type             'experimental model' 
_pdbx_initial_refinement_model.source_name      PDB 
_pdbx_initial_refinement_model.accession_code   3DAI 
_pdbx_initial_refinement_model.details          ? 
# 
_atom_sites.entry_id                    7Z9O 
_atom_sites.Cartn_transf_matrix[1][1]   ? 
_atom_sites.Cartn_transf_matrix[1][2]   ? 
_atom_sites.Cartn_transf_matrix[1][3]   ? 
_atom_sites.Cartn_transf_matrix[2][1]   ? 
_atom_sites.Cartn_transf_matrix[2][2]   ? 
_atom_sites.Cartn_transf_matrix[2][3]   ? 
_atom_sites.Cartn_transf_matrix[3][1]   ? 
_atom_sites.Cartn_transf_matrix[3][2]   ? 
_atom_sites.Cartn_transf_matrix[3][3]   ? 
_atom_sites.Cartn_transf_vector[1]      ? 
_atom_sites.Cartn_transf_vector[2]      ? 
_atom_sites.Cartn_transf_vector[3]      ? 
_atom_sites.fract_transf_matrix[1][1]   -0.00287794 
_atom_sites.fract_transf_matrix[1][2]   -0.00045640 
_atom_sites.fract_transf_matrix[1][3]   -0.01426743 
_atom_sites.fract_transf_matrix[2][1]   -0.00636304 
_atom_sites.fract_transf_matrix[2][2]   0.01136511 
_atom_sites.fract_transf_matrix[2][3]   -0.00651137 
_atom_sites.fract_transf_matrix[3][1]   0.00649731 
_atom_sites.fract_transf_matrix[3][2]   0.00283485 
_atom_sites.fract_transf_matrix[3][3]   -0.00140128 
_atom_sites.fract_transf_vector[1]      0.138484 
_atom_sites.fract_transf_vector[2]      0.598574 
_atom_sites.fract_transf_vector[3]      0.026137 
_atom_sites.solution_primary            ? 
_atom_sites.solution_secondary          ? 
_atom_sites.solution_hydrogens          ? 
_atom_sites.special_details             ? 
# 
loop_
_atom_type.symbol 
_atom_type.pdbx_scat_Z 
_atom_type.pdbx_N_electrons 
_atom_type.scat_Cromer_Mann_a1 
_atom_type.scat_Cromer_Mann_b1 
_atom_type.scat_Cromer_Mann_a2 
_atom_type.scat_Cromer_Mann_b2 
_atom_type.scat_Cromer_Mann_a3 
_atom_type.scat_Cromer_Mann_b3 
_atom_type.scat_Cromer_Mann_a4 
_atom_type.scat_Cromer_Mann_b4 
_atom_type.scat_Cromer_Mann_c 
C  6  6  2.310  20.844 1.020 10.208 1.589 0.569  0.865 51.651 0.216   
CL 17 17 11.460 0.010  7.196 1.166  6.255 18.519 1.645 47.778 -9.345  
N  7  7  12.222 0.006  3.135 9.893  2.014 28.997 1.167 0.583  -11.538 
O  8  8  3.049  13.277 2.287 5.701  1.546 0.324  0.867 32.909 0.251   
S  16 16 6.905  1.468  5.203 22.215 1.438 0.254  1.586 56.172 1.049   
# 
loop_
_atom_site.group_PDB 
_atom_site.id 
_atom_site.type_symbol 
_atom_site.label_atom_id 
_atom_site.label_alt_id 
_atom_site.label_comp_id 
_atom_site.label_asym_id 
_atom_site.label_entity_id 
_atom_site.label_seq_id 
_atom_site.pdbx_PDB_ins_code 
_atom_site.Cartn_x 
_atom_site.Cartn_y 
_atom_site.Cartn_z 
_atom_site.occupancy 
_atom_site.B_iso_or_equiv 
_atom_site.pdbx_formal_charge 
_atom_site.auth_seq_id 
_atom_site.auth_comp_id 
_atom_site.auth_asym_id 
_atom_site.auth_atom_id 
_atom_site.pdbx_PDB_model_num 
_atom_site.calc_flag 
ATOM   1    N  N   . SER A 1 1   ? -7.795  -11.595 -23.079 1.000 45.711  ? 979  SER AAA N   1 ? 
ATOM   2    C  CA  . SER A 1 1   ? -9.135  -12.171 -23.209 1.000 46.326  ? 979  SER AAA CA  1 ? 
ATOM   3    C  C   . SER A 1 1   ? -10.045 -11.537 -22.164 1.000 52.685  ? 979  SER AAA C   1 ? 
ATOM   4    O  O   . SER A 1 1   ? -9.570  -10.954 -21.187 1.000 44.672  ? 979  SER AAA O   1 ? 
ATOM   5    C  CB  . SER A 1 1   ? -9.063  -13.653 -22.996 1.000 50.591  ? 979  SER AAA CB  1 ? 
ATOM   6    O  OG  . SER A 1 1   ? -8.679  -13.938 -21.652 1.000 46.660  ? 979  SER AAA OG  1 ? 
ATOM   7    N  N   . MET A 1 2   ? -11.350 -11.708 -22.344 1.000 46.450  ? 980  MET AAA N   1 ? 
ATOM   8    C  CA  . MET A 1 2   ? -12.288 -11.243 -21.337 1.000 49.247  ? 980  MET AAA CA  1 ? 
ATOM   9    C  C   . MET A 1 2   ? -12.044 -11.965 -20.011 1.000 40.539  ? 980  MET AAA C   1 ? 
ATOM   10   O  O   . MET A 1 2   ? -12.210 -11.352 -18.969 1.000 41.119  ? 980  MET AAA O   1 ? 
ATOM   11   C  CB  . MET A 1 2   ? -13.757 -11.377 -21.772 1.000 62.273  ? 980  MET AAA CB  1 ? 
ATOM   12   C  CG  . MET A 1 2   ? -14.310 -12.801 -21.792 1.000 83.226  ? 980  MET AAA CG  1 ? 
ATOM   13   S  SD  . MET A 1 2   ? -15.193 -13.305 -20.274 1.000 118.999 ? 980  MET AAA SD  1 ? 
ATOM   14   C  CE  . MET A 1 2   ? -15.685 -14.977 -20.700 1.000 96.838  ? 980  MET AAA CE  1 ? 
ATOM   15   N  N   . GLN A 1 3   ? -11.649 -13.243 -20.031 1.000 38.075  ? 981  GLN AAA N   1 ? 
ATOM   16   C  CA  . GLN A 1 3   ? -11.460 -13.951 -18.778 1.000 38.480  ? 981  GLN AAA CA  1 ? 
ATOM   17   C  C   . GLN A 1 3   ? -10.296 -13.320 -17.999 1.000 38.220  ? 981  GLN AAA C   1 ? 
ATOM   18   O  O   . GLN A 1 3   ? -10.320 -13.286 -16.770 1.000 34.418  ? 981  GLN AAA O   1 ? 
ATOM   19   C  CB  . GLN A 1 3   ? -11.160 -15.430 -19.034 1.000 45.637  ? 981  GLN AAA CB  1 ? 
ATOM   20   C  CG  . GLN A 1 3   ? -12.342 -16.199 -19.619 1.000 48.348  ? 981  GLN AAA CG  1 ? 
ATOM   21   C  CD  . GLN A 1 3   ? -12.211 -16.448 -21.107 1.000 56.566  ? 981  GLN AAA CD  1 ? 
ATOM   22   O  OE1 . GLN A 1 3   ? -12.399 -17.569 -21.578 1.000 61.447  ? 981  GLN AAA OE1 1 ? 
ATOM   23   N  NE2 . GLN A 1 3   ? -11.899 -15.408 -21.867 1.000 49.987  ? 981  GLN AAA NE2 1 ? 
ATOM   24   N  N   . GLU A 1 4   ? -9.233  -12.921 -18.694 1.000 33.063  ? 982  GLU AAA N   1 ? 
ATOM   25   C  CA  . GLU A 1 4   ? -8.101  -12.272 -18.029 1.000 29.003  ? 982  GLU AAA CA  1 ? 
ATOM   26   C  C   . GLU A 1 4   ? -8.557  -10.917 -17.518 1.000 28.691  ? 982  GLU AAA C   1 ? 
ATOM   27   O  O   . GLU A 1 4   ? -8.097  -10.511 -16.431 1.000 24.412  ? 982  GLU AAA O   1 ? 
ATOM   28   C  CB  . GLU A 1 4   ? -6.933  -12.087 -18.997 1.000 32.591  ? 982  GLU AAA CB  1 ? 
ATOM   29   C  CG  . GLU A 1 4   ? -6.338  -13.450 -19.279 1.000 34.963  ? 982  GLU AAA CG  1 ? 
ATOM   30   C  CD  . GLU A 1 4   ? -5.296  -13.410 -20.386 1.000 44.939  ? 982  GLU AAA CD  1 ? 
ATOM   31   O  OE1 . GLU A 1 4   ? -5.275  -12.399 -21.118 1.000 43.736  ? 982  GLU AAA OE1 1 ? 
ATOM   32   O  OE2 . GLU A 1 4   ? -4.474  -14.352 -20.458 1.000 37.343  ? 982  GLU AAA OE2 1 ? 
ATOM   33   N  N   . GLU A 1 5   ? -9.359  -10.171 -18.277 1.000 28.690  ? 983  GLU AAA N   1 ? 
ATOM   34   C  CA  . GLU A 1 5   ? -9.864  -8.897  -17.783 1.000 28.782  ? 983  GLU AAA CA  1 ? 
ATOM   35   C  C   . GLU A 1 5   ? -10.686 -9.122  -16.502 1.000 28.258  ? 983  GLU AAA C   1 ? 
ATOM   36   O  O   . GLU A 1 5   ? -10.650 -8.284  -15.611 1.000 25.958  ? 983  GLU AAA O   1 ? 
ATOM   37   C  CB  . GLU A 1 5   ? -10.739 -8.132  -18.779 1.000 36.266  ? 983  GLU AAA CB  1 ? 
ATOM   38   C  CG  . GLU A 1 5   ? -9.950  -7.583  -19.949 1.000 50.433  ? 983  GLU AAA CG  1 ? 
ATOM   39   C  CD  . GLU A 1 5   ? -8.595  -6.664  -19.774 1.000 73.202  ? 983  GLU AAA CD  1 ? 
ATOM   40   O  OE1 . GLU A 1 5   ? -7.136  -7.069  -20.407 1.000 75.416  ? 983  GLU AAA OE1 1 ? 
ATOM   41   O  OE2 . GLU A 1 5   ? -8.959  -6.107  -18.132 1.000 78.237  ? 983  GLU AAA OE2 1 ? 
ATOM   42   N  N   . ASP A 1 6   ? -11.511 -10.157 -16.478 1.000 25.326  ? 984  ASP AAA N   1 ? 
ATOM   43   C  CA  . ASP A 1 6   ? -12.277 -10.502 -15.287 1.000 26.313  ? 984  ASP AAA CA  1 ? 
ATOM   44   C  C   . ASP A 1 6   ? -11.293 -10.738 -14.123 1.000 25.653  ? 984  ASP AAA C   1 ? 
ATOM   45   O  O   . ASP A 1 6   ? -11.655 -10.463 -12.968 1.000 23.202  ? 984  ASP AAA O   1 ? 
ATOM   46   C  CB  . ASP A 1 6   ? -13.088 -11.775 -15.519 1.000 31.600  ? 984  ASP AAA CB  1 ? 
ATOM   47   C  CG  . ASP A 1 6   ? -14.320 -11.643 -16.411 1.000 40.568  ? 984  ASP AAA CG  1 ? 
ATOM   48   O  OD1 . ASP A 1 6   ? -14.749 -10.535 -16.653 1.000 39.452  ? 984  ASP AAA OD1 1 ? 
ATOM   49   O  OD2 . ASP A 1 6   ? -14.809 -12.701 -16.893 1.000 51.737  ? 984  ASP AAA OD2 1 ? 
ATOM   50   N  N   . THR A 1 7   ? -10.196 -11.461 -14.345 1.000 22.872  ? 985  THR AAA N   1 ? 
ATOM   51   C  CA  . THR A 1 7   ? -9.240  -11.772 -13.272 1.000 20.807  ? 985  THR AAA CA  1 ? 
ATOM   52   C  C   . THR A 1 7   ? -8.716  -10.450 -12.704 1.000 21.725  ? 985  THR AAA C   1 ? 
ATOM   53   O  O   . THR A 1 7   ? -8.704  -10.272 -11.457 1.000 19.490  ? 985  THR AAA O   1 ? 
ATOM   54   C  CB  . THR A 1 7   ? -8.065  -12.618 -13.791 1.000 21.779  ? 985  THR AAA CB  1 ? 
ATOM   55   O  OG1 . THR A 1 7   ? -8.613  -13.873 -14.236 1.000 26.671  ? 985  THR AAA OG1 1 ? 
ATOM   56   C  CG2 . THR A 1 7   ? -7.040  -12.920 -12.730 1.000 22.829  ? 985  THR AAA CG2 1 ? 
ATOM   57   N  N   . PHE A 1 8   ? -8.307  -9.520  -13.567 1.000 21.504  ? 986  PHE AAA N   1 ? 
ATOM   58   C  CA  . PHE A 1 8   ? -7.751  -8.270  -13.055 1.000 21.201  ? 986  PHE AAA CA  1 ? 
ATOM   59   C  C   . PHE A 1 8   ? -8.838  -7.486  -12.344 1.000 19.798  ? 986  PHE AAA C   1 ? 
ATOM   60   O  O   . PHE A 1 8   ? -8.526  -6.733  -11.401 1.000 20.377  ? 986  PHE AAA O   1 ? 
ATOM   61   C  CB  . PHE A 1 8   ? -7.023  -7.477  -14.149 1.000 21.384  ? 986  PHE AAA CB  1 ? 
ATOM   62   C  CG  . PHE A 1 8   ? -5.745  -8.149  -14.570 1.000 25.415  ? 986  PHE AAA CG  1 ? 
ATOM   63   C  CD1 . PHE A 1 8   ? -4.802  -8.670  -13.685 1.000 26.888  ? 986  PHE AAA CD1 1 ? 
ATOM   64   C  CD2 . PHE A 1 8   ? -5.477  -8.270  -15.932 1.000 29.975  ? 986  PHE AAA CD2 1 ? 
ATOM   65   C  CE1 . PHE A 1 8   ? -3.599  -9.248  -14.115 1.000 27.405  ? 986  PHE AAA CE1 1 ? 
ATOM   66   C  CE2 . PHE A 1 8   ? -4.268  -8.806  -16.358 1.000 27.482  ? 986  PHE AAA CE2 1 ? 
ATOM   67   C  CZ  . PHE A 1 8   ? -3.341  -9.313  -15.484 1.000 29.067  ? 986  PHE AAA CZ  1 ? 
ATOM   68   N  N   . ARG A 1 9   ? -10.072 -7.524  -12.809 1.000 19.490  ? 987  ARG AAA N   1 ? 
ATOM   69   C  CA  . ARG A 1 9   ? -11.127 -6.781  -12.133 1.000 18.891  ? 987  ARG AAA CA  1 ? 
ATOM   70   C  C   . ARG A 1 9   ? -11.306 -7.356  -10.709 1.000 19.603  ? 987  ARG AAA C   1 ? 
ATOM   71   O  O   . ARG A 1 9   ? -11.466 -6.551  -9.777  1.000 19.628  ? 987  ARG AAA O   1 ? 
ATOM   72   C  CB  . ARG A 1 9   ? -12.427 -6.835  -12.920 1.000 23.531  ? 987  ARG AAA CB  1 ? 
ATOM   73   C  CG  . ARG A 1 9   ? -13.479 -5.939  -12.317 1.000 24.776  ? 987  ARG AAA CG  1 ? 
ATOM   74   C  CD  . ARG A 1 9   ? -14.585 -5.630  -13.341 1.000 28.008  ? 987  ARG AAA CD  1 ? 
ATOM   75   N  NE  . ARG A 1 9   ? -15.526 -4.780  -12.618 1.000 37.672  ? 987  ARG AAA NE  1 ? 
ATOM   76   C  CZ  . ARG A 1 9   ? -16.643 -5.208  -11.981 1.000 35.210  ? 987  ARG AAA CZ  1 ? 
ATOM   77   N  NH1 . ARG A 1 9   ? -16.969 -6.510  -11.889 1.000 34.073  ? 987  ARG AAA NH1 1 ? 
ATOM   78   N  NH2 . ARG A 1 9   ? -17.386 -4.287  -11.374 1.000 41.031  ? 987  ARG AAA NH2 1 ? 
ATOM   79   N  N   . GLU A 1 10  ? -11.292 -8.680  -10.578 1.000 18.956  ? 988  GLU AAA N   1 ? 
ATOM   80   C  CA  . GLU A 1 10  ? -11.401 -9.282  -9.227  1.000 16.719  ? 988  GLU AAA CA  1 ? 
ATOM   81   C  C   . GLU A 1 10  ? -10.207 -8.831  -8.361  1.000 17.842  ? 988  GLU AAA C   1 ? 
ATOM   82   O  O   . GLU A 1 10  ? -10.415 -8.491  -7.172  1.000 17.622  ? 988  GLU AAA O   1 ? 
ATOM   83   C  CB  . GLU A 1 10  ? -11.493 -10.806 -9.304  1.000 18.679  ? 988  GLU AAA CB  1 ? 
ATOM   84   C  CG  . GLU A 1 10  ? -11.484 -11.417 -7.933  1.000 18.930  ? 988  GLU AAA CG  1 ? 
ATOM   85   C  CD  . GLU A 1 10  ? -11.996 -12.835 -7.862  1.000 24.169  ? 988  GLU AAA CD  1 ? 
ATOM   86   O  OE1 . GLU A 1 10  ? -11.952 -13.420 -6.737  1.000 24.152  ? 988  GLU AAA OE1 1 ? 
ATOM   87   O  OE2 . GLU A 1 10  ? -12.385 -13.404 -8.935  1.000 26.505  ? 988  GLU AAA OE2 1 ? 
ATOM   88   N  N   . LEU A 1 11  ? -9.020  -8.764  -8.918  1.000 17.027  ? 989  LEU AAA N   1 ? 
ATOM   89   C  CA  . LEU A 1 11  ? -7.853  -8.282  -8.172  1.000 15.412  ? 989  LEU AAA CA  1 ? 
ATOM   90   C  C   . LEU A 1 11  ? -8.126  -6.862  -7.697  1.000 17.413  ? 989  LEU AAA C   1 ? 
ATOM   91   O  O   . LEU A 1 11  ? -7.900  -6.560  -6.505  1.000 17.156  ? 989  LEU AAA O   1 ? 
ATOM   92   C  CB  . LEU A 1 11  ? -6.609  -8.307  -9.081  1.000 17.609  ? 989  LEU AAA CB  1 ? 
ATOM   93   C  CG  . LEU A 1 11  ? -5.390  -7.665  -8.391  1.000 20.024  ? 989  LEU AAA CG  1 ? 
ATOM   94   C  CD1 . LEU A 1 11  ? -4.946  -8.462  -7.165  1.000 21.338  ? 989  LEU AAA CD1 1 ? 
ATOM   95   C  CD2 . LEU A 1 11  ? -4.259  -7.579  -9.432  1.000 23.040  ? 989  LEU AAA CD2 1 ? 
ATOM   96   N  N   . ARG A 1 12  ? -8.617  -5.982  -8.589  1.000 16.799  ? 990  ARG AAA N   1 ? 
ATOM   97   C  CA  . ARG A 1 12  ? -8.853  -4.602  -8.124  1.000 17.451  ? 990  ARG AAA CA  1 ? 
ATOM   98   C  C   . ARG A 1 12  ? -9.911  -4.547  -7.027  1.000 16.845  ? 990  ARG AAA C   1 ? 
ATOM   99   O  O   . ARG A 1 12  ? -9.747  -3.729  -6.081  1.000 16.825  ? 990  ARG AAA O   1 ? 
ATOM   100  C  CB  . ARG A 1 12  ? -9.334  -3.719  -9.289  1.000 17.647  ? 990  ARG AAA CB  1 ? 
ATOM   101  C  CG  . ARG A 1 12  ? -8.199  -3.542  -10.290 1.000 18.673  ? 990  ARG AAA CG  1 ? 
ATOM   102  C  CD  . ARG A 1 12  ? -8.573  -2.490  -11.359 1.000 20.424  ? 990  ARG AAA CD  1 ? 
ATOM   103  N  NE  . ARG A 1 12  ? -9.777  -2.785  -12.157 1.000 20.466  ? 990  ARG AAA NE  1 ? 
ATOM   104  C  CZ  . ARG A 1 12  ? -9.710  -3.449  -13.325 1.000 22.138  ? 990  ARG AAA CZ  1 ? 
ATOM   105  N  NH1 . ARG A 1 12  ? -8.588  -4.002  -13.763 1.000 22.572  ? 990  ARG AAA NH1 1 ? 
ATOM   106  N  NH2 . ARG A 1 12  ? -10.856 -3.630  -13.962 1.000 24.547  ? 990  ARG AAA NH2 1 ? 
ATOM   107  N  N   . ILE A 1 13  ? -10.996 -5.339  -7.105  1.000 16.193  ? 991  ILE AAA N   1 ? 
ATOM   108  C  CA  . ILE A 1 13  ? -12.015 -5.304  -6.045  1.000 15.651  ? 991  ILE AAA CA  1 ? 
ATOM   109  C  C   . ILE A 1 13  ? -11.345 -5.780  -4.729  1.000 17.011  ? 991  ILE AAA C   1 ? 
ATOM   110  O  O   . ILE A 1 13  ? -11.574 -5.131  -3.681  1.000 16.474  ? 991  ILE AAA O   1 ? 
ATOM   111  C  CB  . ILE A 1 13  ? -13.152 -6.236  -6.487  1.000 17.528  ? 991  ILE AAA CB  1 ? 
ATOM   112  C  CG1 . ILE A 1 13  ? -13.843 -5.559  -7.694  1.000 22.032  ? 991  ILE AAA CG1 1 ? 
ATOM   113  C  CG2 . ILE A 1 13  ? -14.095 -6.475  -5.298  1.000 19.163  ? 991  ILE AAA CG2 1 ? 
ATOM   114  C  CD1 . ILE A 1 13  ? -14.754 -6.546  -8.480  1.000 22.265  ? 991  ILE AAA CD1 1 ? 
ATOM   115  N  N   . PHE A 1 14  ? -10.544 -6.830  -4.777  1.000 15.899  ? 992  PHE AAA N   1 ? 
ATOM   116  C  CA  . PHE A 1 14  ? -9.867  -7.331  -3.572  1.000 15.904  ? 992  PHE AAA CA  1 ? 
ATOM   117  C  C   . PHE A 1 14  ? -8.970  -6.220  -3.026  1.000 16.817  ? 992  PHE AAA C   1 ? 
ATOM   118  O  O   . PHE A 1 14  ? -9.007  -5.984  -1.779  1.000 16.517  ? 992  PHE AAA O   1 ? 
ATOM   119  C  CB  . PHE A 1 14  ? -9.070  -8.597  -3.905  1.000 17.054  ? 992  PHE AAA CB  1 ? 
ATOM   120  C  CG  . PHE A 1 14  ? -8.215  -9.106  -2.780  1.000 18.596  ? 992  PHE AAA CG  1 ? 
ATOM   121  C  CD1 . PHE A 1 14  ? -8.834  -9.717  -1.704  1.000 22.296  ? 992  PHE AAA CD1 1 ? 
ATOM   122  C  CD2 . PHE A 1 14  ? -6.853  -8.915  -2.841  1.000 21.436  ? 992  PHE AAA CD2 1 ? 
ATOM   123  C  CE1 . PHE A 1 14  ? -8.040  -10.161 -0.628  1.000 22.806  ? 992  PHE AAA CE1 1 ? 
ATOM   124  C  CE2 . PHE A 1 14  ? -6.051  -9.376  -1.777  1.000 21.779  ? 992  PHE AAA CE2 1 ? 
ATOM   125  C  CZ  . PHE A 1 14  ? -6.674  -10.029 -0.749  1.000 20.910  ? 992  PHE AAA CZ  1 ? 
ATOM   126  N  N   . LEU A 1 15  ? -8.133  -5.597  -3.879  1.000 16.061  ? 993  LEU AAA N   1 ? 
ATOM   127  C  CA  . LEU A 1 15  ? -7.185  -4.594  -3.355  1.000 15.644  ? 993  LEU AAA CA  1 ? 
ATOM   128  C  C   . LEU A 1 15  ? -7.938  -3.379  -2.817  1.000 15.253  ? 993  LEU AAA C   1 ? 
ATOM   129  O  O   . LEU A 1 15  ? -7.461  -2.763  -1.819  1.000 16.414  ? 993  LEU AAA O   1 ? 
ATOM   130  C  CB  . LEU A 1 15  ? -6.193  -4.162  -4.424  1.000 17.157  ? 993  LEU AAA CB  1 ? 
ATOM   131  C  CG  . LEU A 1 15  ? -5.286  -5.277  -4.928  1.000 17.622  ? 993  LEU AAA CG  1 ? 
ATOM   132  C  CD1 . LEU A 1 15  ? -4.408  -4.684  -6.066  1.000 19.355  ? 993  LEU AAA CD1 1 ? 
ATOM   133  C  CD2 . LEU A 1 15  ? -4.456  -5.889  -3.776  1.000 19.357  ? 993  LEU AAA CD2 1 ? 
ATOM   134  N  N   . ARG A 1 16  ? -9.052  -2.928  -3.423  1.000 16.006  ? 994  ARG AAA N   1 ? 
ATOM   135  C  CA  . ARG A 1 16  ? -9.791  -1.794  -2.894  1.000 16.460  ? 994  ARG AAA CA  1 ? 
ATOM   136  C  C   . ARG A 1 16  ? -10.324 -2.159  -1.505  1.000 16.574  ? 994  ARG AAA C   1 ? 
ATOM   137  O  O   . ARG A 1 16  ? -10.346 -1.273  -0.604  1.000 18.656  ? 994  ARG AAA O   1 ? 
ATOM   138  C  CB  . ARG A 1 16  ? -11.010 -1.347  -3.735  1.000 19.939  ? 994  ARG AAA CB  1 ? 
ATOM   139  C  CG  . ARG A 1 16  ? -10.612 -0.718  -5.045  1.000 23.690  ? 994  ARG AAA CG  1 ? 
ATOM   140  C  CD  . ARG A 1 16  ? -11.933 -0.064  -5.581  1.000 21.409  ? 994  ARG AAA CD  1 ? 
ATOM   141  N  NE  . ARG A 1 16  ? -11.553 0.128   -6.948  1.000 22.961  ? 994  ARG AAA NE  1 ? 
ATOM   142  C  CZ  . ARG A 1 16  ? -11.728 -0.696  -7.944  1.000 21.596  ? 994  ARG AAA CZ  1 ? 
ATOM   143  N  NH1 . ARG A 1 16  ? -12.442 -1.810  -7.845  1.000 20.633  ? 994  ARG AAA NH1 1 ? 
ATOM   144  N  NH2 . ARG A 1 16  ? -11.186 -0.374  -9.100  1.000 26.888  ? 994  ARG AAA NH2 1 ? 
ATOM   145  N  N   . ASN A 1 17  ? -10.793 -3.397  -1.306  1.000 16.080  ? 995  ASN AAA N   1 ? 
ATOM   146  C  CA  . ASN A 1 17  ? -11.360 -3.767  0.012   1.000 15.729  ? 995  ASN AAA CA  1 ? 
ATOM   147  C  C   . ASN A 1 17  ? -10.230 -3.804  1.055   1.000 16.969  ? 995  ASN AAA C   1 ? 
ATOM   148  O  O   . ASN A 1 17  ? -10.466 -3.248  2.144   1.000 17.251  ? 995  ASN AAA O   1 ? 
ATOM   149  C  CB  . ASN A 1 17  ? -12.056 -5.127  -0.144  1.000 17.826  ? 995  ASN AAA CB  1 ? 
ATOM   150  C  CG  . ASN A 1 17  ? -12.551 -5.574  1.213   1.000 22.688  ? 995  ASN AAA CG  1 ? 
ATOM   151  O  OD1 . ASN A 1 17  ? -11.849 -6.307  1.794   1.000 22.720  ? 995  ASN AAA OD1 1 ? 
ATOM   152  N  ND2 . ASN A 1 17  ? -13.650 -5.048  1.718   1.000 25.092  ? 995  ASN AAA ND2 1 ? 
ATOM   153  N  N   . VAL A 1 18  ? -9.070  -4.373  0.760   1.000 16.447  ? 996  VAL AAA N   1 ? 
ATOM   154  C  CA  . VAL A 1 18  ? -7.981  -4.385  1.743   1.000 16.667  ? 996  VAL AAA CA  1 ? 
ATOM   155  C  C   . VAL A 1 18  ? -7.640  -2.916  2.069   1.000 16.212  ? 996  VAL AAA C   1 ? 
ATOM   156  O  O   . VAL A 1 18  ? -7.483  -2.539  3.240   1.000 17.693  ? 996  VAL AAA O   1 ? 
ATOM   157  C  CB  . VAL A 1 18  ? -6.749  -5.114  1.200   1.000 16.800  ? 996  VAL AAA CB  1 ? 
ATOM   158  C  CG1 . VAL A 1 18  ? -5.519  -5.007  2.151   1.000 18.908  ? 996  VAL AAA CG1 1 ? 
ATOM   159  C  CG2 . VAL A 1 18  ? -7.128  -6.581  0.936   1.000 18.383  ? 996  VAL AAA CG2 1 ? 
ATOM   160  N  N   . THR A 1 19  ? -7.526  -2.064  1.036   1.000 16.261  ? 997  THR AAA N   1 ? 
ATOM   161  C  CA  . THR A 1 19  ? -7.045  -0.686  1.264   1.000 15.644  ? 997  THR AAA CA  1 ? 
ATOM   162  C  C   . THR A 1 19  ? -8.085  0.069   2.086   1.000 18.749  ? 997  THR AAA C   1 ? 
ATOM   163  O  O   . THR A 1 19  ? -7.679  0.862   2.968   1.000 18.512  ? 997  THR AAA O   1 ? 
ATOM   164  C  CB  . THR A 1 19  ? -6.801  0.001   -0.083  1.000 17.237  ? 997  THR AAA CB  1 ? 
ATOM   165  O  OG1 . THR A 1 19  ? -5.898  -0.785  -0.841  1.000 17.637  ? 997  THR AAA OG1 1 ? 
ATOM   166  C  CG2 . THR A 1 19  ? -6.160  1.380   0.107   1.000 19.515  ? 997  THR AAA CG2 1 ? 
ATOM   167  N  N   . HIS A 1 20  ? -9.381  -0.097  1.806   1.000 16.854  ? 998  HIS AAA N   1 ? 
ATOM   168  C  CA  . HIS A 1 20  ? -10.397 0.574   2.609   1.000 17.414  ? 998  HIS AAA CA  1 ? 
ATOM   169  C  C   . HIS A 1 20  ? -10.303 0.132   4.060   1.000 18.492  ? 998  HIS AAA C   1 ? 
ATOM   170  O  O   . HIS A 1 20  ? -10.439 0.984   4.970   1.000 19.956  ? 998  HIS AAA O   1 ? 
ATOM   171  C  CB  . HIS A 1 20  ? -11.765 0.114   2.048   1.000 19.250  ? 998  HIS AAA CB  1 ? 
ATOM   172  C  CG  . HIS A 1 20  ? -12.921 0.732   2.755   1.000 22.061  ? 998  HIS AAA CG  1 ? 
ATOM   173  N  ND1 . HIS A 1 20  ? -13.779 0.022   3.592   1.000 30.159  ? 998  HIS AAA ND1 1 ? 
ATOM   174  C  CD2 . HIS A 1 20  ? -13.277 2.053   2.824   1.000 23.494  ? 998  HIS AAA CD2 1 ? 
ATOM   175  C  CE1 . HIS A 1 20  ? -14.674 0.859   4.121   1.000 26.031  ? 998  HIS AAA CE1 1 ? 
ATOM   176  N  NE2 . HIS A 1 20  ? -14.380 2.116   3.655   1.000 30.108  ? 998  HIS AAA NE2 1 ? 
ATOM   177  N  N   . ARG A 1 21  ? -10.079 -1.159  4.335   1.000 17.276  ? 999  ARG AAA N   1 ? 
ATOM   178  C  CA  . ARG A 1 21  ? -9.998  -1.599  5.733   1.000 18.051  ? 999  ARG AAA CA  1 ? 
ATOM   179  C  C   . ARG A 1 21  ? -8.812  -0.933  6.430   1.000 19.205  ? 999  ARG AAA C   1 ? 
ATOM   180  O  O   . ARG A 1 21  ? -8.903  -0.654  7.648   1.000 22.158  ? 999  ARG AAA O   1 ? 
ATOM   181  C  CB  . ARG A 1 21  ? -9.951  -3.115  5.758   1.000 19.166  ? 999  ARG AAA CB  1 ? 
ATOM   182  C  CG  . ARG A 1 21  ? -11.352 -3.648  5.418   1.000 19.550  ? 999  ARG AAA CG  1 ? 
ATOM   183  C  CD  . ARG A 1 21  ? -11.319 -5.062  4.794   1.000 21.087  ? 999  ARG AAA CD  1 ? 
ATOM   184  N  NE  . ARG A 1 21  ? -10.838 -5.984  5.754   1.000 22.590  ? 999  ARG AAA NE  1 ? 
ATOM   185  C  CZ  . ARG A 1 21  ? -10.545 -7.252  5.403   1.000 20.630  ? 999  ARG AAA CZ  1 ? 
ATOM   186  N  NH1 . ARG A 1 21  ? -10.684 -7.683  4.145   1.000 21.014  ? 999  ARG AAA NH1 1 ? 
ATOM   187  N  NH2 . ARG A 1 21  ? -10.131 -8.086  6.316   1.000 21.153  ? 999  ARG AAA NH2 1 ? 
ATOM   188  N  N   . LEU A 1 22  ? -7.699  -0.743  5.736   1.000 17.054  ? 1000 LEU AAA N   1 ? 
ATOM   189  C  CA  . LEU A 1 22  ? -6.556  -0.078  6.360   1.000 18.273  ? 1000 LEU AAA CA  1 ? 
ATOM   190  C  C   . LEU A 1 22  ? -6.904  1.379   6.574   1.000 20.943  ? 1000 LEU AAA C   1 ? 
ATOM   191  O  O   . LEU A 1 22  ? -6.590  1.953   7.640   1.000 21.884  ? 1000 LEU AAA O   1 ? 
ATOM   192  C  CB  . LEU A 1 22  ? -5.317  -0.175  5.447   1.000 17.996  ? 1000 LEU AAA CB  1 ? 
ATOM   193  C  CG  . LEU A 1 22  ? -4.843  -1.588  5.151   1.000 19.608  ? 1000 LEU AAA CG  1 ? 
ATOM   194  C  CD1 . LEU A 1 22  ? -3.727  -1.573  4.092   1.000 20.538  ? 1000 LEU AAA CD1 1 ? 
ATOM   195  C  CD2 . LEU A 1 22  ? -4.283  -2.277  6.397   1.000 20.759  ? 1000 LEU AAA CD2 1 ? 
ATOM   196  N  N   . ALA A 1 23  ? -7.585  2.009   5.610   1.000 19.031  ? 1001 ALA AAA N   1 ? 
ATOM   197  C  CA  . ALA A 1 23  ? -7.820  3.455   5.685   1.000 21.527  ? 1001 ALA AAA CA  1 ? 
ATOM   198  C  C   . ALA A 1 23  ? -8.801  3.846   6.784   1.000 23.886  ? 1001 ALA AAA C   1 ? 
ATOM   199  O  O   . ALA A 1 23  ? -8.751  5.034   7.183   1.000 26.155  ? 1001 ALA AAA O   1 ? 
ATOM   200  C  CB  . ALA A 1 23  ? -8.325  3.967   4.343   1.000 23.139  ? 1001 ALA AAA CB  1 ? 
ATOM   201  N  N   . ILE A 1 24  ? -9.719  2.958   7.149   1.000 21.819  ? 1002 ILE AAA N   1 ? 
ATOM   202  C  CA  . ILE A 1 24  ? -10.713 3.318   8.170   1.000 23.646  ? 1002 ILE AAA CA  1 ? 
ATOM   203  C  C   . ILE A 1 24  ? -10.156 3.014   9.557   1.000 27.247  ? 1002 ILE AAA C   1 ? 
ATOM   204  O  O   . ILE A 1 24  ? -10.865 3.285   10.541  1.000 31.549  ? 1002 ILE AAA O   1 ? 
ATOM   205  C  CB  . ILE A 1 24  ? -12.059 2.621   7.935   1.000 25.637  ? 1002 ILE AAA CB  1 ? 
ATOM   206  C  CG1 . ILE A 1 24  ? -11.933 1.105   8.075   1.000 22.732  ? 1002 ILE AAA CG1 1 ? 
ATOM   207  C  CG2 . ILE A 1 24  ? -12.617 3.076   6.600   1.000 27.159  ? 1002 ILE AAA CG2 1 ? 
ATOM   208  C  CD1 . ILE A 1 24  ? -13.279 0.350   7.859   1.000 28.122  ? 1002 ILE AAA CD1 1 ? 
ATOM   209  N  N   . ASP A 1 25  ? -8.959  2.422   9.677   1.000 24.361  ? 1003 ASP AAA N   1 ? 
ATOM   210  C  CA  . ASP A 1 25  ? -8.361  2.154   10.983  1.000 26.576  ? 1003 ASP AAA CA  1 ? 
ATOM   211  C  C   . ASP A 1 25  ? -7.770  3.455   11.533  1.000 28.775  ? 1003 ASP AAA C   1 ? 
ATOM   212  O  O   . ASP A 1 25  ? -6.905  4.066   10.895  1.000 26.199  ? 1003 ASP AAA O   1 ? 
ATOM   213  C  CB  . ASP A 1 25  ? -7.302  1.067   10.818  1.000 26.332  ? 1003 ASP AAA CB  1 ? 
ATOM   214  C  CG  . ASP A 1 25  ? -6.787  0.501   12.132  1.000 28.877  ? 1003 ASP AAA CG  1 ? 
ATOM   215  O  OD1 . ASP A 1 25  ? -6.359  1.343   12.969  1.000 30.411  ? 1003 ASP AAA OD1 1 ? 
ATOM   216  O  OD2 . ASP A 1 25  ? -6.682  -0.738  12.247  1.000 32.642  ? 1003 ASP AAA OD2 1 ? 
ATOM   217  N  N   . LYS A 1 26  ? -8.167  3.848   12.777  1.000 29.496  ? 1004 LYS AAA N   1 ? 
ATOM   218  C  CA  . LYS A 1 26  ? -7.696  5.118   13.333  1.000 33.188  ? 1004 LYS AAA CA  1 ? 
ATOM   219  C  C   . LYS A 1 26  ? -6.172  5.213   13.477  1.000 27.142  ? 1004 LYS AAA C   1 ? 
ATOM   220  O  O   . LYS A 1 26  ? -5.601  6.286   13.275  1.000 30.634  ? 1004 LYS AAA O   1 ? 
ATOM   221  C  CB  . LYS A 1 26  ? -8.404  5.376   14.672  1.000 37.613  ? 1004 LYS AAA CB  1 ? 
ATOM   222  C  CG  . LYS A 1 26  ? -9.891  5.673   14.506  1.000 56.995  ? 1004 LYS AAA CG  1 ? 
ATOM   223  C  CD  . LYS A 1 26  ? -10.486 6.614   15.549  1.000 66.033  ? 1004 LYS AAA CD  1 ? 
ATOM   224  C  CE  . LYS A 1 26  ? -11.617 7.451   14.990  1.000 70.569  ? 1004 LYS AAA CE  1 ? 
ATOM   225  N  NZ  . LYS A 1 26  ? -12.593 7.840   16.036  1.000 90.157  ? 1004 LYS AAA NZ  1 ? 
ATOM   226  N  N   . ARG A 1 27  ? -5.504  4.079   13.668  1.000 26.599  ? 1005 ARG AAA N   1 ? 
ATOM   227  C  CA  . ARG A 1 27  ? -4.051  4.137   13.801  1.000 27.436  ? 1005 ARG AAA CA  1 ? 
ATOM   228  C  C   . ARG A 1 27  ? -3.392  4.654   12.531  1.000 27.889  ? 1005 ARG AAA C   1 ? 
ATOM   229  O  O   . ARG A 1 27  ? -2.286  5.180   12.573  1.000 28.185  ? 1005 ARG AAA O   1 ? 
ATOM   230  C  CB  . ARG A 1 27  ? -3.446  2.764   14.003  1.000 27.756  ? 1005 ARG AAA CB  1 ? 
ATOM   231  C  CG  . ARG A 1 27  ? -3.805  2.161   15.352  1.000 30.848  ? 1005 ARG AAA CG  1 ? 
ATOM   232  C  CD  . ARG A 1 27  ? -3.268  0.745   15.345  1.000 29.087  ? 1005 ARG AAA CD  1 ? 
ATOM   233  N  NE  . ARG A 1 27  ? -4.029  -0.132  14.451  1.000 28.538  ? 1005 ARG AAA NE  1 ? 
ATOM   234  C  CZ  . ARG A 1 27  ? -3.719  -1.394  14.209  1.000 29.883  ? 1005 ARG AAA CZ  1 ? 
ATOM   235  N  NH1 . ARG A 1 27  ? -2.635  -1.936  14.750  1.000 32.356  ? 1005 ARG AAA NH1 1 ? 
ATOM   236  N  NH2 . ARG A 1 27  ? -4.480  -2.121  13.393  1.000 33.021  ? 1005 ARG AAA NH2 1 ? 
ATOM   237  N  N   . PHE A 1 28  ? -4.073  4.452   11.382  1.000 24.937  ? 1006 PHE AAA N   1 ? 
ATOM   238  C  CA  . PHE A 1 28  ? -3.420  4.688   10.088  1.000 25.090  ? 1006 PHE AAA CA  1 ? 
ATOM   239  C  C   . PHE A 1 28  ? -3.854  5.984   9.414   1.000 28.559  ? 1006 PHE AAA C   1 ? 
ATOM   240  O  O   . PHE A 1 28  ? -3.517  6.250   8.261   1.000 25.775  ? 1006 PHE AAA O   1 ? 
ATOM   241  C  CB  . PHE A 1 28  ? -3.626  3.478   9.154   1.000 22.075  ? 1006 PHE AAA CB  1 ? 
ATOM   242  C  CG  . PHE A 1 28  ? -3.239  2.165   9.777   1.000 21.934  ? 1006 PHE AAA CG  1 ? 
ATOM   243  C  CD1 . PHE A 1 28  ? -2.145  2.067   10.671  1.000 22.262  ? 1006 PHE AAA CD1 1 ? 
ATOM   244  C  CD2 . PHE A 1 28  ? -3.956  0.992   9.527   1.000 20.822  ? 1006 PHE AAA CD2 1 ? 
ATOM   245  C  CE1 . PHE A 1 28  ? -1.775  0.866   11.238  1.000 23.030  ? 1006 PHE AAA CE1 1 ? 
ATOM   246  C  CE2 . PHE A 1 28  ? -3.594  -0.194  10.107  1.000 22.389  ? 1006 PHE AAA CE2 1 ? 
ATOM   247  C  CZ  . PHE A 1 28  ? -2.500  -0.276  10.981  1.000 22.379  ? 1006 PHE AAA CZ  1 ? 
ATOM   248  N  N   . ARG A 1 29  ? -4.537  6.871   10.133  1.000 26.344  ? 1007 ARG AAA N   1 ? 
ATOM   249  C  CA  . ARG A 1 29  ? -4.985  8.123   9.542   1.000 29.187  ? 1007 ARG AAA CA  1 ? 
ATOM   250  C  C   . ARG A 1 29  ? -3.851  8.921   8.905   1.000 28.357  ? 1007 ARG AAA C   1 ? 
ATOM   251  O  O   . ARG A 1 29  ? -4.078  9.503   7.859   1.000 31.363  ? 1007 ARG AAA O   1 ? 
ATOM   252  C  CB  . ARG A 1 29  ? -5.699  8.941   10.614  1.000 36.471  ? 1007 ARG AAA CB  1 ? 
ATOM   253  C  CG  . ARG A 1 29  ? -6.252  10.250  10.090  1.000 42.693  ? 1007 ARG AAA CG  1 ? 
ATOM   254  C  CD  . ARG A 1 29  ? -6.926  11.024  11.218  1.000 56.147  ? 1007 ARG AAA CD  1 ? 
ATOM   255  N  NE  . ARG A 1 29  ? -7.100  12.394  10.742  1.000 71.556  ? 1007 ARG AAA NE  1 ? 
ATOM   256  C  CZ  . ARG A 1 29  ? -8.142  12.832  10.033  1.000 85.472  ? 1007 ARG AAA CZ  1 ? 
ATOM   257  N  NH1 . ARG A 1 29  ? -9.137  12.014  9.726   1.000 87.672  ? 1007 ARG AAA NH1 1 ? 
ATOM   258  N  NH2 . ARG A 1 29  ? -8.181  14.093  9.635   1.000 85.310  ? 1007 ARG AAA NH2 1 ? 
ATOM   259  N  N   . VAL A 1 30  ? -2.654  8.899   9.509   1.000 29.864  ? 1008 VAL AAA N   1 ? 
ATOM   260  C  CA  . VAL A 1 30  ? -1.524  9.683   9.018   1.000 32.525  ? 1008 VAL AAA CA  1 ? 
ATOM   261  C  C   . VAL A 1 30  ? -1.107  9.222   7.614   1.000 32.914  ? 1008 VAL AAA C   1 ? 
ATOM   262  O  O   . VAL A 1 30  ? -0.527  9.985   6.835   1.000 35.292  ? 1008 VAL AAA O   1 ? 
ATOM   263  C  CB  . VAL A 1 30  ? -0.326  9.589   9.988   1.000 34.842  ? 1008 VAL AAA CB  1 ? 
ATOM   264  C  CG1 . VAL A 1 30  ? 0.130   8.162   10.244  1.000 37.066  ? 1008 VAL AAA CG1 1 ? 
ATOM   265  C  CG2 . VAL A 1 30  ? 0.834   10.460  9.541   1.000 41.211  ? 1008 VAL AAA CG2 1 ? 
ATOM   266  N  N   . PHE A 1 31  ? -1.497  7.989   7.270   1.000 26.438  ? 1009 PHE AAA N   1 ? 
ATOM   267  C  CA  . PHE A 1 31  ? -1.030  7.408   6.017   1.000 25.301  ? 1009 PHE AAA CA  1 ? 
ATOM   268  C  C   . PHE A 1 31  ? -2.117  7.501   4.952   1.000 25.753  ? 1009 PHE AAA C   1 ? 
ATOM   269  O  O   . PHE A 1 31  ? -1.895  6.970   3.863   1.000 26.198  ? 1009 PHE AAA O   1 ? 
ATOM   270  C  CB  . PHE A 1 31  ? -0.643  5.940   6.202   1.000 24.840  ? 1009 PHE AAA CB  1 ? 
ATOM   271  C  CG  . PHE A 1 31  ? 0.424   5.714   7.240   1.000 27.261  ? 1009 PHE AAA CG  1 ? 
ATOM   272  C  CD1 . PHE A 1 31  ? 1.652   6.332   7.146   1.000 25.013  ? 1009 PHE AAA CD1 1 ? 
ATOM   273  C  CD2 . PHE A 1 31  ? 0.155   4.904   8.336   1.000 31.194  ? 1009 PHE AAA CD2 1 ? 
ATOM   274  C  CE1 . PHE A 1 31  ? 2.612   6.170   8.136   1.000 28.362  ? 1009 PHE AAA CE1 1 ? 
ATOM   275  C  CE2 . PHE A 1 31  ? 1.132   4.678   9.313   1.000 33.146  ? 1009 PHE AAA CE2 1 ? 
ATOM   276  C  CZ  . PHE A 1 31  ? 2.352   5.336   9.221   1.000 31.335  ? 1009 PHE AAA CZ  1 ? 
ATOM   277  N  N   . THR A 1 32  ? -3.217  8.175   5.223   1.000 25.259  ? 1010 THR AAA N   1 ? 
ATOM   278  C  CA  . THR A 1 32  ? -4.343  8.159   4.292   1.000 27.169  ? 1010 THR AAA CA  1 ? 
ATOM   279  C  C   . THR A 1 32  ? -4.244  9.218   3.192   1.000 33.110  ? 1010 THR AAA C   1 ? 
ATOM   280  O  O   . THR A 1 32  ? -4.980  9.190   2.202   1.000 35.628  ? 1010 THR AAA O   1 ? 
ATOM   281  C  CB  . THR A 1 32  ? -5.710  8.285   4.961   1.000 29.726  ? 1010 THR AAA CB  1 ? 
ATOM   282  O  OG1 . THR A 1 32  ? -5.726  9.478   5.760   1.000 32.556  ? 1010 THR AAA OG1 1 ? 
ATOM   283  C  CG2 . THR A 1 32  ? -5.986  7.070   5.824   1.000 27.316  ? 1010 THR AAA CG2 1 ? 
ATOM   284  N  N   . LYS A 1 33  ? -3.419  10.219  3.419   1.000 32.038  ? 1011 LYS AAA N   1 ? 
ATOM   285  C  CA  . LYS A 1 33  ? -3.350  11.318  2.468   1.000 33.042  ? 1011 LYS AAA CA  1 ? 
ATOM   286  C  C   . LYS A 1 33  ? -1.889  11.707  2.321   1.000 33.994  ? 1011 LYS AAA C   1 ? 
ATOM   287  O  O   . LYS A 1 33  ? -1.046  11.410  3.172   1.000 33.479  ? 1011 LYS AAA O   1 ? 
ATOM   288  C  CB  . LYS A 1 33  ? -4.095  12.528  3.061   1.000 40.157  ? 1011 LYS AAA CB  1 ? 
ATOM   289  C  CG  . LYS A 1 33  ? -5.618  12.460  2.996   1.000 51.557  ? 1011 LYS AAA CG  1 ? 
ATOM   290  C  CD  . LYS A 1 33  ? -6.198  12.510  1.587   1.000 64.822  ? 1011 LYS AAA CD  1 ? 
ATOM   291  C  CE  . LYS A 1 33  ? -7.713  12.494  1.563   1.000 72.030  ? 1011 LYS AAA CE  1 ? 
ATOM   292  N  NZ  . LYS A 1 33  ? -8.236  11.174  1.138   1.000 74.395  ? 1011 LYS AAA NZ  1 ? 
ATOM   293  N  N   . PRO A 1 34  ? -1.509  12.392  1.221   1.000 35.954  ? 1012 PRO AAA N   1 ? 
ATOM   294  C  CA  . PRO A 1 34  ? -0.111  12.781  1.034   1.000 39.125  ? 1012 PRO AAA CA  1 ? 
ATOM   295  C  C   . PRO A 1 34  ? 0.288   13.786  2.118   1.000 39.041  ? 1012 PRO AAA C   1 ? 
ATOM   296  O  O   . PRO A 1 34  ? -0.569  14.464  2.676   1.000 42.471  ? 1012 PRO AAA O   1 ? 
ATOM   297  C  CB  . PRO A 1 34  ? -0.048  13.407  -0.367  1.000 40.732  ? 1012 PRO AAA CB  1 ? 
ATOM   298  C  CG  . PRO A 1 34  ? -1.394  13.069  -1.014  1.000 41.800  ? 1012 PRO AAA CG  1 ? 
ATOM   299  C  CD  . PRO A 1 34  ? -2.379  12.773  0.108   1.000 36.058  ? 1012 PRO AAA CD  1 ? 
ATOM   300  N  N   . VAL A 1 35  ? 1.585   13.820  2.449   1.000 45.713  ? 1013 VAL AAA N   1 ? 
ATOM   301  C  CA  . VAL A 1 35  ? 2.133   14.793  3.385   1.000 51.128  ? 1013 VAL AAA CA  1 ? 
ATOM   302  C  C   . VAL A 1 35  ? 1.977   16.186  2.776   1.000 54.459  ? 1013 VAL AAA C   1 ? 
ATOM   303  O  O   . VAL A 1 35  ? 2.329   16.397  1.620   1.000 62.858  ? 1013 VAL AAA O   1 ? 
ATOM   304  C  CB  . VAL A 1 35  ? 3.614   14.503  3.700   1.000 46.553  ? 1013 VAL AAA CB  1 ? 
ATOM   305  C  CG1 . VAL A 1 35  ? 4.233   15.620  4.525   1.000 52.411  ? 1013 VAL AAA CG1 1 ? 
ATOM   306  C  CG2 . VAL A 1 35  ? 3.832   13.160  4.381   1.000 45.967  ? 1013 VAL AAA CG2 1 ? 
ATOM   307  N  N   . ASP A 1 36  ? 1.457   17.131  3.566   1.000 62.153  ? 1014 ASP AAA N   1 ? 
ATOM   308  C  CA  . ASP A 1 36  ? 1.279   18.500  3.100   1.000 76.026  ? 1014 ASP AAA CA  1 ? 
ATOM   309  C  C   . ASP A 1 36  ? 2.632   19.219  3.099   1.000 77.907  ? 1014 ASP AAA C   1 ? 
ATOM   310  O  O   . ASP A 1 36  ? 3.269   19.354  4.147   1.000 75.484  ? 1014 ASP AAA O   1 ? 
ATOM   311  C  CB  . ASP A 1 36  ? 0.184   19.218  3.899   1.000 82.101  ? 1014 ASP AAA CB  1 ? 
ATOM   312  C  CG  . ASP A 1 36  ? -0.059  20.657  3.474   1.000 89.284  ? 1014 ASP AAA CG  1 ? 
ATOM   313  O  OD1 . ASP A 1 36  ? 0.205   20.993  2.295   1.000 84.634  ? 1014 ASP AAA OD1 1 ? 
ATOM   314  O  OD2 . ASP A 1 36  ? -0.514  21.435  4.332   1.000 97.324  ? 1014 ASP AAA OD2 1 ? 
ATOM   315  N  N   . PRO A 1 37  ? 3.112   19.697  1.922   1.000 81.726  ? 1015 PRO AAA N   1 ? 
ATOM   316  C  CA  . PRO A 1 37  ? 4.436   20.321  1.820   1.000 90.168  ? 1015 PRO AAA CA  1 ? 
ATOM   317  C  C   . PRO A 1 37  ? 4.568   21.594  2.658   1.000 94.418  ? 1015 PRO AAA C   1 ? 
ATOM   318  O  O   . PRO A 1 37  ? 5.671   21.976  3.043   1.000 94.248  ? 1015 PRO AAA O   1 ? 
ATOM   319  C  CB  . PRO A 1 37  ? 4.584   20.628  0.321   1.000 86.390  ? 1015 PRO AAA CB  1 ? 
ATOM   320  C  CG  . PRO A 1 37  ? 3.155   20.711  -0.180  1.000 84.628  ? 1015 PRO AAA CG  1 ? 
ATOM   321  C  CD  . PRO A 1 37  ? 2.395   19.685  0.636   1.000 77.771  ? 1015 PRO AAA CD  1 ? 
ATOM   322  N  N   . ASP A 1 38  ? 3.422   22.225  2.944   1.000 95.076  ? 1016 ASP AAA N   1 ? 
ATOM   323  C  CA  . ASP A 1 38  ? 3.345   23.376  3.829   1.000 94.431  ? 1016 ASP AAA CA  1 ? 
ATOM   324  C  C   . ASP A 1 38  ? 3.904   23.000  5.198   1.000 95.033  ? 1016 ASP AAA C   1 ? 
ATOM   325  O  O   . ASP A 1 38  ? 4.907   23.571  5.621   1.000 101.511 ? 1016 ASP AAA O   1 ? 
ATOM   326  C  CB  . ASP A 1 38  ? 1.938   23.973  3.839   1.000 96.129  ? 1016 ASP AAA CB  1 ? 
ATOM   327  C  CG  . ASP A 1 38  ? 1.496   24.383  2.445   1.000 96.443  ? 1016 ASP AAA CG  1 ? 
ATOM   328  O  OD1 . ASP A 1 38  ? 2.363   24.853  1.674   1.000 87.876  ? 1016 ASP AAA OD1 1 ? 
ATOM   329  O  OD2 . ASP A 1 38  ? 0.303   24.201  2.126   1.000 94.769  ? 1016 ASP AAA OD2 1 ? 
ATOM   330  N  N   . GLU A 1 39  ? 3.280   22.021  5.866   1.000 89.221  ? 1017 GLU AAA N   1 ? 
ATOM   331  C  CA  . GLU A 1 39  ? 3.816   21.537  7.130   1.000 85.424  ? 1017 GLU AAA CA  1 ? 
ATOM   332  C  C   . GLU A 1 39  ? 5.244   21.042  6.932   1.000 81.941  ? 1017 GLU AAA C   1 ? 
ATOM   333  O  O   . GLU A 1 39  ? 6.116   21.348  7.748   1.000 82.425  ? 1017 GLU AAA O   1 ? 
ATOM   334  C  CB  . GLU A 1 39  ? 2.997   20.387  7.718   1.000 91.626  ? 1017 GLU AAA CB  1 ? 
ATOM   335  C  CG  . GLU A 1 39  ? 2.002   20.816  8.777   1.000 92.770  ? 1017 GLU AAA CG  1 ? 
ATOM   336  C  CD  . GLU A 1 39  ? 0.735   21.417  8.200   1.000 97.039  ? 1017 GLU AAA CD  1 ? 
ATOM   337  O  OE1 . GLU A 1 39  ? 0.535   21.308  6.973   1.000 103.335 ? 1017 GLU AAA OE1 1 ? 
ATOM   338  O  OE2 . GLU A 1 39  ? -0.046  21.994  8.977   1.000 103.872 ? 1017 GLU AAA OE2 1 ? 
ATOM   339  N  N   . VAL A 1 40  ? 5.467   20.272  5.857   1.000 66.035  ? 1018 VAL AAA N   1 ? 
ATOM   340  C  CA  . VAL A 1 40  ? 6.704   19.513  5.761   1.000 68.279  ? 1018 VAL AAA CA  1 ? 
ATOM   341  C  C   . VAL A 1 40  ? 7.395   19.767  4.415   1.000 75.822  ? 1018 VAL AAA C   1 ? 
ATOM   342  O  O   . VAL A 1 40  ? 7.295   18.949  3.499   1.000 69.376  ? 1018 VAL AAA O   1 ? 
ATOM   343  C  CB  . VAL A 1 40  ? 6.472   18.013  6.047   1.000 68.924  ? 1018 VAL AAA CB  1 ? 
ATOM   344  C  CG1 . VAL A 1 40  ? 7.738   17.339  6.543   1.000 62.139  ? 1018 VAL AAA CG1 1 ? 
ATOM   345  C  CG2 . VAL A 1 40  ? 5.344   17.774  7.048   1.000 70.129  ? 1018 VAL AAA CG2 1 ? 
ATOM   346  N  N   . PRO A 1 41  ? 8.136   20.899  4.253   1.000 78.438  ? 1019 PRO AAA N   1 ? 
ATOM   347  C  CA  . PRO A 1 41  ? 8.802   21.208  2.981   1.000 66.183  ? 1019 PRO AAA CA  1 ? 
ATOM   348  C  C   . PRO A 1 41  ? 10.018  20.323  2.706   1.000 60.103  ? 1019 PRO AAA C   1 ? 
ATOM   349  O  O   . PRO A 1 41  ? 10.402  20.100  1.556   1.000 60.643  ? 1019 PRO AAA O   1 ? 
ATOM   350  C  CB  . PRO A 1 41  ? 9.176   22.700  3.101   1.000 71.701  ? 1019 PRO AAA CB  1 ? 
ATOM   351  C  CG  . PRO A 1 41  ? 9.264   22.959  4.600   1.000 73.840  ? 1019 PRO AAA CG  1 ? 
ATOM   352  C  CD  . PRO A 1 41  ? 8.342   21.955  5.264   1.000 76.602  ? 1019 PRO AAA CD  1 ? 
ATOM   353  N  N   . ASP A 1 42  ? 10.621  19.776  3.760   1.000 51.182  ? 1020 ASP AAA N   1 ? 
ATOM   354  C  CA  . ASP A 1 42  ? 11.755  18.920  3.468   1.000 54.705  ? 1020 ASP AAA CA  1 ? 
ATOM   355  C  C   . ASP A 1 42  ? 11.291  17.505  3.097   1.000 48.117  ? 1020 ASP AAA C   1 ? 
ATOM   356  O  O   . ASP A 1 42  ? 12.145  16.660  2.820   1.000 46.699  ? 1020 ASP AAA O   1 ? 
ATOM   357  C  CB  . ASP A 1 42  ? 12.818  18.957  4.567   1.000 57.927  ? 1020 ASP AAA CB  1 ? 
ATOM   358  C  CG  . ASP A 1 42  ? 12.280  18.438  5.882   1.000 66.272  ? 1020 ASP AAA CG  1 ? 
ATOM   359  O  OD1 . ASP A 1 42  ? 11.500  19.175  6.536   1.000 78.905  ? 1020 ASP AAA OD1 1 ? 
ATOM   360  O  OD2 . ASP A 1 42  ? 12.617  17.291  6.221   1.000 56.879  ? 1020 ASP AAA OD2 1 ? 
ATOM   361  N  N   . TYR A 1 43  ? 9.964   17.249  3.097   1.000 44.843  ? 1021 TYR AAA N   1 ? 
ATOM   362  C  CA  . TYR A 1 43  ? 9.554   15.855  2.921   1.000 41.653  ? 1021 TYR AAA CA  1 ? 
ATOM   363  C  C   . TYR A 1 43  ? 9.963   15.368  1.532   1.000 46.008  ? 1021 TYR AAA C   1 ? 
ATOM   364  O  O   . TYR A 1 43  ? 10.687  14.372  1.409   1.000 41.229  ? 1021 TYR AAA O   1 ? 
ATOM   365  C  CB  . TYR A 1 43  ? 8.054   15.633  3.177   1.000 38.994  ? 1021 TYR AAA CB  1 ? 
ATOM   366  C  CG  . TYR A 1 43  ? 7.669   14.173  3.186   1.000 36.726  ? 1021 TYR AAA CG  1 ? 
ATOM   367  C  CD1 . TYR A 1 43  ? 7.928   13.386  4.297   1.000 32.209  ? 1021 TYR AAA CD1 1 ? 
ATOM   368  C  CD2 . TYR A 1 43  ? 7.122   13.565  2.062   1.000 35.850  ? 1021 TYR AAA CD2 1 ? 
ATOM   369  C  CE1 . TYR A 1 43  ? 7.587   12.039  4.336   1.000 33.128  ? 1021 TYR AAA CE1 1 ? 
ATOM   370  C  CE2 . TYR A 1 43  ? 6.753   12.230  2.088   1.000 31.193  ? 1021 TYR AAA CE2 1 ? 
ATOM   371  C  CZ  . TYR A 1 43  ? 7.023   11.468  3.214   1.000 29.036  ? 1021 TYR AAA CZ  1 ? 
ATOM   372  O  OH  . TYR A 1 43  ? 6.760   10.128  3.296   1.000 29.677  ? 1021 TYR AAA OH  1 ? 
ATOM   373  N  N   . VAL A 1 44  ? 9.483   16.116  0.521   1.000 49.950  ? 1022 VAL AAA N   1 ? 
ATOM   374  C  CA  . VAL A 1 44  ? 9.563   15.790  -0.898  1.000 54.431  ? 1022 VAL AAA CA  1 ? 
ATOM   375  C  C   . VAL A 1 44  ? 11.029  15.780  -1.339  1.000 57.718  ? 1022 VAL AAA C   1 ? 
ATOM   376  O  O   . VAL A 1 44  ? 11.359  15.182  -2.365  1.000 55.075  ? 1022 VAL AAA O   1 ? 
ATOM   377  C  CB  . VAL A 1 44  ? 8.670   16.731  -1.737  1.000 61.026  ? 1022 VAL AAA CB  1 ? 
ATOM   378  C  CG1 . VAL A 1 44  ? 9.323   18.069  -2.074  1.000 64.877  ? 1022 VAL AAA CG1 1 ? 
ATOM   379  C  CG2 . VAL A 1 44  ? 8.101   16.065  -2.976  1.000 63.590  ? 1022 VAL AAA CG2 1 ? 
ATOM   380  N  N   . THR A 1 45  ? 11.900  16.385  -0.518  1.000 54.669  ? 1023 THR AAA N   1 ? 
ATOM   381  C  CA  . THR A 1 45  ? 13.329  16.397  -0.777  1.000 57.753  ? 1023 THR AAA CA  1 ? 
ATOM   382  C  C   . THR A 1 45  ? 14.016  15.169  -0.184  1.000 58.115  ? 1023 THR AAA C   1 ? 
ATOM   383  O  O   . THR A 1 45  ? 15.031  14.736  -0.725  1.000 59.450  ? 1023 THR AAA O   1 ? 
ATOM   384  C  CB  . THR A 1 45  ? 14.002  17.722  -0.373  1.000 65.051  ? 1023 THR AAA CB  1 ? 
ATOM   385  O  OG1 . THR A 1 45  ? 14.382  17.686  1.006   1.000 72.352  ? 1023 THR AAA OG1 1 ? 
ATOM   386  C  CG2 . THR A 1 45  ? 13.174  18.953  -0.686  1.000 61.088  ? 1023 THR AAA CG2 1 ? 
ATOM   387  N  N   . VAL A 1 46  ? 13.485  14.605  0.915   1.000 45.813  ? 1024 VAL AAA N   1 ? 
ATOM   388  C  CA  . VAL A 1 46  ? 14.120  13.430  1.502   1.000 38.198  ? 1024 VAL AAA CA  1 ? 
ATOM   389  C  C   . VAL A 1 46  ? 13.520  12.150  0.901   1.000 34.230  ? 1024 VAL AAA C   1 ? 
ATOM   390  O  O   . VAL A 1 46  ? 14.188  11.111  0.757   1.000 37.974  ? 1024 VAL AAA O   1 ? 
ATOM   391  C  CB  . VAL A 1 46  ? 13.963  13.437  3.037   1.000 42.668  ? 1024 VAL AAA CB  1 ? 
ATOM   392  C  CG1 . VAL A 1 46  ? 14.318  12.092  3.679   1.000 38.646  ? 1024 VAL AAA CG1 1 ? 
ATOM   393  C  CG2 . VAL A 1 46  ? 14.758  14.583  3.664   1.000 46.993  ? 1024 VAL AAA CG2 1 ? 
ATOM   394  N  N   . ILE A 1 47  ? 12.200  12.193  0.724   1.000 32.066  ? 1025 ILE AAA N   1 ? 
ATOM   395  C  CA  . ILE A 1 47  ? 11.495  10.997  0.287   1.000 29.069  ? 1025 ILE AAA CA  1 ? 
ATOM   396  C  C   . ILE A 1 47  ? 11.218  11.175  -1.201  1.000 28.498  ? 1025 ILE AAA C   1 ? 
ATOM   397  O  O   . ILE A 1 47  ? 10.394  12.006  -1.613  1.000 31.771  ? 1025 ILE AAA O   1 ? 
ATOM   398  C  CB  . ILE A 1 47  ? 10.203  10.860  1.140   1.000 25.416  ? 1025 ILE AAA CB  1 ? 
ATOM   399  C  CG1 . ILE A 1 47  ? 10.525  10.593  2.629   1.000 27.282  ? 1025 ILE AAA CG1 1 ? 
ATOM   400  C  CG2 . ILE A 1 47  ? 9.330   9.739   0.592   1.000 25.926  ? 1025 ILE AAA CG2 1 ? 
ATOM   401  C  CD1 . ILE A 1 47  ? 11.370  9.390   2.868   1.000 25.606  ? 1025 ILE AAA CD1 1 ? 
ATOM   402  N  N   . LYS A 1 48  ? 11.881  10.312  -1.956  1.000 30.420  ? 1026 LYS AAA N   1 ? 
ATOM   403  C  CA  . LYS A 1 48  ? 11.853  10.407  -3.417  1.000 33.582  ? 1026 LYS AAA CA  1 ? 
ATOM   404  C  C   . LYS A 1 48  ? 10.594  9.752   -3.969  1.000 37.120  ? 1026 LYS AAA C   1 ? 
ATOM   405  O  O   . LYS A 1 48  ? 10.198  10.130  -5.072  1.000 34.170  ? 1026 LYS AAA O   1 ? 
ATOM   406  C  CB  . LYS A 1 48  ? 13.055  9.668   -4.000  1.000 34.034  ? 1026 LYS AAA CB  1 ? 
ATOM   407  C  CG  . LYS A 1 48  ? 14.385  10.339  -3.683  1.000 39.027  ? 1026 LYS AAA CG  1 ? 
ATOM   408  C  CD  . LYS A 1 48  ? 14.347  11.871  -3.674  1.000 38.956  ? 1026 LYS AAA CD  1 ? 
ATOM   409  C  CE  . LYS A 1 48  ? 15.738  12.411  -3.358  1.000 45.263  ? 1026 LYS AAA CE  1 ? 
ATOM   410  N  NZ  . LYS A 1 48  ? 15.751  13.884  -3.198  1.000 50.325  ? 1026 LYS AAA NZ  1 ? 
ATOM   411  N  N   . GLN A 1 49  ? 9.962   8.797   -3.241  1.000 29.246  ? 1027 GLN AAA N   1 ? 
ATOM   412  C  CA  . GLN A 1 49  ? 8.767   8.184   -3.814  1.000 32.241  ? 1027 GLN AAA CA  1 ? 
ATOM   413  C  C   . GLN A 1 49  ? 7.712   8.180   -2.704  1.000 26.027  ? 1027 GLN AAA C   1 ? 
ATOM   414  O  O   . GLN A 1 49  ? 7.490   7.155   -2.089  1.000 28.597  ? 1027 GLN AAA O   1 ? 
ATOM   415  C  CB  . GLN A 1 49  ? 8.954   6.700   -4.115  1.000 36.624  ? 1027 GLN AAA CB  1 ? 
ATOM   416  C  CG  . GLN A 1 49  ? 9.898   6.417   -5.253  1.000 43.590  ? 1027 GLN AAA CG  1 ? 
ATOM   417  C  CD  . GLN A 1 49  ? 9.698   5.007   -5.734  1.000 39.731  ? 1027 GLN AAA CD  1 ? 
ATOM   418  O  OE1 . GLN A 1 49  ? 10.370  4.094   -5.273  1.000 43.436  ? 1027 GLN AAA OE1 1 ? 
ATOM   419  N  NE2 . GLN A 1 49  ? 8.754   4.841   -6.643  1.000 47.239  ? 1027 GLN AAA NE2 1 ? 
ATOM   420  N  N   . PRO A 1 50  ? 7.072   9.325   -2.492  1.000 26.796  ? 1028 PRO AAA N   1 ? 
ATOM   421  C  CA  . PRO A 1 50  ? 6.025   9.426   -1.478  1.000 25.072  ? 1028 PRO AAA CA  1 ? 
ATOM   422  C  C   . PRO A 1 50  ? 4.925   8.431   -1.832  1.000 26.241  ? 1028 PRO AAA C   1 ? 
ATOM   423  O  O   . PRO A 1 50  ? 4.672   8.118   -2.986  1.000 27.979  ? 1028 PRO AAA O   1 ? 
ATOM   424  C  CB  . PRO A 1 50  ? 5.423   10.803  -1.653  1.000 29.802  ? 1028 PRO AAA CB  1 ? 
ATOM   425  C  CG  . PRO A 1 50  ? 6.500   11.588  -2.417  1.000 34.717  ? 1028 PRO AAA CG  1 ? 
ATOM   426  C  CD  . PRO A 1 50  ? 7.263   10.576  -3.239  1.000 30.694  ? 1028 PRO AAA CD  1 ? 
ATOM   427  N  N   . MET A 1 51  ? 4.292   7.893   -0.794  1.000 23.206  ? 1029 MET AAA N   1 ? 
ATOM   428  C  CA  . MET A 1 51  ? 3.177   6.971   -1.030  1.000 24.439  ? 1029 MET AAA CA  1 ? 
ATOM   429  C  C   . MET A 1 51  ? 2.223   7.078   0.163   1.000 23.029  ? 1029 MET AAA C   1 ? 
ATOM   430  O  O   . MET A 1 51  ? 2.673   7.239   1.295   1.000 25.001  ? 1029 MET AAA O   1 ? 
ATOM   431  C  CB  . MET A 1 51  ? 3.716   5.537   -1.126  1.000 26.804  ? 1029 MET AAA CB  1 ? 
ATOM   432  C  CG  . MET A 1 51  ? 2.663   4.461   -1.619  1.000 25.563  ? 1029 MET AAA CG  1 ? 
ATOM   433  S  SD  . MET A 1 51  ? 1.762   4.890   -3.106  1.000 30.122  ? 1029 MET AAA SD  1 ? 
ATOM   434  C  CE  . MET A 1 51  ? 3.129   5.035   -4.272  1.000 31.188  ? 1029 MET AAA CE  1 ? 
ATOM   435  N  N   . ASP A 1 52  ? 0.927   6.962   -0.105  1.000 23.862  ? 1030 ASP AAA N   1 ? 
ATOM   436  C  CA  . ASP A 1 52  ? -0.084  6.990   0.936   1.000 23.882  ? 1030 ASP AAA CA  1 ? 
ATOM   437  C  C   . ASP A 1 52  ? -1.272  6.183   0.412   1.000 24.835  ? 1030 ASP AAA C   1 ? 
ATOM   438  O  O   . ASP A 1 52  ? -1.309  5.841   -0.783  1.000 23.119  ? 1030 ASP AAA O   1 ? 
ATOM   439  C  CB  . ASP A 1 52  ? -0.508  8.453   1.197   1.000 25.004  ? 1030 ASP AAA CB  1 ? 
ATOM   440  C  CG  . ASP A 1 52  ? -1.208  9.010   -0.027  1.000 31.435  ? 1030 ASP AAA CG  1 ? 
ATOM   441  O  OD1 . ASP A 1 52  ? -0.492  9.452   -0.980  1.000 39.606  ? 1030 ASP AAA OD1 1 ? 
ATOM   442  O  OD2 . ASP A 1 52  ? -2.419  8.973   -0.080  1.000 36.177  ? 1030 ASP AAA OD2 1 ? 
ATOM   443  N  N   . LEU A 1 53  ? -2.258  5.938   1.282   1.000 21.326  ? 1031 LEU AAA N   1 ? 
ATOM   444  C  CA  . LEU A 1 53  ? -3.349  5.060   0.865   1.000 20.326  ? 1031 LEU AAA CA  1 ? 
ATOM   445  C  C   . LEU A 1 53  ? -4.245  5.711   -0.179  1.000 21.581  ? 1031 LEU AAA C   1 ? 
ATOM   446  O  O   . LEU A 1 53  ? -4.853  4.966   -0.968  1.000 22.479  ? 1031 LEU AAA O   1 ? 
ATOM   447  C  CB  . LEU A 1 53  ? -4.142  4.611   2.100   1.000 21.349  ? 1031 LEU AAA CB  1 ? 
ATOM   448  C  CG  . LEU A 1 53  ? -3.324  3.789   3.091   1.000 22.595  ? 1031 LEU AAA CG  1 ? 
ATOM   449  C  CD1 . LEU A 1 53  ? -4.136  3.582   4.373   1.000 25.970  ? 1031 LEU AAA CD1 1 ? 
ATOM   450  C  CD2 . LEU A 1 53  ? -2.891  2.436   2.529   1.000 21.511  ? 1031 LEU AAA CD2 1 ? 
ATOM   451  N  N   . SER A 1 54  ? -4.386  7.056   -0.202  1.000 23.512  ? 1032 SER AAA N   1 ? 
ATOM   452  C  CA  . SER A 1 54  ? -5.185  7.644   -1.282  1.000 25.626  ? 1032 SER AAA CA  1 ? 
ATOM   453  C  C   . SER A 1 54  ? -4.497  7.442   -2.641  1.000 25.027  ? 1032 SER AAA C   1 ? 
ATOM   454  O  O   . SER A 1 54  ? -5.198  7.180   -3.627  1.000 26.865  ? 1032 SER AAA O   1 ? 
ATOM   455  C  CB  . SER A 1 54  ? -5.519  9.107   -0.999  1.000 30.845  ? 1032 SER AAA CB  1 ? 
ATOM   456  O  OG  . SER A 1 54  ? -4.298  9.831   -1.002  1.000 41.057  ? 1032 SER AAA OG  1 ? 
ATOM   457  N  N   . SER A 1 55  ? -3.172  7.500   -2.678  1.000 23.430  ? 1033 SER AAA N   1 ? 
ATOM   458  C  CA  . SER A 1 55  ? -2.399  7.248   -3.896  1.000 24.597  ? 1033 SER AAA CA  1 ? 
ATOM   459  C  C   . SER A 1 55  ? -2.555  5.794   -4.321  1.000 23.865  ? 1033 SER AAA C   1 ? 
ATOM   460  O  O   . SER A 1 55  ? -2.678  5.503   -5.496  1.000 23.950  ? 1033 SER AAA O   1 ? 
ATOM   461  C  CB  . SER A 1 55  ? -0.968  7.610   -3.761  1.000 28.894  ? 1033 SER AAA CB  1 ? 
ATOM   462  O  OG  . SER A 1 55  ? -0.972  9.030   -3.612  1.000 36.816  ? 1033 SER AAA OG  1 ? 
ATOM   463  N  N   . VAL A 1 56  ? -2.576  4.899   -3.328  1.000 20.676  ? 1034 VAL AAA N   1 ? 
ATOM   464  C  CA  . VAL A 1 56  ? -2.791  3.494   -3.652  1.000 20.166  ? 1034 VAL AAA CA  1 ? 
ATOM   465  C  C   . VAL A 1 56  ? -4.158  3.295   -4.284  1.000 19.097  ? 1034 VAL AAA C   1 ? 
ATOM   466  O  O   . VAL A 1 56  ? -4.217  2.542   -5.285  1.000 19.823  ? 1034 VAL AAA O   1 ? 
ATOM   467  C  CB  . VAL A 1 56  ? -2.612  2.659   -2.366  1.000 19.771  ? 1034 VAL AAA CB  1 ? 
ATOM   468  C  CG1 . VAL A 1 56  ? -3.077  1.211   -2.591  1.000 20.464  ? 1034 VAL AAA CG1 1 ? 
ATOM   469  C  CG2 . VAL A 1 56  ? -1.156  2.616   -1.968  1.000 20.712  ? 1034 VAL AAA CG2 1 ? 
ATOM   470  N  N   . ILE A 1 57  ? -5.241  3.873   -3.763  1.000 19.249  ? 1035 ILE AAA N   1 ? 
ATOM   471  C  CA  . ILE A 1 57  ? -6.551  3.733   -4.398  1.000 20.260  ? 1035 ILE AAA CA  1 ? 
ATOM   472  C  C   . ILE A 1 57  ? -6.515  4.272   -5.830  1.000 22.150  ? 1035 ILE AAA C   1 ? 
ATOM   473  O  O   . ILE A 1 57  ? -7.065  3.655   -6.725  1.000 23.378  ? 1035 ILE AAA O   1 ? 
ATOM   474  C  CB  . ILE A 1 57  ? -7.645  4.445   -3.582  1.000 24.816  ? 1035 ILE AAA CB  1 ? 
ATOM   475  C  CG1 . ILE A 1 57  ? -7.840  3.733   -2.247  1.000 28.851  ? 1035 ILE AAA CG1 1 ? 
ATOM   476  C  CG2 . ILE A 1 57  ? -8.963  4.503   -4.383  1.000 29.049  ? 1035 ILE AAA CG2 1 ? 
ATOM   477  C  CD1 . ILE A 1 57  ? -8.451  2.348   -2.464  1.000 31.845  ? 1035 ILE AAA CD1 1 ? 
ATOM   478  N  N   . SER A 1 58  ? -5.876  5.452   -6.009  1.000 23.368  ? 1036 SER AAA N   1 ? 
ATOM   479  C  CA  . SER A 1 58  ? -5.786  5.996   -7.366  1.000 22.659  ? 1036 SER AAA CA  1 ? 
ATOM   480  C  C   . SER A 1 58  ? -5.085  5.026   -8.297  1.000 22.289  ? 1036 SER AAA C   1 ? 
ATOM   481  O  O   . SER A 1 58  ? -5.542  4.829   -9.438  1.000 23.423  ? 1036 SER AAA O   1 ? 
ATOM   482  C  CB  . SER A 1 58  ? -5.024  7.330   -7.304  1.000 26.273  ? 1036 SER AAA CB  1 ? 
ATOM   483  O  OG  . SER A 1 58  ? -5.849  8.280   -6.642  1.000 35.144  ? 1036 SER AAA OG  1 ? 
ATOM   484  N  N   . LYS A 1 59  ? -3.992  4.380   -7.850  1.000 21.395  ? 1037 LYS AAA N   1 ? 
ATOM   485  C  CA  . LYS A 1 59  ? -3.257  3.424   -8.659  1.000 20.447  ? 1037 LYS AAA CA  1 ? 
ATOM   486  C  C   . LYS A 1 59  ? -4.119  2.196   -9.001  1.000 20.891  ? 1037 LYS AAA C   1 ? 
ATOM   487  O  O   . LYS A 1 59  ? -4.022  1.626   -10.098 1.000 22.641  ? 1037 LYS AAA O   1 ? 
ATOM   488  C  CB  . LYS A 1 59  ? -1.895  3.037   -8.085  1.000 21.571  ? 1037 LYS AAA CB  1 ? 
ATOM   489  C  CG  . LYS A 1 59  ? -0.968  4.255   -8.113  1.000 23.652  ? 1037 LYS AAA CG  1 ? 
ATOM   490  C  CD  . LYS A 1 59  ? 0.383   3.917   -7.604  1.000 23.172  ? 1037 LYS AAA CD  1 ? 
ATOM   491  C  CE  . LYS A 1 59  ? 1.042   2.823   -8.409  1.000 23.710  ? 1037 LYS AAA CE  1 ? 
ATOM   492  N  NZ  . LYS A 1 59  ? 2.488   2.721   -8.077  1.000 27.641  ? 1037 LYS AAA NZ  1 ? 
ATOM   493  N  N   . ILE A 1 60  ? -4.920  1.760   -8.003  1.000 20.484  ? 1038 ILE AAA N   1 ? 
ATOM   494  C  CA  . ILE A 1 60  ? -5.745  0.586   -8.288  1.000 20.405  ? 1038 ILE AAA CA  1 ? 
ATOM   495  C  C   . ILE A 1 60  ? -6.668  0.933   -9.472  1.000 20.904  ? 1038 ILE AAA C   1 ? 
ATOM   496  O  O   . ILE A 1 60  ? -6.811  0.111   -10.413 1.000 22.035  ? 1038 ILE AAA O   1 ? 
ATOM   497  C  CB  . ILE A 1 60  ? -6.599  0.211   -7.046  1.000 18.025  ? 1038 ILE AAA CB  1 ? 
ATOM   498  C  CG1 . ILE A 1 60  ? -5.707  -0.357  -5.944  1.000 19.026  ? 1038 ILE AAA CG1 1 ? 
ATOM   499  C  CG2 . ILE A 1 60  ? -7.635  -0.860  -7.478  1.000 19.387  ? 1038 ILE AAA CG2 1 ? 
ATOM   500  C  CD1 . ILE A 1 60  ? -6.420  -0.454  -4.562  1.000 19.919  ? 1038 ILE AAA CD1 1 ? 
ATOM   501  N  N   . ASP A 1 61  ? -7.315  2.093   -9.367  1.000 21.738  ? 1039 ASP AAA N   1 ? 
ATOM   502  C  CA  . ASP A 1 61  ? -8.322  2.532   -10.333 1.000 23.220  ? 1039 ASP AAA CA  1 ? 
ATOM   503  C  C   . ASP A 1 61  ? -7.693  2.852   -11.695 1.000 26.621  ? 1039 ASP AAA C   1 ? 
ATOM   504  O  O   . ASP A 1 61  ? -8.381  2.720   -12.714 1.000 28.076  ? 1039 ASP AAA O   1 ? 
ATOM   505  C  CB  . ASP A 1 61  ? -9.090  3.728   -9.819  1.000 23.993  ? 1039 ASP AAA CB  1 ? 
ATOM   506  C  CG  . ASP A 1 61  ? -9.992  3.424   -8.623  1.000 31.241  ? 1039 ASP AAA CG  1 ? 
ATOM   507  O  OD1 . ASP A 1 61  ? -10.223 2.226   -8.338  1.000 30.936  ? 1039 ASP AAA OD1 1 ? 
ATOM   508  O  OD2 . ASP A 1 61  ? -10.439 4.376   -7.948  1.000 31.024  ? 1039 ASP AAA OD2 1 ? 
ATOM   509  N  N   . LEU A 1 62  ? -6.386  3.163   -11.729 1.000 24.334  ? 1040 LEU AAA N   1 ? 
ATOM   510  C  CA  . LEU A 1 62  ? -5.680  3.332   -13.007 1.000 24.944  ? 1040 LEU AAA CA  1 ? 
ATOM   511  C  C   . LEU A 1 62  ? -5.130  2.019   -13.563 1.000 26.406  ? 1040 LEU AAA C   1 ? 
ATOM   512  O  O   . LEU A 1 62  ? -4.364  1.958   -14.533 1.000 28.011  ? 1040 LEU AAA O   1 ? 
ATOM   513  C  CB  . LEU A 1 62  ? -4.550  4.338   -12.807 1.000 23.052  ? 1040 LEU AAA CB  1 ? 
ATOM   514  C  CG  . LEU A 1 62  ? -4.983  5.779   -12.614 1.000 24.566  ? 1040 LEU AAA CG  1 ? 
ATOM   515  C  CD1 . LEU A 1 62  ? -3.818  6.629   -12.135 1.000 28.254  ? 1040 LEU AAA CD1 1 ? 
ATOM   516  C  CD2 . LEU A 1 62  ? -5.547  6.389   -13.923 1.000 27.534  ? 1040 LEU AAA CD2 1 ? 
ATOM   517  N  N   . HIS A 1 63  ? -5.488  0.866   -12.966 1.000 23.759  ? 1041 HIS AAA N   1 ? 
ATOM   518  C  CA  . HIS A 1 63  ? -5.008  -0.406  -13.436 1.000 22.466  ? 1041 HIS AAA CA  1 ? 
ATOM   519  C  C   . HIS A 1 63  ? -3.496  -0.543  -13.382 1.000 24.417  ? 1041 HIS AAA C   1 ? 
ATOM   520  O  O   . HIS A 1 63  ? -2.872  -1.325  -14.106 1.000 30.041  ? 1041 HIS AAA O   1 ? 
ATOM   521  C  CB  . HIS A 1 63  ? -5.593  -0.750  -14.844 1.000 24.334  ? 1041 HIS AAA CB  1 ? 
ATOM   522  C  CG  . HIS A 1 63  ? -7.056  -0.733  -14.916 1.000 23.461  ? 1041 HIS AAA CG  1 ? 
ATOM   523  N  ND1 . HIS A 1 63  ? -7.716  -1.343  -15.985 1.000 33.415  ? 1041 HIS AAA ND1 1 ? 
ATOM   524  C  CD2 . HIS A 1 63  ? -8.014  -0.190  -14.139 1.000 26.934  ? 1041 HIS AAA CD2 1 ? 
ATOM   525  C  CE1 . HIS A 1 63  ? -9.002  -1.125  -15.819 1.000 30.032  ? 1041 HIS AAA CE1 1 ? 
ATOM   526  N  NE2 . HIS A 1 63  ? -9.233  -0.421  -14.727 1.000 34.418  ? 1041 HIS AAA NE2 1 ? 
ATOM   527  N  N   . LYS A 1 64  ? -2.886  0.051   -12.355 1.000 22.966  ? 1042 LYS AAA N   1 ? 
ATOM   528  C  CA  . LYS A 1 64  ? -1.459  -0.067  -12.220 1.000 23.875  ? 1042 LYS AAA CA  1 ? 
ATOM   529  C  C   . LYS A 1 64  ? -0.999  -1.305  -11.492 1.000 24.121  ? 1042 LYS AAA C   1 ? 
ATOM   530  O  O   . LYS A 1 64  ? 0.175   -1.654  -11.622 1.000 27.057  ? 1042 LYS AAA O   1 ? 
ATOM   531  C  CB  . LYS A 1 64  ? -0.860  1.144   -11.509 1.000 23.977  ? 1042 LYS AAA CB  1 ? 
ATOM   532  C  CG  . LYS A 1 64  ? -1.235  2.485   -12.092 1.000 30.848  ? 1042 LYS AAA CG  1 ? 
ATOM   533  C  CD  . LYS A 1 64  ? -0.425  2.751   -13.299 1.000 36.100  ? 1042 LYS AAA CD  1 ? 
ATOM   534  C  CE  . LYS A 1 64  ? -0.395  4.249   -13.563 1.000 42.152  ? 1042 LYS AAA CE  1 ? 
ATOM   535  N  NZ  . LYS A 1 64  ? 0.297   4.506   -14.846 1.000 53.408  ? 1042 LYS AAA NZ  1 ? 
ATOM   536  N  N   . TYR A 1 65  ? -1.898  -1.989  -10.752 1.000 22.027  ? 1043 TYR AAA N   1 ? 
ATOM   537  C  CA  . TYR A 1 65  ? -1.468  -3.183  -10.108 1.000 20.008  ? 1043 TYR AAA CA  1 ? 
ATOM   538  C  C   . TYR A 1 65  ? -2.051  -4.381  -10.843 1.000 23.880  ? 1043 TYR AAA C   1 ? 
ATOM   539  O  O   . TYR A 1 65  ? -3.269  -4.492  -10.936 1.000 28.745  ? 1043 TYR AAA O   1 ? 
ATOM   540  C  CB  . TYR A 1 65  ? -1.947  -3.215  -8.636  1.000 21.423  ? 1043 TYR AAA CB  1 ? 
ATOM   541  C  CG  . TYR A 1 65  ? -1.497  -2.039  -7.781  1.000 20.875  ? 1043 TYR AAA CG  1 ? 
ATOM   542  C  CD1 . TYR A 1 65  ? -0.149  -1.807  -7.559  1.000 23.032  ? 1043 TYR AAA CD1 1 ? 
ATOM   543  C  CD2 . TYR A 1 65  ? -2.447  -1.201  -7.196  1.000 20.773  ? 1043 TYR AAA CD2 1 ? 
ATOM   544  C  CE1 . TYR A 1 65  ? 0.280   -0.755  -6.748  1.000 22.031  ? 1043 TYR AAA CE1 1 ? 
ATOM   545  C  CE2 . TYR A 1 65  ? -2.040  -0.142  -6.386  1.000 20.756  ? 1043 TYR AAA CE2 1 ? 
ATOM   546  C  CZ  . TYR A 1 65  ? -0.695  0.033   -6.138  1.000 22.126  ? 1043 TYR AAA CZ  1 ? 
ATOM   547  O  OH  . TYR A 1 65  ? -0.361  1.134   -5.404  1.000 22.594  ? 1043 TYR AAA OH  1 ? 
ATOM   548  N  N   . LEU A 1 66  ? -1.152  -5.234  -11.285 1.000 23.289  ? 1044 LEU AAA N   1 ? 
ATOM   549  C  CA  . LEU A 1 66  ? -1.637  -6.448  -11.971 1.000 23.213  ? 1044 LEU AAA CA  1 ? 
ATOM   550  C  C   . LEU A 1 66  ? -1.335  -7.657  -11.095 1.000 23.627  ? 1044 LEU AAA C   1 ? 
ATOM   551  O  O   . LEU A 1 66  ? -1.753  -8.767  -11.432 1.000 23.844  ? 1044 LEU AAA O   1 ? 
ATOM   552  C  CB  . LEU A 1 66  ? -0.860  -6.635  -13.285 1.000 25.933  ? 1044 LEU AAA CB  1 ? 
ATOM   553  C  CG  . LEU A 1 66  ? -1.108  -5.580  -14.378 1.000 32.560  ? 1044 LEU AAA CG  1 ? 
ATOM   554  C  CD1 . LEU A 1 66  ? -0.618  -6.174  -15.707 1.000 34.137  ? 1044 LEU AAA CD1 1 ? 
ATOM   555  C  CD2 . LEU A 1 66  ? -2.559  -5.136  -14.485 1.000 36.026  ? 1044 LEU AAA CD2 1 ? 
ATOM   556  N  N   . THR A 1 67  ? -0.691  -7.506  -9.902  1.000 22.162  ? 1045 THR AAA N   1 ? 
ATOM   557  C  CA  . THR A 1 67  ? -0.499  -8.614  -8.997  1.000 20.929  ? 1045 THR AAA CA  1 ? 
ATOM   558  C  C   . THR A 1 67  ? -0.543  -8.066  -7.561  1.000 20.425  ? 1045 THR AAA C   1 ? 
ATOM   559  O  O   . THR A 1 67  ? -0.357  -6.850  -7.400  1.000 21.688  ? 1045 THR AAA O   1 ? 
ATOM   560  C  CB  . THR A 1 67  ? 0.855   -9.306  -9.141  1.000 24.129  ? 1045 THR AAA CB  1 ? 
ATOM   561  O  OG1 . THR A 1 67  ? 1.897   -8.380  -8.770  1.000 25.131  ? 1045 THR AAA OG1 1 ? 
ATOM   562  C  CG2 . THR A 1 67  ? 1.085   -9.777  -10.570 1.000 25.118  ? 1045 THR AAA CG2 1 ? 
ATOM   563  N  N   . VAL A 1 68  ? -0.806  -8.963  -6.610  1.000 20.500  ? 1046 VAL AAA N   1 ? 
ATOM   564  C  CA  . VAL A 1 68  ? -0.766  -8.501  -5.213  1.000 19.978  ? 1046 VAL AAA CA  1 ? 
ATOM   565  C  C   . VAL A 1 68  ? 0.658   -8.187  -4.819  1.000 23.473  ? 1046 VAL AAA C   1 ? 
ATOM   566  O  O   . VAL A 1 68  ? 0.865   -7.257  -4.028  1.000 21.855  ? 1046 VAL AAA O   1 ? 
ATOM   567  C  CB  . VAL A 1 68  ? -1.388  -9.532  -4.272  1.000 20.462  ? 1046 VAL AAA CB  1 ? 
ATOM   568  C  CG1 . VAL A 1 68  ? -1.375  -8.975  -2.838  1.000 24.366  ? 1046 VAL AAA CG1 1 ? 
ATOM   569  C  CG2 . VAL A 1 68  ? -2.853  -9.792  -4.683  1.000 25.817  ? 1046 VAL AAA CG2 1 ? 
ATOM   570  N  N   . LYS A 1 69  ? 1.670   -8.830  -5.396  1.000 22.383  ? 1047 LYS AAA N   1 ? 
ATOM   571  C  CA  . LYS A 1 69  ? 3.055   -8.461  -5.115  1.000 25.905  ? 1047 LYS AAA CA  1 ? 
ATOM   572  C  C   . LYS A 1 69  ? 3.310   -6.991  -5.455  1.000 25.663  ? 1047 LYS AAA C   1 ? 
ATOM   573  O  O   . LYS A 1 69  ? 3.979   -6.279  -4.669  1.000 26.975  ? 1047 LYS AAA O   1 ? 
ATOM   574  C  CB  . LYS A 1 69  ? 3.945   -9.478  -5.860  1.000 30.081  ? 1047 LYS AAA CB  1 ? 
ATOM   575  C  CG  . LYS A 1 69  ? 5.422   -9.469  -5.533  1.000 45.577  ? 1047 LYS AAA CG  1 ? 
ATOM   576  C  CD  . LYS A 1 69  ? 6.085   -10.636 -6.276  1.000 48.649  ? 1047 LYS AAA CD  1 ? 
ATOM   577  C  CE  . LYS A 1 69  ? 7.219   -11.326 -5.541  1.000 71.313  ? 1047 LYS AAA CE  1 ? 
ATOM   578  N  NZ  . LYS A 1 69  ? 8.548   -10.941 -6.077  1.000 79.011  ? 1047 LYS AAA NZ  1 ? 
ATOM   579  N  N   . ASP A 1 70  ? 2.826   -6.471  -6.587  1.000 23.024  ? 1048 ASP AAA N   1 ? 
ATOM   580  C  CA  . ASP A 1 70  ? 3.035   -5.081  -6.957  1.000 24.284  ? 1048 ASP AAA CA  1 ? 
ATOM   581  C  C   . ASP A 1 70  ? 2.374   -4.150  -5.923  1.000 25.673  ? 1048 ASP AAA C   1 ? 
ATOM   582  O  O   . ASP A 1 70  ? 2.915   -3.089  -5.592  1.000 24.178  ? 1048 ASP AAA O   1 ? 
ATOM   583  C  CB  . ASP A 1 70  ? 2.557   -4.870  -8.384  1.000 30.178  ? 1048 ASP AAA CB  1 ? 
ATOM   584  C  CG  . ASP A 1 70  ? 3.519   -5.511  -9.407  1.000 36.200  ? 1048 ASP AAA CG  1 ? 
ATOM   585  O  OD1 . ASP A 1 70  ? 4.646   -5.917  -9.028  1.000 44.850  ? 1048 ASP AAA OD1 1 ? 
ATOM   586  O  OD2 . ASP A 1 70  ? 3.113   -5.614  -10.534 1.000 47.471  ? 1048 ASP AAA OD2 1 ? 
ATOM   587  N  N   . TYR A 1 71  ? 1.157   -4.496  -5.468  1.000 22.046  ? 1049 TYR AAA N   1 ? 
ATOM   588  C  CA  . TYR A 1 71  ? 0.472   -3.676  -4.471  1.000 19.891  ? 1049 TYR AAA CA  1 ? 
ATOM   589  C  C   . TYR A 1 71  ? 1.320   -3.677  -3.186  1.000 21.106  ? 1049 TYR AAA C   1 ? 
ATOM   590  O  O   . TYR A 1 71  ? 1.439   -2.596  -2.537  1.000 20.520  ? 1049 TYR AAA O   1 ? 
ATOM   591  C  CB  . TYR A 1 71  ? -0.869  -4.369  -4.222  1.000 18.985  ? 1049 TYR AAA CB  1 ? 
ATOM   592  C  CG  . TYR A 1 71  ? -1.668  -3.811  -3.069  1.000 16.688  ? 1049 TYR AAA CG  1 ? 
ATOM   593  C  CD1 . TYR A 1 71  ? -2.498  -2.687  -3.186  1.000 17.195  ? 1049 TYR AAA CD1 1 ? 
ATOM   594  C  CD2 . TYR A 1 71  ? -1.600  -4.488  -1.838  1.000 17.541  ? 1049 TYR AAA CD2 1 ? 
ATOM   595  C  CE1 . TYR A 1 71  ? -3.283  -2.231  -2.111  1.000 17.245  ? 1049 TYR AAA CE1 1 ? 
ATOM   596  C  CE2 . TYR A 1 71  ? -2.364  -4.023  -0.761  1.000 17.780  ? 1049 TYR AAA CE2 1 ? 
ATOM   597  C  CZ  . TYR A 1 71  ? -3.160  -2.902  -0.894  1.000 18.265  ? 1049 TYR AAA CZ  1 ? 
ATOM   598  O  OH  . TYR A 1 71  ? -3.944  -2.449  0.149   1.000 18.755  ? 1049 TYR AAA OH  1 ? 
ATOM   599  N  N   . LEU A 1 72  ? 1.771   -4.848  -2.763  1.000 20.078  ? 1050 LEU AAA N   1 ? 
ATOM   600  C  CA  . LEU A 1 72  ? 2.524   -4.902  -1.500  1.000 21.374  ? 1050 LEU AAA CA  1 ? 
ATOM   601  C  C   . LEU A 1 72  ? 3.833   -4.126  -1.597  1.000 23.207  ? 1050 LEU AAA C   1 ? 
ATOM   602  O  O   . LEU A 1 72  ? 4.327   -3.636  -0.564  1.000 23.732  ? 1050 LEU AAA O   1 ? 
ATOM   603  C  CB  . LEU A 1 72  ? 2.769   -6.320  -1.007  1.000 21.816  ? 1050 LEU AAA CB  1 ? 
ATOM   604  C  CG  . LEU A 1 72  ? 1.512   -7.012  -0.517  1.000 22.137  ? 1050 LEU AAA CG  1 ? 
ATOM   605  C  CD1 . LEU A 1 72  ? 1.763   -8.481  -0.263  1.000 26.618  ? 1050 LEU AAA CD1 1 ? 
ATOM   606  C  CD2 . LEU A 1 72  ? 0.927   -6.385  0.724   1.000 24.241  ? 1050 LEU AAA CD2 1 ? 
ATOM   607  N  N   . ARG A 1 73  ? 4.406   -3.959  -2.782  1.000 21.620  ? 1051 ARG AAA N   1 ? 
ATOM   608  C  CA  . ARG A 1 73  ? 5.594   -3.112  -2.896  1.000 23.639  ? 1051 ARG AAA CA  1 ? 
ATOM   609  C  C   . ARG A 1 73  ? 5.254   -1.683  -2.502  1.000 21.916  ? 1051 ARG AAA C   1 ? 
ATOM   610  O  O   . ARG A 1 73  ? 6.103   -0.991  -1.914  1.000 23.076  ? 1051 ARG AAA O   1 ? 
ATOM   611  C  CB  . ARG A 1 73  ? 6.147   -3.143  -4.329  1.000 27.715  ? 1051 ARG AAA CB  1 ? 
ATOM   612  C  CG  . ARG A 1 73  ? 6.900   -4.426  -4.639  1.000 41.410  ? 1051 ARG AAA CG  1 ? 
ATOM   613  C  CD  . ARG A 1 73  ? 7.678   -4.238  -5.946  1.000 47.536  ? 1051 ARG AAA CD  1 ? 
ATOM   614  N  NE  . ARG A 1 73  ? 7.354   -5.309  -6.892  1.000 63.770  ? 1051 ARG AAA NE  1 ? 
ATOM   615  C  CZ  . ARG A 1 73  ? 7.850   -6.545  -6.859  1.000 73.975  ? 1051 ARG AAA CZ  1 ? 
ATOM   616  N  NH1 . ARG A 1 73  ? 7.469   -7.428  -7.768  1.000 78.721  ? 1051 ARG AAA NH1 1 ? 
ATOM   617  N  NH2 . ARG A 1 73  ? 8.724   -6.893  -5.928  1.000 80.993  ? 1051 ARG AAA NH2 1 ? 
ATOM   618  N  N   . ASP A 1 74  ? 4.034   -1.209  -2.796  1.000 20.664  ? 1052 ASP AAA N   1 ? 
ATOM   619  C  CA  . ASP A 1 74  ? 3.675   0.157   -2.454  1.000 21.039  ? 1052 ASP AAA CA  1 ? 
ATOM   620  C  C   . ASP A 1 74  ? 3.307   0.229   -0.959  1.000 19.604  ? 1052 ASP AAA C   1 ? 
ATOM   621  O  O   . ASP A 1 74  ? 3.616   1.267   -0.344  1.000 20.373  ? 1052 ASP AAA O   1 ? 
ATOM   622  C  CB  . ASP A 1 74  ? 2.548   0.714   -3.326  1.000 22.233  ? 1052 ASP AAA CB  1 ? 
ATOM   623  C  CG  . ASP A 1 74  ? 3.048   1.254   -4.675  1.000 25.052  ? 1052 ASP AAA CG  1 ? 
ATOM   624  O  OD1 . ASP A 1 74  ? 4.298   1.385   -4.819  1.000 27.398  ? 1052 ASP AAA OD1 1 ? 
ATOM   625  O  OD2 . ASP A 1 74  ? 2.208   1.647   -5.506  1.000 25.082  ? 1052 ASP AAA OD2 1 ? 
ATOM   626  N  N   . ILE A 1 75  ? 2.662   -0.811  -0.406  1.000 18.728  ? 1053 ILE AAA N   1 ? 
ATOM   627  C  CA  . ILE A 1 75  ? 2.454   -0.803  1.047   1.000 19.454  ? 1053 ILE AAA CA  1 ? 
ATOM   628  C  C   . ILE A 1 75  ? 3.826   -0.791  1.718   1.000 19.659  ? 1053 ILE AAA C   1 ? 
ATOM   629  O  O   . ILE A 1 75  ? 4.016   -0.047  2.739   1.000 21.325  ? 1053 ILE AAA O   1 ? 
ATOM   630  C  CB  . ILE A 1 75  ? 1.670   -2.074  1.449   1.000 19.574  ? 1053 ILE AAA CB  1 ? 
ATOM   631  C  CG1 . ILE A 1 75  ? 0.275   -2.048  0.824   1.000 20.865  ? 1053 ILE AAA CG1 1 ? 
ATOM   632  C  CG2 . ILE A 1 75  ? 1.595   -2.177  2.993   1.000 21.386  ? 1053 ILE AAA CG2 1 ? 
ATOM   633  C  CD1 . ILE A 1 75  ? -0.579  -0.828  1.169   1.000 22.755  ? 1053 ILE AAA CD1 1 ? 
ATOM   634  N  N   . ASP A 1 76  ? 4.801   -1.595  1.249   1.000 19.171  ? 1054 ASP AAA N   1 ? 
ATOM   635  C  CA  . ASP A 1 76  ? 6.140   -1.586  1.851   1.000 19.558  ? 1054 ASP AAA CA  1 ? 
ATOM   636  C  C   . ASP A 1 76  ? 6.737   -0.171  1.771   1.000 22.449  ? 1054 ASP AAA C   1 ? 
ATOM   637  O  O   . ASP A 1 76  ? 7.458   0.172   2.715   1.000 25.169  ? 1054 ASP AAA O   1 ? 
ATOM   638  C  CB  . ASP A 1 76  ? 7.053   -2.549  1.078   1.000 23.240  ? 1054 ASP AAA CB  1 ? 
ATOM   639  C  CG  . ASP A 1 76  ? 6.807   -4.021  1.316   1.000 30.468  ? 1054 ASP AAA CG  1 ? 
ATOM   640  O  OD1 . ASP A 1 76  ? 6.187   -4.357  2.275   1.000 30.860  ? 1054 ASP AAA OD1 1 ? 
ATOM   641  O  OD2 . ASP A 1 76  ? 7.336   -4.842  0.518   1.000 34.932  ? 1054 ASP AAA OD2 1 ? 
ATOM   642  N  N   . LEU A 1 77  ? 6.500   0.619   0.704   1.000 20.470  ? 1055 LEU AAA N   1 ? 
ATOM   643  C  CA  . LEU A 1 77  ? 7.051   1.963   0.573   1.000 23.675  ? 1055 LEU AAA CA  1 ? 
ATOM   644  C  C   . LEU A 1 77  ? 6.478   2.877   1.655   1.000 24.962  ? 1055 LEU AAA C   1 ? 
ATOM   645  O  O   . LEU A 1 77  ? 7.140   3.767   2.203   1.000 24.351  ? 1055 LEU AAA O   1 ? 
ATOM   646  C  CB  . LEU A 1 77  ? 6.640   2.544   -0.777  1.000 29.377  ? 1055 LEU AAA CB  1 ? 
ATOM   647  C  CG  . LEU A 1 77  ? 7.632   2.796   -1.889  1.000 40.372  ? 1055 LEU AAA CG  1 ? 
ATOM   648  C  CD1 . LEU A 1 77  ? 6.885   3.620   -2.950  1.000 31.952  ? 1055 LEU AAA CD1 1 ? 
ATOM   649  C  CD2 . LEU A 1 77  ? 8.885   3.536   -1.365  1.000 30.945  ? 1055 LEU AAA CD2 1 ? 
ATOM   650  N  N   . ILE A 1 78  ? 5.182   2.741   1.952   1.000 24.587  ? 1056 ILE AAA N   1 ? 
ATOM   651  C  CA  . ILE A 1 78  ? 4.583   3.574   2.979   1.000 24.431  ? 1056 ILE AAA CA  1 ? 
ATOM   652  C  C   . ILE A 1 78  ? 5.369   3.331   4.253   1.000 25.700  ? 1056 ILE AAA C   1 ? 
ATOM   653  O  O   . ILE A 1 78  ? 5.711   4.292   4.981   1.000 27.878  ? 1056 ILE AAA O   1 ? 
ATOM   654  C  CB  . ILE A 1 78  ? 3.066   3.262   3.136   1.000 24.757  ? 1056 ILE AAA CB  1 ? 
ATOM   655  C  CG1 . ILE A 1 78  ? 2.299   3.629   1.868   1.000 25.478  ? 1056 ILE AAA CG1 1 ? 
ATOM   656  C  CG2 . ILE A 1 78  ? 2.566   3.879   4.440   1.000 27.979  ? 1056 ILE AAA CG2 1 ? 
ATOM   657  C  CD1 . ILE A 1 78  ? 0.772   3.321   1.889   1.000 27.028  ? 1056 ILE AAA CD1 1 ? 
ATOM   658  N  N   . CYS A 1 79  ? 5.676   2.086   4.586   1.000 23.063  ? 1057 CYS AAA N   1 ? 
ATOM   659  C  CA  . CYS A 1 79  ? 6.411   1.692   5.758   1.000 24.438  ? 1057 CYS AAA CA  1 ? 
ATOM   660  C  C   . CYS A 1 79  ? 7.862   2.197   5.713   1.000 29.142  ? 1057 CYS AAA C   1 ? 
ATOM   661  O  O   . CYS A 1 79  ? 8.328   2.874   6.639   1.000 25.882  ? 1057 CYS AAA O   1 ? 
ATOM   662  C  CB  . CYS A 1 79  ? 6.302   0.191   6.029   1.000 26.201  ? 1057 CYS AAA CB  1 ? 
ATOM   663  S  SG  . CYS A 1 79  ? 7.242   -0.349  7.465   1.000 32.688  ? 1057 CYS AAA SG  1 ? 
ATOM   664  N  N   . SER A 1 80  ? 8.579   1.906   4.628   1.000 23.258  ? 1058 SER AAA N   1 ? 
ATOM   665  C  CA  . SER A 1 80  ? 9.997   2.235   4.599   1.000 23.512  ? 1058 SER AAA CA  1 ? 
ATOM   666  C  C   . SER A 1 80  ? 10.151  3.753   4.557   1.000 23.435  ? 1058 SER AAA C   1 ? 
ATOM   667  O  O   . SER A 1 80  ? 11.151  4.239   5.123   1.000 24.903  ? 1058 SER AAA O   1 ? 
ATOM   668  C  CB  . SER A 1 80  ? 10.669  1.493   3.409   1.000 25.811  ? 1058 SER AAA CB  1 ? 
ATOM   669  O  OG  . SER A 1 80  ? 10.132  1.980   2.226   1.000 28.621  ? 1058 SER AAA OG  1 ? 
ATOM   670  N  N   . ASN A 1 81  ? 9.285   4.516   3.904   1.000 21.905  ? 1059 ASN AAA N   1 ? 
ATOM   671  C  CA  . ASN A 1 81  ? 9.345   5.985   3.851   1.000 21.090  ? 1059 ASN AAA CA  1 ? 
ATOM   672  C  C   . ASN A 1 81  ? 9.244   6.497   5.297   1.000 25.835  ? 1059 ASN AAA C   1 ? 
ATOM   673  O  O   . ASN A 1 81  ? 9.949   7.421   5.679   1.000 24.608  ? 1059 ASN AAA O   1 ? 
ATOM   674  C  CB  . ASN A 1 81  ? 8.259   6.666   3.021   1.000 23.382  ? 1059 ASN AAA CB  1 ? 
ATOM   675  C  CG  . ASN A 1 81  ? 8.463   6.481   1.519   1.000 22.768  ? 1059 ASN AAA CG  1 ? 
ATOM   676  O  OD1 . ASN A 1 81  ? 9.591   6.153   1.160   1.000 25.994  ? 1059 ASN AAA OD1 1 ? 
ATOM   677  N  ND2 . ASN A 1 81  ? 7.433   6.770   0.769   1.000 25.366  ? 1059 ASN AAA ND2 1 ? 
ATOM   678  N  N   . ALA A 1 82  ? 8.333   5.907   6.101   1.000 24.525  ? 1060 ALA AAA N   1 ? 
ATOM   679  C  CA  . ALA A 1 82  ? 8.162   6.434   7.450   1.000 26.600  ? 1060 ALA AAA CA  1 ? 
ATOM   680  C  C   . ALA A 1 82  ? 9.376   6.062   8.292   1.000 24.451  ? 1060 ALA AAA C   1 ? 
ATOM   681  O  O   . ALA A 1 82  ? 9.787   6.878   9.144   1.000 29.380  ? 1060 ALA AAA O   1 ? 
ATOM   682  C  CB  . ALA A 1 82  ? 6.888   5.830   8.019   1.000 28.520  ? 1060 ALA AAA CB  1 ? 
ATOM   683  N  N   . LEU A 1 83  ? 10.008  4.894   8.156   1.000 25.280  ? 1061 LEU AAA N   1 ? 
ATOM   684  C  CA  . LEU A 1 83  ? 11.231  4.511   8.829   1.000 27.387  ? 1061 LEU AAA CA  1 ? 
ATOM   685  C  C   . LEU A 1 83  ? 12.388  5.439   8.479   1.000 33.430  ? 1061 LEU AAA C   1 ? 
ATOM   686  O  O   . LEU A 1 83  ? 13.186  5.816   9.343   1.000 35.319  ? 1061 LEU AAA O   1 ? 
ATOM   687  C  CB  . LEU A 1 83  ? 11.636  3.067   8.561   1.000 31.739  ? 1061 LEU AAA CB  1 ? 
ATOM   688  C  CG  . LEU A 1 83  ? 10.588  1.987   8.836   1.000 35.783  ? 1061 LEU AAA CG  1 ? 
ATOM   689  C  CD1 . LEU A 1 83  ? 11.247  0.622   8.742   1.000 37.164  ? 1061 LEU AAA CD1 1 ? 
ATOM   690  C  CD2 . LEU A 1 83  ? 9.928   2.156   10.206  1.000 39.843  ? 1061 LEU AAA CD2 1 ? 
ATOM   691  N  N   . GLU A 1 84  ? 12.422  5.869   7.221   1.000 28.082  ? 1062 GLU AAA N   1 ? 
ATOM   692  C  CA  . GLU A 1 84  ? 13.517  6.740   6.777   1.000 30.870  ? 1062 GLU AAA CA  1 ? 
ATOM   693  C  C   . GLU A 1 84  ? 13.300  8.189   7.201   1.000 28.028  ? 1062 GLU AAA C   1 ? 
ATOM   694  O  O   . GLU A 1 84  ? 14.264  8.829   7.690   1.000 31.953  ? 1062 GLU AAA O   1 ? 
ATOM   695  C  CB  . GLU A 1 84  ? 13.698  6.612   5.251   1.000 28.281  ? 1062 GLU AAA CB  1 ? 
ATOM   696  C  CG  . GLU A 1 84  ? 14.654  7.668   4.661   1.000 39.023  ? 1062 GLU AAA CG  1 ? 
ATOM   697  C  CD  . GLU A 1 84  ? 14.869  7.635   3.141   1.000 58.437  ? 1062 GLU AAA CD  1 ? 
ATOM   698  O  OE1 . GLU A 1 84  ? 15.803  8.340   2.645   1.000 61.671  ? 1062 GLU AAA OE1 1 ? 
ATOM   699  O  OE2 . GLU A 1 84  ? 14.085  6.938   2.436   1.000 56.441  ? 1062 GLU AAA OE2 1 ? 
ATOM   700  N  N   . TYR A 1 85  ? 12.113  8.756   7.010   1.000 26.534  ? 1063 TYR AAA N   1 ? 
ATOM   701  C  CA  . TYR A 1 85  ? 11.848  10.131  7.356   1.000 26.203  ? 1063 TYR AAA CA  1 ? 
ATOM   702  C  C   . TYR A 1 85  ? 11.790  10.357  8.872   1.000 28.578  ? 1063 TYR AAA C   1 ? 
ATOM   703  O  O   . TYR A 1 85  ? 12.067  11.488  9.281   1.000 29.253  ? 1063 TYR AAA O   1 ? 
ATOM   704  C  CB  . TYR A 1 85  ? 10.571  10.681  6.738   1.000 29.402  ? 1063 TYR AAA CB  1 ? 
ATOM   705  C  CG  . TYR A 1 85  ? 10.467  12.178  6.838   1.000 33.397  ? 1063 TYR AAA CG  1 ? 
ATOM   706  C  CD1 . TYR A 1 85  ? 11.319  12.969  6.076   1.000 35.372  ? 1063 TYR AAA CD1 1 ? 
ATOM   707  C  CD2 . TYR A 1 85  ? 9.544   12.805  7.663   1.000 34.510  ? 1063 TYR AAA CD2 1 ? 
ATOM   708  C  CE1 . TYR A 1 85  ? 11.260  14.353  6.148   1.000 37.592  ? 1063 TYR AAA CE1 1 ? 
ATOM   709  C  CE2 . TYR A 1 85  ? 9.477   14.187  7.749   1.000 38.936  ? 1063 TYR AAA CE2 1 ? 
ATOM   710  C  CZ  . TYR A 1 85  ? 10.343  14.955  6.984   1.000 42.086  ? 1063 TYR AAA CZ  1 ? 
ATOM   711  O  OH  . TYR A 1 85  ? 10.308  16.314  7.042   1.000 49.779  ? 1063 TYR AAA OH  1 ? 
ATOM   712  N  N   . ASN A 1 86  ? 11.418  9.329   9.647   1.000 24.111  ? 1064 ASN AAA N   1 ? 
ATOM   713  C  CA  . ASN A 1 86  ? 11.196  9.578   11.101  1.000 24.340  ? 1064 ASN AAA CA  1 ? 
ATOM   714  C  C   . ASN A 1 86  ? 12.049  8.592   11.875  1.000 24.203  ? 1064 ASN AAA C   1 ? 
ATOM   715  O  O   . ASN A 1 86  ? 11.490  7.711   12.516  1.000 25.090  ? 1064 ASN AAA O   1 ? 
ATOM   716  C  CB  . ASN A 1 86  ? 9.703   9.379   11.460  1.000 24.836  ? 1064 ASN AAA CB  1 ? 
ATOM   717  C  CG  . ASN A 1 86  ? 8.778   10.261  10.665  1.000 27.673  ? 1064 ASN AAA CG  1 ? 
ATOM   718  O  OD1 . ASN A 1 86  ? 8.547   11.403  11.009  1.000 33.508  ? 1064 ASN AAA OD1 1 ? 
ATOM   719  N  ND2 . ASN A 1 86  ? 8.244   9.742   9.552   1.000 27.708  ? 1064 ASN AAA ND2 1 ? 
ATOM   720  N  N   . PRO A 1 87  ? 13.416  8.622   11.845  1.000 24.402  ? 1065 PRO AAA N   1 ? 
ATOM   721  C  CA  . PRO A 1 87  ? 14.267  7.614   12.446  1.000 24.717  ? 1065 PRO AAA CA  1 ? 
ATOM   722  C  C   . PRO A 1 87  ? 14.718  7.827   13.908  1.000 24.592  ? 1065 PRO AAA C   1 ? 
ATOM   723  O  O   . PRO A 1 87  ? 15.409  6.926   14.399  1.000 30.531  ? 1065 PRO AAA O   1 ? 
ATOM   724  C  CB  . PRO A 1 87  ? 15.571  7.729   11.617  1.000 27.086  ? 1065 PRO AAA CB  1 ? 
ATOM   725  C  CG  . PRO A 1 87  ? 15.613  9.205   11.307  1.000 26.891  ? 1065 PRO AAA CG  1 ? 
ATOM   726  C  CD  . PRO A 1 87  ? 14.184  9.629   11.057  1.000 28.011  ? 1065 PRO AAA CD  1 ? 
ATOM   727  N  N   . ASP A 1 88  ? 14.239  8.915   14.513  1.000 28.845  ? 1066 ASP AAA N   1 ? 
ATOM   728  C  CA  . ASP A 1 88  ? 14.784  9.403   15.794  1.000 28.689  ? 1066 ASP AAA CA  1 ? 
ATOM   729  C  C   . ASP A 1 88  ? 14.148  8.652   16.964  1.000 33.306  ? 1066 ASP AAA C   1 ? 
ATOM   730  O  O   . ASP A 1 88  ? 13.144  7.915   16.843  1.000 26.924  ? 1066 ASP AAA O   1 ? 
ATOM   731  C  CB  . ASP A 1 88  ? 14.529  10.898  15.916  1.000 27.409  ? 1066 ASP AAA CB  1 ? 
ATOM   732  C  CG  . ASP A 1 88  ? 15.399  11.696  14.936  1.000 37.952  ? 1066 ASP AAA CG  1 ? 
ATOM   733  O  OD1 . ASP A 1 88  ? 16.350  11.103  14.353  1.000 41.434  ? 1066 ASP AAA OD1 1 ? 
ATOM   734  O  OD2 . ASP A 1 88  ? 15.136  12.884  14.758  1.000 46.792  ? 1066 ASP AAA OD2 1 ? 
ATOM   735  N  N   . ARG A 1 89  ? 14.762  8.827   18.155  1.000 29.535  ? 1067 ARG AAA N   1 ? 
ATOM   736  C  CA  . ARG A 1 89  ? 14.287  8.077   19.307  1.000 26.907  ? 1067 ARG AAA CA  1 ? 
ATOM   737  C  C   . ARG A 1 89  ? 13.111  8.783   19.971  1.000 25.071  ? 1067 ARG AAA C   1 ? 
ATOM   738  O  O   . ARG A 1 89  ? 12.507  8.140   20.817  1.000 27.787  ? 1067 ARG AAA O   1 ? 
ATOM   739  C  CB  . ARG A 1 89  ? 15.404  7.825   20.348  1.000 30.040  ? 1067 ARG AAA CB  1 ? 
ATOM   740  C  CG  . ARG A 1 89  ? 15.927  9.019   21.165  1.000 34.116  ? 1067 ARG AAA CG  1 ? 
ATOM   741  C  CD  . ARG A 1 89  ? 15.301  9.310   22.566  1.000 28.215  ? 1067 ARG AAA CD  1 ? 
ATOM   742  N  NE  . ARG A 1 89  ? 14.936  8.112   23.314  1.000 30.304  ? 1067 ARG AAA NE  1 ? 
ATOM   743  C  CZ  . ARG A 1 89  ? 13.882  8.111   24.171  1.000 28.974  ? 1067 ARG AAA CZ  1 ? 
ATOM   744  N  NH1 . ARG A 1 89  ? 13.200  9.247   24.260  1.000 27.540  ? 1067 ARG AAA NH1 1 ? 
ATOM   745  N  NH2 . ARG A 1 89  ? 13.590  6.999   24.900  1.000 25.844  ? 1067 ARG AAA NH2 1 ? 
ATOM   746  N  N   . ASP A 1 90  ? 12.776  9.976   19.536  1.000 25.961  ? 1068 ASP AAA N   1 ? 
ATOM   747  C  CA  . ASP A 1 90  ? 11.736  10.681  20.249  1.000 29.885  ? 1068 ASP AAA CA  1 ? 
ATOM   748  C  C   . ASP A 1 90  ? 10.378  10.048  19.987  1.000 29.711  ? 1068 ASP AAA C   1 ? 
ATOM   749  O  O   . ASP A 1 90  ? 10.175  9.327   19.004  1.000 26.995  ? 1068 ASP AAA O   1 ? 
ATOM   750  C  CB  . ASP A 1 90  ? 11.621  12.147  19.914  1.000 37.707  ? 1068 ASP AAA CB  1 ? 
ATOM   751  C  CG  . ASP A 1 90  ? 11.298  12.367  18.474  1.000 43.343  ? 1068 ASP AAA CG  1 ? 
ATOM   752  O  OD1 . ASP A 1 90  ? 12.248  12.253  17.676  1.000 54.598  ? 1068 ASP AAA OD1 1 ? 
ATOM   753  O  OD2 . ASP A 1 90  ? 10.099  12.627  18.164  1.000 57.021  ? 1068 ASP AAA OD2 1 ? 
ATOM   754  N  N   . PRO A 1 91  ? 9.436   10.230  20.904  1.000 24.189  ? 1069 PRO AAA N   1 ? 
ATOM   755  C  CA  . PRO A 1 91  ? 8.193   9.488   20.851  1.000 23.659  ? 1069 PRO AAA CA  1 ? 
ATOM   756  C  C   . PRO A 1 91  ? 7.403   9.810   19.589  1.000 23.763  ? 1069 PRO AAA C   1 ? 
ATOM   757  O  O   . PRO A 1 91  ? 6.659   8.915   19.205  1.000 23.402  ? 1069 PRO AAA O   1 ? 
ATOM   758  C  CB  . PRO A 1 91  ? 7.386   10.004  22.063  1.000 27.175  ? 1069 PRO AAA CB  1 ? 
ATOM   759  C  CG  . PRO A 1 91  ? 8.452   10.507  23.020  1.000 30.303  ? 1069 PRO AAA CG  1 ? 
ATOM   760  C  CD  . PRO A 1 91  ? 9.577   11.048  22.171  1.000 24.016  ? 1069 PRO AAA CD  1 ? 
ATOM   761  N  N   . GLY A 1 92  ? 7.437   11.020  19.032  1.000 24.129  ? 1070 GLY AAA N   1 ? 
ATOM   762  C  CA  . GLY A 1 92  ? 6.601   11.250  17.850  1.000 26.034  ? 1070 GLY AAA CA  1 ? 
ATOM   763  C  C   . GLY A 1 92  ? 7.109   10.369  16.698  1.000 26.902  ? 1070 GLY AAA C   1 ? 
ATOM   764  O  O   . GLY A 1 92  ? 6.313   9.732   15.978  1.000 25.904  ? 1070 GLY AAA O   1 ? 
ATOM   765  N  N   . ASP A 1 93  ? 8.434   10.290  16.522  1.000 25.132  ? 1071 ASP AAA N   1 ? 
ATOM   766  C  CA  . ASP A 1 93  ? 8.986   9.444   15.465  1.000 26.372  ? 1071 ASP AAA CA  1 ? 
ATOM   767  C  C   . ASP A 1 93  ? 8.733   7.967   15.785  1.000 26.627  ? 1071 ASP AAA C   1 ? 
ATOM   768  O  O   . ASP A 1 93  ? 8.388   7.151   14.891  1.000 24.747  ? 1071 ASP AAA O   1 ? 
ATOM   769  C  CB  . ASP A 1 93  ? 10.502  9.648   15.282  1.000 25.913  ? 1071 ASP AAA CB  1 ? 
ATOM   770  C  CG  . ASP A 1 93  ? 10.877  10.891  14.477  1.000 29.154  ? 1071 ASP AAA CG  1 ? 
ATOM   771  O  OD1 . ASP A 1 93  ? 10.020  11.797  14.244  1.000 34.245  ? 1071 ASP AAA OD1 1 ? 
ATOM   772  O  OD2 . ASP A 1 93  ? 12.043  10.869  13.959  1.000 32.915  ? 1071 ASP AAA OD2 1 ? 
ATOM   773  N  N   . ARG A 1 94  ? 8.866   7.522   17.048  1.000 22.015  ? 1072 ARG AAA N   1 ? 
ATOM   774  C  CA  . ARG A 1 94  ? 8.653   6.123   17.352  1.000 23.779  ? 1072 ARG AAA CA  1 ? 
ATOM   775  C  C   . ARG A 1 94  ? 7.176   5.769   17.063  1.000 22.058  ? 1072 ARG AAA C   1 ? 
ATOM   776  O  O   . ARG A 1 94  ? 6.946   4.655   16.606  1.000 24.034  ? 1072 ARG AAA O   1 ? 
ATOM   777  C  CB  . ARG A 1 94  ? 9.063   5.776   18.792  1.000 25.561  ? 1072 ARG AAA CB  1 ? 
ATOM   778  C  CG  . ARG A 1 94  ? 10.581  5.646   18.905  1.000 30.066  ? 1072 ARG AAA CG  1 ? 
ATOM   779  C  CD  . ARG A 1 94  ? 11.113  5.438   20.309  1.000 33.451  ? 1072 ARG AAA CD  1 ? 
ATOM   780  N  NE  . ARG A 1 94  ? 12.550  5.059   20.380  1.000 35.635  ? 1072 ARG AAA NE  1 ? 
ATOM   781  C  CZ  . ARG A 1 94  ? 13.303  5.087   21.494  1.000 48.689  ? 1072 ARG AAA CZ  1 ? 
ATOM   782  N  NH1 . ARG A 1 94  ? 12.802  5.583   22.616  1.000 49.281  ? 1072 ARG AAA NH1 1 ? 
ATOM   783  N  NH2 . ARG A 1 94  ? 14.570  4.686   21.454  1.000 46.327  ? 1072 ARG AAA NH2 1 ? 
ATOM   784  N  N   . LEU A 1 95  ? 6.258   6.644   17.411  1.000 21.133  ? 1073 LEU AAA N   1 ? 
ATOM   785  C  CA  . LEU A 1 95  ? 4.816   6.371   17.192  1.000 19.765  ? 1073 LEU AAA CA  1 ? 
ATOM   786  C  C   . LEU A 1 95  ? 4.545   6.192   15.674  1.000 24.154  ? 1073 LEU AAA C   1 ? 
ATOM   787  O  O   . LEU A 1 95  ? 3.865   5.191   15.331  1.000 24.037  ? 1073 LEU AAA O   1 ? 
ATOM   788  C  CB  . LEU A 1 95  ? 3.942   7.470   17.752  1.000 21.058  ? 1073 LEU AAA CB  1 ? 
ATOM   789  C  CG  . LEU A 1 95  ? 2.421   7.331   17.551  1.000 20.344  ? 1073 LEU AAA CG  1 ? 
ATOM   790  C  CD1 . LEU A 1 95  ? 1.902   6.028   18.159  1.000 23.951  ? 1073 LEU AAA CD1 1 ? 
ATOM   791  C  CD2 . LEU A 1 95  ? 1.714   8.555   18.137  1.000 25.455  ? 1073 LEU AAA CD2 1 ? 
ATOM   792  N  N   . ILE A 1 96  ? 5.112   7.069   14.839  1.000 23.263  ? 1074 ILE AAA N   1 ? 
ATOM   793  C  CA  . ILE A 1 96  ? 4.876   6.944   13.375  1.000 24.254  ? 1074 ILE AAA CA  1 ? 
ATOM   794  C  C   . ILE A 1 96  ? 5.509   5.657   12.850  1.000 27.506  ? 1074 ILE AAA C   1 ? 
ATOM   795  O  O   . ILE A 1 96  ? 4.877   4.921   12.029  1.000 24.517  ? 1074 ILE AAA O   1 ? 
ATOM   796  C  CB  . ILE A 1 96  ? 5.331   8.199   12.606  1.000 25.470  ? 1074 ILE AAA CB  1 ? 
ATOM   797  C  CG1 . ILE A 1 96  ? 4.666   9.510   13.039  1.000 33.404  ? 1074 ILE AAA CG1 1 ? 
ATOM   798  C  CG2 . ILE A 1 96  ? 5.036   7.946   11.099  1.000 33.879  ? 1074 ILE AAA CG2 1 ? 
ATOM   799  C  CD1 . ILE A 1 96  ? 5.461   10.831  12.737  1.000 40.337  ? 1074 ILE AAA CD1 1 ? 
ATOM   800  N  N   . ARG A 1 97  ? 6.736   5.311   13.257  1.000 23.569  ? 1075 ARG AAA N   1 ? 
ATOM   801  C  CA  . ARG A 1 97  ? 7.347   4.059   12.834  1.000 24.297  ? 1075 ARG AAA CA  1 ? 
ATOM   802  C  C   . ARG A 1 97  ? 6.485   2.870   13.252  1.000 26.078  ? 1075 ARG AAA C   1 ? 
ATOM   803  O  O   . ARG A 1 97  ? 6.316   1.888   12.505  1.000 25.616  ? 1075 ARG AAA O   1 ? 
ATOM   804  C  CB  . ARG A 1 97  ? 8.774   3.879   13.383  1.000 26.358  ? 1075 ARG AAA CB  1 ? 
ATOM   805  C  CG  . ARG A 1 97  ? 9.697   4.928   12.795  1.000 25.802  ? 1075 ARG AAA CG  1 ? 
ATOM   806  C  CD  . ARG A 1 97  ? 11.135  4.431   12.929  1.000 27.077  ? 1075 ARG AAA CD  1 ? 
ATOM   807  N  NE  . ARG A 1 97  ? 11.607  4.114   14.273  1.000 29.543  ? 1075 ARG AAA NE  1 ? 
ATOM   808  C  CZ  . ARG A 1 97  ? 12.069  5.030   15.146  1.000 26.686  ? 1075 ARG AAA CZ  1 ? 
ATOM   809  N  NH1 . ARG A 1 97  ? 11.964  6.314   14.904  1.000 27.541  ? 1075 ARG AAA NH1 1 ? 
ATOM   810  N  NH2 . ARG A 1 97  ? 12.520  4.618   16.325  1.000 32.759  ? 1075 ARG AAA NH2 1 ? 
ATOM   811  N  N   . HIS A 1 98  ? 6.022   2.851   14.524  1.000 23.506  ? 1076 HIS AAA N   1 ? 
ATOM   812  C  CA  . HIS A 1 98  ? 5.209   1.748   14.967  1.000 23.414  ? 1076 HIS AAA CA  1 ? 
ATOM   813  C  C   . HIS A 1 98  ? 3.920   1.678   14.120  1.000 20.259  ? 1076 HIS AAA C   1 ? 
ATOM   814  O  O   . HIS A 1 98  ? 3.595   0.503   13.776  1.000 23.937  ? 1076 HIS AAA O   1 ? 
ATOM   815  C  CB  . HIS A 1 98  ? 4.832   1.964   16.447  1.000 23.334  ? 1076 HIS AAA CB  1 ? 
ATOM   816  C  CG  . HIS A 1 98  ? 4.284   0.736   17.078  1.000 26.302  ? 1076 HIS AAA CG  1 ? 
ATOM   817  N  ND1 . HIS A 1 98  ? 2.905   0.512   17.147  1.000 29.560  ? 1076 HIS AAA ND1 1 ? 
ATOM   818  C  CD2 . HIS A 1 98  ? 4.862   -0.377  17.563  1.000 27.682  ? 1076 HIS AAA CD2 1 ? 
ATOM   819  C  CE1 . HIS A 1 98  ? 2.684   -0.648  17.741  1.000 29.774  ? 1076 HIS AAA CE1 1 ? 
ATOM   820  N  NE2 . HIS A 1 98  ? 3.869   -1.222  17.998  1.000 30.300  ? 1076 HIS AAA NE2 1 ? 
ATOM   821  N  N   . ARG A 1 99  ? 3.281   2.805   13.849  1.000 20.715  ? 1077 ARG AAA N   1 ? 
ATOM   822  C  CA  . ARG A 1 99  ? 2.018   2.797   13.067  1.000 19.573  ? 1077 ARG AAA CA  1 ? 
ATOM   823  C  C   . ARG A 1 99  ? 2.331   2.315   11.633  1.000 23.916  ? 1077 ARG AAA C   1 ? 
ATOM   824  O  O   . ARG A 1 99  ? 1.560   1.516   11.092  1.000 21.881  ? 1077 ARG AAA O   1 ? 
ATOM   825  C  CB  . ARG A 1 99  ? 1.337   4.144   13.042  1.000 21.265  ? 1077 ARG AAA CB  1 ? 
ATOM   826  C  CG  . ARG A 1 99  ? 0.751   4.470   14.432  1.000 21.395  ? 1077 ARG AAA CG  1 ? 
ATOM   827  C  CD  . ARG A 1 99  ? 0.337   5.888   14.446  1.000 22.861  ? 1077 ARG AAA CD  1 ? 
ATOM   828  N  NE  . ARG A 1 99  ? -0.543  6.138   15.601  1.000 24.208  ? 1077 ARG AAA NE  1 ? 
ATOM   829  C  CZ  . ARG A 1 99  ? -1.028  7.328   15.839  1.000 25.234  ? 1077 ARG AAA CZ  1 ? 
ATOM   830  N  NH1 . ARG A 1 99  ? -0.611  8.387   15.176  1.000 27.622  ? 1077 ARG AAA NH1 1 ? 
ATOM   831  N  NH2 . ARG A 1 99  ? -1.887  7.452   16.846  1.000 29.682  ? 1077 ARG AAA NH2 1 ? 
ATOM   832  N  N   . ALA A 1 100 ? 3.478   2.728   11.073  1.000 23.945  ? 1078 ALA AAA N   1 ? 
ATOM   833  C  CA  . ALA A 1 100 ? 3.835   2.267   9.706   1.000 25.325  ? 1078 ALA AAA CA  1 ? 
ATOM   834  C  C   . ALA A 1 100 ? 4.101   0.780   9.652   1.000 25.276  ? 1078 ALA AAA C   1 ? 
ATOM   835  O  O   . ALA A 1 100 ? 3.598   0.137   8.674   1.000 28.877  ? 1078 ALA AAA O   1 ? 
ATOM   836  C  CB  . ALA A 1 100 ? 5.099   3.032   9.255   1.000 26.453  ? 1078 ALA AAA CB  1 ? 
ATOM   837  N  N   . CYS A 1 101 ? 4.850   0.193   10.561  1.000 28.766  ? 1079 CYS AAA N   1 ? 
ATOM   838  C  CA  . CYS A 1 101 ? 5.130   -1.222  10.643  1.000 28.925  ? 1079 CYS AAA CA  1 ? 
ATOM   839  C  C   . CYS A 1 101 ? 3.795   -1.930  10.839  1.000 28.684  ? 1079 CYS AAA C   1 ? 
ATOM   840  O  O   . CYS A 1 101 ? 3.616   -2.998  10.266  1.000 26.779  ? 1079 CYS AAA O   1 ? 
ATOM   841  C  CB  . CYS A 1 101 ? 6.085   -1.626  11.757  1.000 35.868  ? 1079 CYS AAA CB  1 ? 
ATOM   842  S  SG  . CYS A 1 101 ? 7.800   -1.196  11.307  1.000 52.802  ? 1079 CYS AAA SG  1 ? 
ATOM   843  N  N   . ALA A 1 102 ? 2.885   -1.338  11.649  1.000 24.271  ? 1080 ALA AAA N   1 ? 
ATOM   844  C  CA  . ALA A 1 102 ? 1.621   -2.018  11.893  1.000 22.489  ? 1080 ALA AAA CA  1 ? 
ATOM   845  C  C   . ALA A 1 102 ? 0.750   -2.024  10.639  1.000 22.097  ? 1080 ALA AAA C   1 ? 
ATOM   846  O  O   . ALA A 1 102 ? 0.047   -3.024  10.427  1.000 21.529  ? 1080 ALA AAA O   1 ? 
ATOM   847  C  CB  . ALA A 1 102 ? 0.900   -1.393  13.080  1.000 21.626  ? 1080 ALA AAA CB  1 ? 
ATOM   848  N  N   A LEU A 1 103 ? 0.801   -0.975  9.850   0.500 21.764  ? 1081 LEU AAA N   1 ? 
ATOM   849  N  N   B LEU A 1 103 ? 0.734   -0.904  9.894   0.500 20.625  ? 1081 LEU AAA N   1 ? 
ATOM   850  C  CA  A LEU A 1 103 ? 0.045   -0.964  8.593   0.500 20.244  ? 1081 LEU AAA CA  1 ? 
ATOM   851  C  CA  B LEU A 1 103 ? -0.059  -0.804  8.644   0.500 17.716  ? 1081 LEU AAA CA  1 ? 
ATOM   852  C  C   A LEU A 1 103 ? 0.545   -2.137  7.761   0.500 21.178  ? 1081 LEU AAA C   1 ? 
ATOM   853  C  C   B LEU A 1 103 ? 0.472   -1.850  7.652   0.500 19.354  ? 1081 LEU AAA C   1 ? 
ATOM   854  O  O   A LEU A 1 103 ? -0.154  -3.008  7.197   0.500 17.630  ? 1081 LEU AAA O   1 ? 
ATOM   855  O  O   B LEU A 1 103 ? -0.419  -2.506  7.044   0.500 17.331  ? 1081 LEU AAA O   1 ? 
ATOM   856  C  CB  A LEU A 1 103 ? 0.516   0.316   7.904   0.500 20.213  ? 1081 LEU AAA CB  1 ? 
ATOM   857  C  CB  B LEU A 1 103 ? -0.104  0.639   8.081   0.500 17.224  ? 1081 LEU AAA CB  1 ? 
ATOM   858  C  CG  A LEU A 1 103 ? -0.069  0.480   6.513   0.500 24.193  ? 1081 LEU AAA CG  1 ? 
ATOM   859  C  CG  B LEU A 1 103 ? -0.837  0.861   6.750   0.500 19.866  ? 1081 LEU AAA CG  1 ? 
ATOM   860  C  CD1 A LEU A 1 103 ? -1.578  0.574   6.619   0.500 23.612  ? 1081 LEU AAA CD1 1 ? 
ATOM   861  C  CD1 B LEU A 1 103 ? -1.071  2.333   6.455   0.500 21.468  ? 1081 LEU AAA CD1 1 ? 
ATOM   862  C  CD2 A LEU A 1 103 ? 0.480   1.740   5.885   0.500 24.537  ? 1081 LEU AAA CD2 1 ? 
ATOM   863  C  CD2 B LEU A 1 103 ? -0.065  0.241   5.590   0.500 21.429  ? 1081 LEU AAA CD2 1 ? 
ATOM   864  N  N   . ARG A 1 104 ? 1.825   -2.076  7.543   1.000 21.640  ? 1082 ARG AAA N   1 ? 
ATOM   865  C  CA  . ARG A 1 104 ? 2.417   -3.091  6.674   1.000 23.104  ? 1082 ARG AAA CA  1 ? 
ATOM   866  C  C   . ARG A 1 104 ? 2.088   -4.504  7.148   1.000 24.255  ? 1082 ARG AAA C   1 ? 
ATOM   867  O  O   . ARG A 1 104 ? 1.616   -5.376  6.368   1.000 22.720  ? 1082 ARG AAA O   1 ? 
ATOM   868  C  CB  . ARG A 1 104 ? 3.942   -2.903  6.607   1.000 26.297  ? 1082 ARG AAA CB  1 ? 
ATOM   869  C  CG  . ARG A 1 104 ? 4.623   -4.005  5.815   1.000 28.307  ? 1082 ARG AAA CG  1 ? 
ATOM   870  C  CD  . ARG A 1 104 ? 6.061   -3.585  5.623   1.000 34.893  ? 1082 ARG AAA CD  1 ? 
ATOM   871  N  NE  . ARG A 1 104 ? 6.714   -4.633  4.872   1.000 45.417  ? 1082 ARG AAA NE  1 ? 
ATOM   872  C  CZ  . ARG A 1 104 ? 7.440   -5.588  5.438   1.000 53.696  ? 1082 ARG AAA CZ  1 ? 
ATOM   873  N  NH1 . ARG A 1 104 ? 7.599   -5.576  6.754   1.000 51.798  ? 1082 ARG AAA NH1 1 ? 
ATOM   874  N  NH2 . ARG A 1 104 ? 7.985   -6.535  4.688   1.000 52.302  ? 1082 ARG AAA NH2 1 ? 
ATOM   875  N  N   . ASP A 1 105 ? 2.216   -4.772  8.468   1.000 22.487  ? 1083 ASP AAA N   1 ? 
ATOM   876  C  CA  . ASP A 1 105 ? 1.950   -6.081  9.016   1.000 22.356  ? 1083 ASP AAA CA  1 ? 
ATOM   877  C  C   . ASP A 1 105 ? 0.458   -6.434  8.860   1.000 19.724  ? 1083 ASP AAA C   1 ? 
ATOM   878  O  O   . ASP A 1 105 ? 0.157   -7.613  8.593   1.000 23.200  ? 1083 ASP AAA O   1 ? 
ATOM   879  C  CB  . ASP A 1 105 ? 2.322   -6.221  10.499  1.000 27.247  ? 1083 ASP AAA CB  1 ? 
ATOM   880  C  CG  . ASP A 1 105 ? 3.828   -6.161  10.747  1.000 36.287  ? 1083 ASP AAA CG  1 ? 
ATOM   881  O  OD1 . ASP A 1 105 ? 4.632   -6.320  9.796   1.000 37.203  ? 1083 ASP AAA OD1 1 ? 
ATOM   882  O  OD2 . ASP A 1 105 ? 4.170   -5.811  11.893  1.000 41.716  ? 1083 ASP AAA OD2 1 ? 
ATOM   883  N  N   . THR A 1 106 ? -0.408  -5.435  9.008   1.000 19.404  ? 1084 THR AAA N   1 ? 
ATOM   884  C  CA  . THR A 1 106 ? -1.830  -5.700  8.859   1.000 19.803  ? 1084 THR AAA CA  1 ? 
ATOM   885  C  C   . THR A 1 106 ? -2.168  -6.069  7.400   1.000 20.716  ? 1084 THR AAA C   1 ? 
ATOM   886  O  O   . THR A 1 106 ? -2.981  -6.980  7.179   1.000 19.730  ? 1084 THR AAA O   1 ? 
ATOM   887  C  CB  . THR A 1 106 ? -2.655  -4.512  9.330   1.000 20.797  ? 1084 THR AAA CB  1 ? 
ATOM   888  O  OG1 . THR A 1 106 ? -2.391  -4.295  10.735  1.000 22.511  ? 1084 THR AAA OG1 1 ? 
ATOM   889  C  CG2 . THR A 1 106 ? -4.146  -4.727  9.162   1.000 21.004  ? 1084 THR AAA CG2 1 ? 
ATOM   890  N  N   . ALA A 1 107 ? -1.623  -5.306  6.459   1.000 19.272  ? 1085 ALA AAA N   1 ? 
ATOM   891  C  CA  . ALA A 1 107 ? -1.886  -5.636  5.061   1.000 18.213  ? 1085 ALA AAA CA  1 ? 
ATOM   892  C  C   . ALA A 1 107 ? -1.413  -7.040  4.763   1.000 19.710  ? 1085 ALA AAA C   1 ? 
ATOM   893  O  O   . ALA A 1 107 ? -2.155  -7.816  4.117   1.000 19.172  ? 1085 ALA AAA O   1 ? 
ATOM   894  C  CB  . ALA A 1 107 ? -1.179  -4.628  4.158   1.000 19.276  ? 1085 ALA AAA CB  1 ? 
ATOM   895  N  N   . TYR A 1 108 ? -0.195  -7.411  5.199   1.000 19.031  ? 1086 TYR AAA N   1 ? 
ATOM   896  C  CA  . TYR A 1 108 ? 0.271   -8.755  4.904   1.000 19.590  ? 1086 TYR AAA CA  1 ? 
ATOM   897  C  C   . TYR A 1 108 ? -0.589  -9.805  5.599   1.000 20.424  ? 1086 TYR AAA C   1 ? 
ATOM   898  O  O   . TYR A 1 108 ? -0.808  -10.857 5.003   1.000 22.632  ? 1086 TYR AAA O   1 ? 
ATOM   899  C  CB  . TYR A 1 108 ? 1.741   -8.947  5.359   1.000 21.212  ? 1086 TYR AAA CB  1 ? 
ATOM   900  C  CG  . TYR A 1 108 ? 2.743   -8.442  4.334   1.000 21.828  ? 1086 TYR AAA CG  1 ? 
ATOM   901  C  CD1 . TYR A 1 108 ? 3.015   -7.101  4.128   1.000 23.098  ? 1086 TYR AAA CD1 1 ? 
ATOM   902  C  CD2 . TYR A 1 108 ? 3.356   -9.336  3.472   1.000 25.634  ? 1086 TYR AAA CD2 1 ? 
ATOM   903  C  CE1 . TYR A 1 108 ? 3.965   -6.668  3.195   1.000 22.914  ? 1086 TYR AAA CE1 1 ? 
ATOM   904  C  CE2 . TYR A 1 108 ? 4.320   -8.940  2.543   1.000 25.712  ? 1086 TYR AAA CE2 1 ? 
ATOM   905  C  CZ  . TYR A 1 108 ? 4.606   -7.588  2.395   1.000 28.037  ? 1086 TYR AAA CZ  1 ? 
ATOM   906  O  OH  . TYR A 1 108 ? 5.546   -7.132  1.504   1.000 28.143  ? 1086 TYR AAA OH  1 ? 
ATOM   907  N  N   . ALA A 1 109 ? -1.071  -9.544  6.815   1.000 20.096  ? 1087 ALA AAA N   1 ? 
ATOM   908  C  CA  . ALA A 1 109 ? -1.872  -10.550 7.504   1.000 21.273  ? 1087 ALA AAA CA  1 ? 
ATOM   909  C  C   . ALA A 1 109 ? -3.250  -10.719 6.833   1.000 21.508  ? 1087 ALA AAA C   1 ? 
ATOM   910  O  O   . ALA A 1 109 ? -3.720  -11.841 6.703   1.000 22.711  ? 1087 ALA AAA O   1 ? 
ATOM   911  C  CB  . ALA A 1 109 ? -2.059  -10.143 8.938   1.000 24.800  ? 1087 ALA AAA CB  1 ? 
ATOM   912  N  N   . ILE A 1 110 ? -3.875  -9.640  6.359   1.000 19.312  ? 1088 ILE AAA N   1 ? 
ATOM   913  C  CA  . ILE A 1 110 ? -5.152  -9.797  5.623   1.000 18.513  ? 1088 ILE AAA CA  1 ? 
ATOM   914  C  C   . ILE A 1 110 ? -4.894  -10.591 4.347   1.000 20.304  ? 1088 ILE AAA C   1 ? 
ATOM   915  O  O   . ILE A 1 110 ? -5.714  -11.476 4.037   1.000 20.077  ? 1088 ILE AAA O   1 ? 
ATOM   916  C  CB  . ILE A 1 110 ? -5.709  -8.385  5.284   1.000 19.261  ? 1088 ILE AAA CB  1 ? 
ATOM   917  C  CG1 . ILE A 1 110 ? -6.184  -7.655  6.540   1.000 20.234  ? 1088 ILE AAA CG1 1 ? 
ATOM   918  C  CG2 . ILE A 1 110 ? -6.872  -8.521  4.257   1.000 19.450  ? 1088 ILE AAA CG2 1 ? 
ATOM   919  C  CD1 . ILE A 1 110 ? -6.528  -6.205  6.315   1.000 20.855  ? 1088 ILE AAA CD1 1 ? 
ATOM   920  N  N   . ILE A 1 111 ? -3.840  -10.282 3.598   1.000 19.809  ? 1089 ILE AAA N   1 ? 
ATOM   921  C  CA  . ILE A 1 111 ? -3.556  -11.007 2.371   1.000 19.991  ? 1089 ILE AAA CA  1 ? 
ATOM   922  C  C   . ILE A 1 111 ? -3.249  -12.486 2.667   1.000 22.847  ? 1089 ILE AAA C   1 ? 
ATOM   923  O  O   . ILE A 1 111 ? -3.774  -13.390 2.009   1.000 22.640  ? 1089 ILE AAA O   1 ? 
ATOM   924  C  CB  . ILE A 1 111 ? -2.499  -10.222 1.572   1.000 22.974  ? 1089 ILE AAA CB  1 ? 
ATOM   925  C  CG1 . ILE A 1 111 ? -3.170  -8.975  0.948   1.000 25.571  ? 1089 ILE AAA CG1 1 ? 
ATOM   926  C  CG2 . ILE A 1 111 ? -1.743  -11.149 0.597   1.000 28.919  ? 1089 ILE AAA CG2 1 ? 
ATOM   927  C  CD1 . ILE A 1 111 ? -2.155  -7.854  0.622   1.000 31.357  ? 1089 ILE AAA CD1 1 ? 
ATOM   928  N  N   . LYS A 1 112 ? -2.516  -12.761 3.765   1.000 21.947  ? 1090 LYS AAA N   1 ? 
ATOM   929  C  CA  . LYS A 1 112 ? -2.232  -14.176 4.051   1.000 25.565  ? 1090 LYS AAA CA  1 ? 
ATOM   930  C  C   . LYS A 1 112 ? -3.532  -14.942 4.298   1.000 24.748  ? 1090 LYS AAA C   1 ? 
ATOM   931  O  O   . LYS A 1 112 ? -3.661  -16.088 3.869   1.000 30.002  ? 1090 LYS AAA O   1 ? 
ATOM   932  C  CB  . LYS A 1 112 ? -1.278  -14.212 5.250   1.000 27.792  ? 1090 LYS AAA CB  1 ? 
ATOM   933  C  CG  . LYS A 1 112 ? -0.956  -15.622 5.749   1.000 35.856  ? 1090 LYS AAA CG  1 ? 
ATOM   934  C  CD  . LYS A 1 112 ? -0.121  -15.586 7.047   1.000 43.712  ? 1090 LYS AAA CD  1 ? 
ATOM   935  C  CE  . LYS A 1 112 ? 0.192   -16.954 7.631   1.000 57.482  ? 1090 LYS AAA CE  1 ? 
ATOM   936  N  NZ  . LYS A 1 112 ? 1.159   -17.677 6.772   1.000 58.605  ? 1090 LYS AAA NZ  1 ? 
ATOM   937  N  N   . GLU A 1 113 ? -4.510  -14.327 4.950   1.000 22.989  ? 1091 GLU AAA N   1 ? 
ATOM   938  C  CA  . GLU A 1 113 ? -5.732  -15.001 5.365   1.000 24.147  ? 1091 GLU AAA CA  1 ? 
ATOM   939  C  C   . GLU A 1 113 ? -6.756  -15.035 4.229   1.000 24.730  ? 1091 GLU AAA C   1 ? 
ATOM   940  O  O   . GLU A 1 113 ? -7.617  -15.934 4.251   1.000 27.286  ? 1091 GLU AAA O   1 ? 
ATOM   941  C  CB  . GLU A 1 113 ? -6.417  -14.255 6.506   1.000 29.971  ? 1091 GLU AAA CB  1 ? 
ATOM   942  C  CG  . GLU A 1 113 ? -5.678  -14.412 7.823   1.000 46.177  ? 1091 GLU AAA CG  1 ? 
ATOM   943  C  CD  . GLU A 1 113 ? -6.578  -14.206 9.029   1.000 60.823  ? 1091 GLU AAA CD  1 ? 
ATOM   944  O  OE1 . GLU A 1 113 ? -7.068  -13.061 9.217   1.000 64.004  ? 1091 GLU AAA OE1 1 ? 
ATOM   945  O  OE2 . GLU A 1 113 ? -6.817  -15.199 9.763   1.000 65.122  ? 1091 GLU AAA OE2 1 ? 
ATOM   946  N  N   . GLU A 1 114 ? -6.697  -14.089 3.261   1.000 20.263  ? 1092 GLU AAA N   1 ? 
ATOM   947  C  CA  . GLU A 1 114 ? -7.853  -13.936 2.368   1.000 20.386  ? 1092 GLU AAA CA  1 ? 
ATOM   948  C  C   . GLU A 1 114 ? -7.476  -13.991 0.877   1.000 20.822  ? 1092 GLU AAA C   1 ? 
ATOM   949  O  O   . GLU A 1 114 ? -8.405  -14.047 0.055   1.000 24.332  ? 1092 GLU AAA O   1 ? 
ATOM   950  C  CB  . GLU A 1 114 ? -8.496  -12.547 2.581   1.000 20.504  ? 1092 GLU AAA CB  1 ? 
ATOM   951  C  CG  . GLU A 1 114 ? -8.997  -12.403 4.037   1.000 21.251  ? 1092 GLU AAA CG  1 ? 
ATOM   952  C  CD  . GLU A 1 114 ? -9.626  -11.075 4.376   1.000 24.229  ? 1092 GLU AAA CD  1 ? 
ATOM   953  O  OE1 . GLU A 1 114 ? -10.192 -10.410 3.506   1.000 23.270  ? 1092 GLU AAA OE1 1 ? 
ATOM   954  O  OE2 . GLU A 1 114 ? -9.636  -10.754 5.630   1.000 22.923  ? 1092 GLU AAA OE2 1 ? 
ATOM   955  N  N   . LEU A 1 115 ? -6.200  -13.991 0.506   1.000 20.531  ? 1093 LEU AAA N   1 ? 
ATOM   956  C  CA  . LEU A 1 115 ? -5.799  -14.099 -0.907  1.000 21.029  ? 1093 LEU AAA CA  1 ? 
ATOM   957  C  C   . LEU A 1 115 ? -5.587  -15.582 -1.191  1.000 22.619  ? 1093 LEU AAA C   1 ? 
ATOM   958  O  O   . LEU A 1 115 ? -4.759  -16.232 -0.536  1.000 25.803  ? 1093 LEU AAA O   1 ? 
ATOM   959  C  CB  . LEU A 1 115 ? -4.455  -13.389 -1.095  1.000 22.551  ? 1093 LEU AAA CB  1 ? 
ATOM   960  C  CG  . LEU A 1 115 ? -3.794  -13.596 -2.467  1.000 26.487  ? 1093 LEU AAA CG  1 ? 
ATOM   961  C  CD1 . LEU A 1 115 ? -4.721  -13.132 -3.551  1.000 26.284  ? 1093 LEU AAA CD1 1 ? 
ATOM   962  C  CD2 . LEU A 1 115 ? -2.455  -12.860 -2.547  1.000 27.167  ? 1093 LEU AAA CD2 1 ? 
ATOM   963  N  N   . ASP A 1 116 ? -6.275  -16.117 -2.219  1.000 22.106  ? 1094 ASP AAA N   1 ? 
ATOM   964  C  CA  . ASP A 1 116 ? -5.937  -17.487 -2.623  1.000 24.242  ? 1094 ASP AAA CA  1 ? 
ATOM   965  C  C   . ASP A 1 116 ? -4.638  -17.499 -3.429  1.000 23.869  ? 1094 ASP AAA C   1 ? 
ATOM   966  O  O   . ASP A 1 116 ? -4.458  -16.689 -4.338  1.000 23.081  ? 1094 ASP AAA O   1 ? 
ATOM   967  C  CB  . ASP A 1 116 ? -7.090  -17.957 -3.501  1.000 23.950  ? 1094 ASP AAA CB  1 ? 
ATOM   968  C  CG  . ASP A 1 116 ? -6.980  -19.439 -3.816  1.000 34.910  ? 1094 ASP AAA CG  1 ? 
ATOM   969  O  OD1 . ASP A 1 116 ? -5.971  -19.855 -4.412  1.000 36.958  ? 1094 ASP AAA OD1 1 ? 
ATOM   970  O  OD2 . ASP A 1 116 ? -7.902  -20.181 -3.443  1.000 34.788  ? 1094 ASP AAA OD2 1 ? 
ATOM   971  N  N   . GLU A 1 117 ? -3.687  -18.375 -3.066  1.000 25.264  ? 1095 GLU AAA N   1 ? 
ATOM   972  C  CA  . GLU A 1 117 ? -2.373  -18.386 -3.685  1.000 24.897  ? 1095 GLU AAA CA  1 ? 
ATOM   973  C  C   . GLU A 1 117 ? -2.480  -18.724 -5.181  1.000 25.913  ? 1095 GLU AAA C   1 ? 
ATOM   974  O  O   . GLU A 1 117 ? -1.677  -18.204 -5.962  1.000 25.537  ? 1095 GLU AAA O   1 ? 
ATOM   975  C  CB  . GLU A 1 117 ? -1.425  -19.422 -3.047  1.000 31.967  ? 1095 GLU AAA CB  1 ? 
ATOM   976  C  CG  . GLU A 1 117 ? -0.804  -18.999 -1.735  1.000 52.756  ? 1095 GLU AAA CG  1 ? 
ATOM   977  C  CD  . GLU A 1 117 ? -0.035  -20.150 -1.100  1.000 65.304  ? 1095 GLU AAA CD  1 ? 
ATOM   978  O  OE1 . GLU A 1 117 ? -0.156  -21.305 -1.598  1.000 69.459  ? 1095 GLU AAA OE1 1 ? 
ATOM   979  O  OE2 . GLU A 1 117 ? 0.678   -19.894 -0.114  1.000 85.113  ? 1095 GLU AAA OE2 1 ? 
ATOM   980  N  N   . ASP A 1 118 ? -3.515  -19.521 -5.556  1.000 26.231  ? 1096 ASP AAA N   1 ? 
ATOM   981  C  CA  . ASP A 1 118 ? -3.648  -19.835 -6.978  1.000 24.099  ? 1096 ASP AAA CA  1 ? 
ATOM   982  C  C   . ASP A 1 118 ? -4.177  -18.647 -7.788  1.000 22.390  ? 1096 ASP AAA C   1 ? 
ATOM   983  O  O   . ASP A 1 118 ? -3.923  -18.501 -8.995  1.000 22.833  ? 1096 ASP AAA O   1 ? 
ATOM   984  C  CB  . ASP A 1 118 ? -4.565  -21.041 -7.201  1.000 25.653  ? 1096 ASP AAA CB  1 ? 
ATOM   985  C  CG  . ASP A 1 118 ? -3.881  -22.331 -6.767  1.000 32.646  ? 1096 ASP AAA CG  1 ? 
ATOM   986  O  OD1 . ASP A 1 118 ? -2.620  -22.360 -6.724  1.000 33.492  ? 1096 ASP AAA OD1 1 ? 
ATOM   987  O  OD2 . ASP A 1 118 ? -4.602  -23.214 -6.335  1.000 40.535  ? 1096 ASP AAA OD2 1 ? 
ATOM   988  N  N   . PHE A 1 119 ? -4.931  -17.724 -7.127  1.000 22.306  ? 1097 PHE AAA N   1 ? 
ATOM   989  C  CA  . PHE A 1 119 ? -5.373  -16.507 -7.786  1.000 18.942  ? 1097 PHE AAA CA  1 ? 
ATOM   990  C  C   . PHE A 1 119 ? -4.143  -15.609 -8.018  1.000 19.192  ? 1097 PHE AAA C   1 ? 
ATOM   991  O  O   . PHE A 1 119 ? -4.028  -15.050 -9.106  1.000 21.223  ? 1097 PHE AAA O   1 ? 
ATOM   992  C  CB  . PHE A 1 119 ? -6.426  -15.821 -6.872  1.000 20.980  ? 1097 PHE AAA CB  1 ? 
ATOM   993  C  CG  . PHE A 1 119 ? -6.965  -14.558 -7.497  1.000 19.353  ? 1097 PHE AAA CG  1 ? 
ATOM   994  C  CD1 . PHE A 1 119 ? -8.009  -14.576 -8.443  1.000 22.243  ? 1097 PHE AAA CD1 1 ? 
ATOM   995  C  CD2 . PHE A 1 119 ? -6.368  -13.321 -7.199  1.000 19.599  ? 1097 PHE AAA CD2 1 ? 
ATOM   996  C  CE1 . PHE A 1 119 ? -8.433  -13.419 -9.077  1.000 22.387  ? 1097 PHE AAA CE1 1 ? 
ATOM   997  C  CE2 . PHE A 1 119 ? -6.794  -12.169 -7.854  1.000 19.232  ? 1097 PHE AAA CE2 1 ? 
ATOM   998  C  CZ  . PHE A 1 119 ? -7.847  -12.199 -8.760  1.000 21.376  ? 1097 PHE AAA CZ  1 ? 
ATOM   999  N  N   . GLU A 1 120 ? -3.305  -15.441 -6.985  1.000 21.104  ? 1098 GLU AAA N   1 ? 
ATOM   1000 C  CA  . GLU A 1 120 ? -2.106  -14.632 -7.173  1.000 23.148  ? 1098 GLU AAA CA  1 ? 
ATOM   1001 C  C   . GLU A 1 120 ? -1.242  -15.238 -8.285  1.000 22.926  ? 1098 GLU AAA C   1 ? 
ATOM   1002 O  O   . GLU A 1 120 ? -0.727  -14.483 -9.081  1.000 22.285  ? 1098 GLU AAA O   1 ? 
ATOM   1003 C  CB  . GLU A 1 120 ? -1.339  -14.536 -5.843  1.000 24.804  ? 1098 GLU AAA CB  1 ? 
ATOM   1004 C  CG  . GLU A 1 120 ? -0.012  -13.808 -5.995  1.000 24.204  ? 1098 GLU AAA CG  1 ? 
ATOM   1005 C  CD  . GLU A 1 120 ? -0.036  -12.341 -6.450  1.000 27.782  ? 1098 GLU AAA CD  1 ? 
ATOM   1006 O  OE1 . GLU A 1 120 ? -1.108  -11.785 -6.704  1.000 28.970  ? 1098 GLU AAA OE1 1 ? 
ATOM   1007 O  OE2 . GLU A 1 120 ? 1.098   -11.765 -6.666  1.000 31.793  ? 1098 GLU AAA OE2 1 ? 
ATOM   1008 N  N   . GLN A 1 121 ? -1.109  -16.582 -8.263  1.000 22.463  ? 1099 GLN AAA N   1 ? 
ATOM   1009 C  CA  . GLN A 1 121 ? -0.240  -17.178 -9.281  1.000 26.228  ? 1099 GLN AAA CA  1 ? 
ATOM   1010 C  C   . GLN A 1 121 ? -0.794  -16.917 -10.676 1.000 24.807  ? 1099 GLN AAA C   1 ? 
ATOM   1011 O  O   . GLN A 1 121 ? -0.032  -16.657 -11.629 1.000 25.298  ? 1099 GLN AAA O   1 ? 
ATOM   1012 C  CB  . GLN A 1 121 ? -0.144  -18.661 -8.980  1.000 24.925  ? 1099 GLN AAA CB  1 ? 
ATOM   1013 C  CG  . GLN A 1 121 ? 0.829   -19.348 -9.955  1.000 27.377  ? 1099 GLN AAA CG  1 ? 
ATOM   1014 C  CD  . GLN A 1 121 ? 2.250   -18.897 -9.737  1.000 36.463  ? 1099 GLN AAA CD  1 ? 
ATOM   1015 O  OE1 . GLN A 1 121 ? 2.656   -18.641 -8.604  1.000 42.015  ? 1099 GLN AAA OE1 1 ? 
ATOM   1016 N  NE2 . GLN A 1 121 ? 3.024   -18.838 -10.808 1.000 34.328  ? 1099 GLN AAA NE2 1 ? 
ATOM   1017 N  N   . LEU A 1 122 ? -2.125  -17.038 -10.857 1.000 23.266  ? 1100 LEU AAA N   1 ? 
ATOM   1018 C  CA  . LEU A 1 122 ? -2.748  -16.680 -12.116 1.000 22.821  ? 1100 LEU AAA CA  1 ? 
ATOM   1019 C  C   . LEU A 1 122 ? -2.441  -15.249 -12.569 1.000 26.692  ? 1100 LEU AAA C   1 ? 
ATOM   1020 O  O   . LEU A 1 122 ? -2.087  -14.970 -13.741 1.000 24.334  ? 1100 LEU AAA O   1 ? 
ATOM   1021 C  CB  . LEU A 1 122 ? -4.248  -17.008 -12.067 1.000 23.446  ? 1100 LEU AAA CB  1 ? 
ATOM   1022 C  CG  . LEU A 1 122 ? -5.055  -16.526 -13.272 1.000 23.273  ? 1100 LEU AAA CG  1 ? 
ATOM   1023 C  CD1 . LEU A 1 122 ? -4.627  -17.232 -14.609 1.000 26.502  ? 1100 LEU AAA CD1 1 ? 
ATOM   1024 C  CD2 . LEU A 1 122 ? -6.532  -16.761 -13.063 1.000 27.322  ? 1100 LEU AAA CD2 1 ? 
ATOM   1025 N  N   . CYS A 1 123 ? -2.573  -14.282 -11.622 1.000 23.079  ? 1101 CYS AAA N   1 ? 
ATOM   1026 C  CA  . CYS A 1 123 ? -2.299  -12.899 -11.983 1.000 23.970  ? 1101 CYS AAA CA  1 ? 
ATOM   1027 C  C   . CYS A 1 123 ? -0.848  -12.757 -12.474 1.000 23.895  ? 1101 CYS AAA C   1 ? 
ATOM   1028 O  O   . CYS A 1 123 ? -0.615  -12.001 -13.430 1.000 25.985  ? 1101 CYS AAA O   1 ? 
ATOM   1029 C  CB  . CYS A 1 123 ? -2.521  -12.007 -10.757 1.000 21.656  ? 1101 CYS AAA CB  1 ? 
ATOM   1030 S  SG  . CYS A 1 123 ? -4.264  -11.756 -10.341 1.000 23.193  ? 1101 CYS AAA SG  1 ? 
ATOM   1031 N  N   . GLU A 1 124 ? 0.075   -13.425 -11.775 1.000 24.803  ? 1102 GLU AAA N   1 ? 
ATOM   1032 C  CA  . GLU A 1 124 ? 1.509   -13.362 -12.070 1.000 27.391  ? 1102 GLU AAA CA  1 ? 
ATOM   1033 C  C   . GLU A 1 124 ? 1.705   -13.884 -13.489 1.000 31.528  ? 1102 GLU AAA C   1 ? 
ATOM   1034 O  O   . GLU A 1 124 ? 2.436   -13.302 -14.299 1.000 33.665  ? 1102 GLU AAA O   1 ? 
ATOM   1035 C  CB  . GLU A 1 124 ? 2.343   -14.070 -10.999 1.000 27.581  ? 1102 GLU AAA CB  1 ? 
ATOM   1036 C  CG  . GLU A 1 124 ? 2.342   -13.299 -9.652  1.000 34.597  ? 1102 GLU AAA CG  1 ? 
ATOM   1037 C  CD  . GLU A 1 124 ? 3.197   -13.765 -8.471  1.000 46.763  ? 1102 GLU AAA CD  1 ? 
ATOM   1038 O  OE1 . GLU A 1 124 ? 4.102   -14.582 -8.741  1.000 54.754  ? 1102 GLU AAA OE1 1 ? 
ATOM   1039 O  OE2 . GLU A 1 124 ? 2.993   -13.288 -7.253  1.000 40.615  ? 1102 GLU AAA OE2 1 ? 
ATOM   1040 N  N   . GLU A 1 125 ? 1.003   -14.978 -13.792 1.000 27.041  ? 1103 GLU AAA N   1 ? 
ATOM   1041 C  CA  . GLU A 1 125 ? 1.214   -15.586 -15.115 1.000 30.320  ? 1103 GLU AAA CA  1 ? 
ATOM   1042 C  C   . GLU A 1 125 ? 0.654   -14.729 -16.229 1.000 30.023  ? 1103 GLU AAA C   1 ? 
ATOM   1043 O  O   . GLU A 1 125 ? 1.305   -14.682 -17.283 1.000 37.341  ? 1103 GLU AAA O   1 ? 
ATOM   1044 C  CB  . GLU A 1 125 ? 0.836   -17.088 -15.173 1.000 26.453  ? 1103 GLU AAA CB  1 ? 
ATOM   1045 C  CG  . GLU A 1 125 ? 1.717   -17.897 -14.239 1.000 27.305  ? 1103 GLU AAA CG  1 ? 
ATOM   1046 C  CD  . GLU A 1 125 ? 1.488   -19.409 -14.099 1.000 27.613  ? 1103 GLU AAA CD  1 ? 
ATOM   1047 O  OE1 . GLU A 1 125 ? 0.549   -19.895 -14.767 1.000 29.454  ? 1103 GLU AAA OE1 1 ? 
ATOM   1048 O  OE2 . GLU A 1 125 ? 2.146   -20.078 -13.260 1.000 31.092  ? 1103 GLU AAA OE2 1 ? 
ATOM   1049 N  N   . ILE A 1 126 ? -0.525  -14.095 -16.109 1.000 25.942  ? 1104 ILE AAA N   1 ? 
ATOM   1050 C  CA  . ILE A 1 126 ? -1.038  -13.189 -17.091 1.000 28.426  ? 1104 ILE AAA CA  1 ? 
ATOM   1051 C  C   . ILE A 1 126 ? -0.061  -12.012 -17.214 1.000 35.556  ? 1104 ILE AAA C   1 ? 
ATOM   1052 O  O   . ILE A 1 126 ? 0.278   -11.602 -18.325 1.000 36.692  ? 1104 ILE AAA O   1 ? 
ATOM   1053 C  CB  . ILE A 1 126 ? -2.466  -12.740 -16.756 1.000 29.810  ? 1104 ILE AAA CB  1 ? 
ATOM   1054 C  CG1 . ILE A 1 126 ? -3.383  -13.945 -16.494 1.000 27.681  ? 1104 ILE AAA CG1 1 ? 
ATOM   1055 C  CG2 . ILE A 1 126 ? -3.039  -11.812 -17.820 1.000 31.912  ? 1104 ILE AAA CG2 1 ? 
ATOM   1056 C  CD1 . ILE A 1 126 ? -4.674  -13.559 -15.785 1.000 31.772  ? 1104 ILE AAA CD1 1 ? 
ATOM   1057 N  N   . GLN A 1 127 ? 0.422   -11.457 -16.090 1.000 34.699  ? 1105 GLN AAA N   1 ? 
ATOM   1058 C  CA  . GLN A 1 127 ? 1.278   -10.272 -16.148 1.000 37.052  ? 1105 GLN AAA CA  1 ? 
ATOM   1059 C  C   . GLN A 1 127 ? 2.528   -10.596 -16.987 1.000 38.700  ? 1105 GLN AAA C   1 ? 
ATOM   1060 O  O   . GLN A 1 127 ? 2.928   -9.807  -17.856 1.000 41.643  ? 1105 GLN AAA O   1 ? 
ATOM   1061 C  CB  . GLN A 1 127 ? 1.625   -9.791  -14.728 1.000 32.344  ? 1105 GLN AAA CB  1 ? 
ATOM   1062 C  CG  . GLN A 1 127 ? 2.664   -8.667  -14.694 1.000 40.626  ? 1105 GLN AAA CG  1 ? 
ATOM   1063 C  CD  . GLN A 1 127 ? 3.182   -8.349  -13.309 1.000 42.711  ? 1105 GLN AAA CD  1 ? 
ATOM   1064 O  OE1 . GLN A 1 127 ? 3.681   -9.212  -12.567 1.000 41.729  ? 1105 GLN AAA OE1 1 ? 
ATOM   1065 N  NE2 . GLN A 1 127 ? 3.100   -7.081  -12.935 1.000 44.100  ? 1105 GLN AAA NE2 1 ? 
ATOM   1066 N  N   . GLU A 1 128 ? 3.127   -11.759 -16.725 1.000 37.091  ? 1106 GLU AAA N   1 ? 
ATOM   1067 C  CA  . GLU A 1 128 ? 4.366   -12.214 -17.351 1.000 41.280  ? 1106 GLU AAA CA  1 ? 
ATOM   1068 C  C   . GLU A 1 128 ? 4.159   -12.494 -18.842 1.000 47.161  ? 1106 GLU AAA C   1 ? 
ATOM   1069 O  O   . GLU A 1 128 ? 5.129   -12.477 -19.611 1.000 51.396  ? 1106 GLU AAA O   1 ? 
ATOM   1070 C  CB  . GLU A 1 128 ? 4.933   -13.403 -16.563 1.000 38.550  ? 1106 GLU AAA CB  1 ? 
ATOM   1071 C  CG  . GLU A 1 128 ? 5.975   -14.237 -17.298 1.000 63.731  ? 1106 GLU AAA CG  1 ? 
ATOM   1072 C  CD  . GLU A 1 128 ? 7.313   -13.575 -17.600 1.000 76.161  ? 1106 GLU AAA CD  1 ? 
ATOM   1073 O  OE1 . GLU A 1 128 ? 7.367   -12.715 -18.514 1.000 82.454  ? 1106 GLU AAA OE1 1 ? 
ATOM   1074 O  OE2 . GLU A 1 128 ? 8.309   -13.927 -16.928 1.000 89.382  ? 1106 GLU AAA OE2 1 ? 
ATOM   1075 N  N   . SER A 1 129 ? 2.907   -12.725 -19.262 1.000 51.885  ? 1107 SER AAA N   1 ? 
ATOM   1076 C  CA  . SER A 1 129 ? 2.582   -13.044 -20.649 1.000 58.417  ? 1107 SER AAA CA  1 ? 
ATOM   1077 C  C   . SER A 1 129 ? 2.381   -11.769 -21.464 1.000 64.085  ? 1107 SER AAA C   1 ? 
ATOM   1078 O  O   . SER A 1 129 ? 2.073   -11.850 -22.650 1.000 63.780  ? 1107 SER AAA O   1 ? 
ATOM   1079 C  CB  . SER A 1 129 ? 1.330   -13.875 -20.735 1.000 50.697  ? 1107 SER AAA CB  1 ? 
ATOM   1080 O  OG  . SER A 1 129 ? 0.194   -13.014 -20.627 1.000 52.792  ? 1107 SER AAA OG  1 ? 
ATOM   1081 N  N   . ARG A 1 130 ? 2.478   -10.607 -20.809 1.000 67.864  ? 1108 ARG AAA N   1 ? 
ATOM   1082 C  CA  . ARG A 1 130 ? 2.231   -9.336  -21.471 1.000 74.296  ? 1108 ARG AAA CA  1 ? 
ATOM   1083 C  C   . ARG A 1 130 ? 3.568   -8.682  -21.851 1.000 78.471  ? 1108 ARG AAA C   1 ? 
ATOM   1084 O  O   . ARG A 1 130 ? 4.607   -8.840  -21.188 1.000 78.628  ? 1108 ARG AAA O   1 ? 
ATOM   1085 C  CB  . ARG A 1 130 ? 1.310   -8.439  -20.635 1.000 67.356  ? 1108 ARG AAA CB  1 ? 
ATOM   1086 C  CG  . ARG A 1 130 ? -0.156  -8.589  -21.017 1.000 70.910  ? 1108 ARG AAA CG  1 ? 
ATOM   1087 C  CD  . ARG A 1 130 ? -1.239  -8.162  -20.037 1.000 68.383  ? 1108 ARG AAA CD  1 ? 
ATOM   1088 N  NE  . ARG A 1 130 ? -2.465  -8.980  -20.248 1.000 64.221  ? 1108 ARG AAA NE  1 ? 
ATOM   1089 C  CZ  . ARG A 1 130 ? -3.714  -8.381  -20.117 1.000 63.204  ? 1108 ARG AAA CZ  1 ? 
ATOM   1090 N  NH1 . ARG A 1 130 ? -4.755  -9.221  -20.338 1.000 56.197  ? 1108 ARG AAA NH1 1 ? 
ATOM   1091 N  NH2 . ARG A 1 130 ? -3.644  -7.133  -19.838 1.000 72.490  ? 1108 ARG AAA NH2 1 ? 
ATOM   1092 O  OXT . ARG A 1 130 ? 3.624   -7.979  -22.858 1.000 81.627  ? 1108 ARG AAA OXT 1 ? 
HETATM 1093 S  S   . SO4 B 2 .   ? -13.483 -1.840  -11.744 1.000 34.644  ? 1201 SO4 AAA S   1 ? 
HETATM 1094 O  O1  . SO4 B 2 .   ? -13.273 -2.277  -13.063 1.000 31.566  ? 1201 SO4 AAA O1  1 ? 
HETATM 1095 O  O2  . SO4 B 2 .   ? -14.637 -2.588  -11.200 1.000 41.456  ? 1201 SO4 AAA O2  1 ? 
HETATM 1096 O  O3  . SO4 B 2 .   ? -12.320 -2.170  -10.996 1.000 39.352  ? 1201 SO4 AAA O3  1 ? 
HETATM 1097 O  O4  . SO4 B 2 .   ? -13.749 -0.441  -11.615 1.000 35.221  ? 1201 SO4 AAA O4  1 ? 
HETATM 1098 CL CL  . CL  C 3 .   ? -2.430  10.303  17.374  1.000 76.268  ? 1202 CL  AAA CL  1 ? 
HETATM 1099 C  C1  . EDO D 4 .   ? -9.149  -12.613 -5.010  1.000 24.224  ? 1203 EDO AAA C1  1 ? 
HETATM 1100 O  O1  . EDO D 4 .   ? -10.525 -12.643 -4.665  1.000 26.119  ? 1203 EDO AAA O1  1 ? 
HETATM 1101 C  C2  . EDO D 4 .   ? -8.325  -12.986 -3.820  1.000 31.966  ? 1203 EDO AAA C2  1 ? 
HETATM 1102 O  O2  . EDO D 4 .   ? -8.351  -14.426 -3.692  1.000 30.608  ? 1203 EDO AAA O2  1 ? 
HETATM 1103 C  C1  . EDO E 4 .   ? -11.684 3.976   1.424   1.000 66.556  ? 1204 EDO AAA C1  1 ? 
HETATM 1104 O  O1  . EDO E 4 .   ? -10.518 3.462   0.794   1.000 66.421  ? 1204 EDO AAA O1  1 ? 
HETATM 1105 C  C2  . EDO E 4 .   ? -11.406 5.096   2.355   1.000 67.579  ? 1204 EDO AAA C2  1 ? 
HETATM 1106 O  O2  . EDO E 4 .   ? -12.381 5.177   3.368   1.000 75.018  ? 1204 EDO AAA O2  1 ? 
HETATM 1107 C  C1  . EDO F 4 .   ? 6.195   -8.570  -0.958  1.000 53.637  ? 1205 EDO AAA C1  1 ? 
HETATM 1108 O  O1  . EDO F 4 .   ? 5.919   -9.918  -0.627  1.000 71.779  ? 1205 EDO AAA O1  1 ? 
HETATM 1109 C  C2  . EDO F 4 .   ? 5.604   -8.305  -2.279  1.000 51.055  ? 1205 EDO AAA C2  1 ? 
HETATM 1110 O  O2  . EDO F 4 .   ? 6.059   -7.145  -2.955  1.000 45.528  ? 1205 EDO AAA O2  1 ? 
HETATM 1111 C  C1  . EDO G 4 .   ? 1.680   -11.731 -3.005  1.000 51.032  ? 1206 EDO AAA C1  1 ? 
HETATM 1112 O  O1  . EDO G 4 .   ? 3.076   -11.771 -2.825  1.000 59.502  ? 1206 EDO AAA O1  1 ? 
HETATM 1113 C  C2  . EDO G 4 .   ? 1.124   -13.028 -2.617  1.000 63.656  ? 1206 EDO AAA C2  1 ? 
HETATM 1114 O  O2  . EDO G 4 .   ? 1.400   -13.201 -1.255  1.000 64.268  ? 1206 EDO AAA O2  1 ? 
HETATM 1115 S  S   . SO4 H 2 .   ? 3.561   4.603   -11.537 0.500 101.205 ? 1207 SO4 AAA S   1 ? 
HETATM 1116 O  O1  . SO4 H 2 .   ? 2.494   5.307   -10.877 0.500 95.908  ? 1207 SO4 AAA O1  1 ? 
HETATM 1117 O  O2  . SO4 H 2 .   ? 3.112   4.180   -12.839 0.500 93.877  ? 1207 SO4 AAA O2  1 ? 
HETATM 1118 O  O3  . SO4 H 2 .   ? 4.702   5.468   -11.682 0.500 102.458 ? 1207 SO4 AAA O3  1 ? 
HETATM 1119 O  O4  . SO4 H 2 .   ? 3.937   3.459   -10.748 0.500 95.106  ? 1207 SO4 AAA O4  1 ? 
HETATM 1120 C  C4  . IK3 I 5 .   ? 9.415   0.168   15.670  1.000 74.923  ? 1208 IK3 AAA C4  1 ? 
HETATM 1121 C  C14 . IK3 I 5 .   ? 9.058   -0.695  18.771  1.000 65.429  ? 1208 IK3 AAA C14 1 ? 
HETATM 1122 C  C5  . IK3 I 5 .   ? 8.816   1.356   16.445  1.000 68.649  ? 1208 IK3 AAA C5  1 ? 
HETATM 1123 C  C6  . IK3 I 5 .   ? 9.810   2.465   16.816  1.000 73.122  ? 1208 IK3 AAA C6  1 ? 
HETATM 1124 C  C11 . IK3 I 5 .   ? 13.407  1.260   16.852  1.000 87.501  ? 1208 IK3 AAA C11 1 ? 
HETATM 1125 C  C7  . IK3 I 5 .   ? 11.161  2.020   17.322  1.000 80.160  ? 1208 IK3 AAA C7  1 ? 
HETATM 1126 C  C8  . IK3 I 5 .   ? 11.478  2.052   18.681  1.000 88.062  ? 1208 IK3 AAA C8  1 ? 
HETATM 1127 C  C9  . IK3 I 5 .   ? 12.737  1.679   19.130  1.000 96.080  ? 1208 IK3 AAA C9  1 ? 
HETATM 1128 C  C10 . IK3 I 5 .   ? 13.700  1.287   18.207  1.000 99.388  ? 1208 IK3 AAA C10 1 ? 
HETATM 1129 C  C12 . IK3 I 5 .   ? 12.145  1.626   16.421  1.000 79.297  ? 1208 IK3 AAA C12 1 ? 
HETATM 1130 C  C13 . IK3 I 5 .   ? 8.249   0.567   18.780  1.000 72.327  ? 1208 IK3 AAA C13 1 ? 
HETATM 1131 N  N1  . IK3 I 5 .   ? 9.456   0.090   14.377  1.000 79.349  ? 1208 IK3 AAA N1  1 ? 
HETATM 1132 N  N2  . IK3 I 5 .   ? 7.932   1.088   17.581  1.000 63.973  ? 1208 IK3 AAA N2  1 ? 
HETATM 1133 C  C3  . IK3 I 5 .   ? 8.881   -0.955  13.675  1.000 69.443  ? 1208 IK3 AAA C3  1 ? 
HETATM 1134 C  C1  . IK3 I 5 .   ? 10.351  -1.857  11.924  1.000 61.761  ? 1208 IK3 AAA C1  1 ? 
HETATM 1135 C  C2  . IK3 I 5 .   ? 9.133   -1.461  12.312  1.000 70.892  ? 1208 IK3 AAA C2  1 ? 
HETATM 1136 O  O1  . IK3 I 5 .   ? 9.847   -0.810  16.277  1.000 96.773  ? 1208 IK3 AAA O1  1 ? 
HETATM 1137 O  O2  . IK3 I 5 .   ? 14.951  0.900   18.596  1.000 108.196 ? 1208 IK3 AAA O2  1 ? 
HETATM 1138 O  O3  . IK3 I 5 .   ? 7.847   1.076   19.848  1.000 46.285  ? 1208 IK3 AAA O3  1 ? 
HETATM 1139 O  O   . HOH J 6 .   ? 7.350   0.373   20.435  1.000 30.504  ? 1301 HOH AAA O   1 ? 
HETATM 1140 O  O   . HOH J 6 .   ? 17.814  9.806   14.748  1.000 57.136  ? 1302 HOH AAA O   1 ? 
HETATM 1141 O  O   . HOH J 6 .   ? -7.769  -4.804  -16.884 1.000 61.094  ? 1303 HOH AAA O   1 ? 
HETATM 1142 O  O   . HOH J 6 .   ? 2.695   1.941   -11.709 1.000 67.627  ? 1304 HOH AAA O   1 ? 
HETATM 1143 O  O   . HOH J 6 .   ? 1.462   -4.538  -11.512 1.000 35.583  ? 1305 HOH AAA O   1 ? 
HETATM 1144 O  O   . HOH J 6 .   ? -9.841  -5.646  -16.122 1.000 33.107  ? 1306 HOH AAA O   1 ? 
HETATM 1145 O  O   . HOH J 6 .   ? 14.553  16.273  6.733   1.000 60.169  ? 1307 HOH AAA O   1 ? 
HETATM 1146 O  O   . HOH J 6 .   ? 13.745  4.674   2.698   1.000 54.229  ? 1308 HOH AAA O   1 ? 
HETATM 1147 O  O   . HOH J 6 .   ? 4.317   -11.518 -12.913 1.000 53.864  ? 1309 HOH AAA O   1 ? 
HETATM 1148 O  O   . HOH J 6 .   ? 13.023  12.781  12.831  1.000 53.291  ? 1310 HOH AAA O   1 ? 
HETATM 1149 O  O   . HOH J 6 .   ? -13.303 -3.068  3.077   1.000 45.775  ? 1311 HOH AAA O   1 ? 
HETATM 1150 O  O   . HOH J 6 .   ? -19.323 -3.423  -10.187 1.000 36.592  ? 1312 HOH AAA O   1 ? 
HETATM 1151 O  O   . HOH J 6 .   ? 8.476   13.489  19.757  1.000 45.630  ? 1313 HOH AAA O   1 ? 
HETATM 1152 O  O   . HOH J 6 .   ? -9.137  -11.993 7.724   1.000 47.153  ? 1314 HOH AAA O   1 ? 
HETATM 1153 O  O   . HOH J 6 .   ? 2.667   -16.247 -18.695 1.000 41.696  ? 1315 HOH AAA O   1 ? 
HETATM 1154 O  O   . HOH J 6 .   ? 3.511   5.389   -8.576  1.000 50.011  ? 1316 HOH AAA O   1 ? 
HETATM 1155 O  O   . HOH J 6 .   ? -9.584  6.748   -8.251  1.000 38.479  ? 1317 HOH AAA O   1 ? 
HETATM 1156 O  O   . HOH J 6 .   ? -5.451  -5.689  -11.451 1.000 56.122  ? 1318 HOH AAA O   1 ? 
HETATM 1157 O  O   . HOH J 6 .   ? 11.269  12.014  -6.415  1.000 41.628  ? 1319 HOH AAA O   1 ? 
HETATM 1158 O  O   . HOH J 6 .   ? 4.597   -20.725 -13.563 1.000 47.452  ? 1320 HOH AAA O   1 ? 
HETATM 1159 O  O   . HOH J 6 .   ? -1.933  -14.473 -20.805 1.000 47.072  ? 1321 HOH AAA O   1 ? 
HETATM 1160 O  O   . HOH J 6 .   ? 1.907   10.376  -1.033  1.000 37.940  ? 1322 HOH AAA O   1 ? 
HETATM 1161 O  O   . HOH J 6 .   ? -10.451 1.527   -0.930  1.000 46.060  ? 1323 HOH AAA O   1 ? 
HETATM 1162 O  O   . HOH J 6 .   ? -15.912 -8.588  -13.029 0.500 43.954  ? 1324 HOH AAA O   1 ? 
HETATM 1163 O  O   . HOH J 6 .   ? 6.601   8.933   5.604   1.000 31.624  ? 1325 HOH AAA O   1 ? 
HETATM 1164 O  O   . HOH J 6 .   ? 5.278   3.007   -6.640  1.000 40.646  ? 1326 HOH AAA O   1 ? 
HETATM 1165 O  O   . HOH J 6 .   ? 5.280   8.494   1.866   1.000 33.191  ? 1327 HOH AAA O   1 ? 
HETATM 1166 O  O   . HOH J 6 .   ? -11.402 -16.002 -6.791  1.000 28.823  ? 1328 HOH AAA O   1 ? 
HETATM 1167 O  O   . HOH J 6 .   ? 0.068   6.356   -11.108 1.000 50.693  ? 1329 HOH AAA O   1 ? 
HETATM 1168 O  O   . HOH J 6 .   ? -12.115 3.834   -5.956  1.000 47.397  ? 1330 HOH AAA O   1 ? 
HETATM 1169 O  O   . HOH J 6 .   ? 2.390   7.798   3.880   1.000 30.580  ? 1331 HOH AAA O   1 ? 
HETATM 1170 O  O   . HOH J 6 .   ? -7.854  -8.926  -23.154 1.000 52.380  ? 1332 HOH AAA O   1 ? 
HETATM 1171 O  O   . HOH J 6 .   ? 4.525   -1.858  14.609  1.000 47.548  ? 1333 HOH AAA O   1 ? 
HETATM 1172 O  O   . HOH J 6 .   ? 5.775   8.147   -5.419  1.000 42.049  ? 1334 HOH AAA O   1 ? 
HETATM 1173 O  O   . HOH J 6 .   ? 5.903   7.112   21.041  1.000 29.329  ? 1335 HOH AAA O   1 ? 
HETATM 1174 O  O   . HOH J 6 .   ? 6.434   -4.469  8.907   1.000 54.092  ? 1336 HOH AAA O   1 ? 
HETATM 1175 O  O   . HOH J 6 .   ? 14.359  4.242   11.185  1.000 41.792  ? 1337 HOH AAA O   1 ? 
HETATM 1176 O  O   . HOH J 6 .   ? -7.592  6.234   9.299   1.000 31.807  ? 1338 HOH AAA O   1 ? 
HETATM 1177 O  O   . HOH J 6 .   ? -4.010  -4.724  12.873  1.000 40.473  ? 1339 HOH AAA O   1 ? 
HETATM 1178 O  O   . HOH J 6 .   ? -6.377  -1.919  -18.258 1.000 65.853  ? 1340 HOH AAA O   1 ? 
HETATM 1179 O  O   . HOH J 6 .   ? -7.585  -18.259 5.632   1.000 46.180  ? 1341 HOH AAA O   1 ? 
HETATM 1180 O  O   . HOH J 6 .   ? 1.847   -9.671  9.073   1.000 32.113  ? 1342 HOH AAA O   1 ? 
HETATM 1181 O  O   . HOH J 6 .   ? -3.329  3.605   -16.417 1.000 63.172  ? 1343 HOH AAA O   1 ? 
HETATM 1182 O  O   . HOH J 6 .   ? 17.522  13.752  -0.323  1.000 53.758  ? 1344 HOH AAA O   1 ? 
HETATM 1183 O  O   . HOH J 6 .   ? -11.796 -11.584 -2.517  1.000 22.861  ? 1345 HOH AAA O   1 ? 
HETATM 1184 O  O   . HOH J 6 .   ? -10.378 -1.693  9.678   1.000 35.448  ? 1346 HOH AAA O   1 ? 
HETATM 1185 O  O   . HOH J 6 .   ? 14.599  12.741  18.951  1.000 57.470  ? 1347 HOH AAA O   1 ? 
HETATM 1186 O  O   . HOH J 6 .   ? -2.297  7.892   12.281  1.000 34.576  ? 1348 HOH AAA O   1 ? 
HETATM 1187 O  O   . HOH J 6 .   ? 16.886  11.299  0.386   1.000 56.509  ? 1349 HOH AAA O   1 ? 
HETATM 1188 O  O   . HOH J 6 .   ? 8.828   -1.061  -1.770  1.000 29.129  ? 1350 HOH AAA O   1 ? 
HETATM 1189 O  O   . HOH J 6 .   ? 4.365   -1.373  -7.156  1.000 41.342  ? 1351 HOH AAA O   1 ? 
HETATM 1190 O  O   . HOH J 6 .   ? 13.454  11.769  23.216  1.000 31.607  ? 1352 HOH AAA O   1 ? 
HETATM 1191 O  O   . HOH J 6 .   ? 4.959   6.927   4.915   1.000 31.162  ? 1353 HOH AAA O   1 ? 
HETATM 1192 O  O   . HOH J 6 .   ? -10.101 7.228   6.234   1.000 50.162  ? 1354 HOH AAA O   1 ? 
HETATM 1193 O  O   . HOH J 6 .   ? -1.825  -4.560  14.719  1.000 56.747  ? 1355 HOH AAA O   1 ? 
HETATM 1194 O  O   . HOH J 6 .   ? -4.401  10.400  -5.648  1.000 48.712  ? 1356 HOH AAA O   1 ? 
HETATM 1195 O  O   . HOH J 6 .   ? -10.971 -13.098 -0.277  1.000 28.907  ? 1357 HOH AAA O   1 ? 
HETATM 1196 O  O   . HOH J 6 .   ? 0.451   1.514   16.385  1.000 29.949  ? 1358 HOH AAA O   1 ? 
HETATM 1197 O  O   . HOH J 6 .   ? -10.302 -16.283 -4.304  1.000 55.130  ? 1359 HOH AAA O   1 ? 
HETATM 1198 O  O   . HOH J 6 .   ? 16.892  8.045   8.015   1.000 46.364  ? 1360 HOH AAA O   1 ? 
HETATM 1199 O  O   . HOH J 6 .   ? 1.595   8.859   13.572  1.000 50.050  ? 1361 HOH AAA O   1 ? 
HETATM 1200 O  O   . HOH J 6 .   ? -9.990  -15.434 -12.408 1.000 42.009  ? 1362 HOH AAA O   1 ? 
HETATM 1201 O  O   . HOH J 6 .   ? -10.522 -8.070  0.110   1.000 34.324  ? 1363 HOH AAA O   1 ? 
HETATM 1202 O  O   . HOH J 6 .   ? -5.665  8.814   14.420  1.000 52.837  ? 1364 HOH AAA O   1 ? 
HETATM 1203 O  O   . HOH J 6 .   ? 8.558   -3.199  16.861  1.000 51.099  ? 1365 HOH AAA O   1 ? 
HETATM 1204 O  O   . HOH J 6 .   ? -13.747 -3.460  -3.236  1.000 18.834  ? 1366 HOH AAA O   1 ? 
HETATM 1205 O  O   . HOH J 6 .   ? 11.586  4.225   1.361   1.000 28.657  ? 1367 HOH AAA O   1 ? 
HETATM 1206 O  O   . HOH J 6 .   ? 4.438   -9.028  -9.696  1.000 44.565  ? 1368 HOH AAA O   1 ? 
HETATM 1207 O  O   . HOH J 6 .   ? -14.749 -14.653 -14.906 1.000 56.009  ? 1369 HOH AAA O   1 ? 
HETATM 1208 O  O   . HOH J 6 .   ? 7.952   13.373  15.245  1.000 59.101  ? 1370 HOH AAA O   1 ? 
HETATM 1209 O  O   . HOH J 6 .   ? 15.524  4.359   13.313  1.000 51.130  ? 1371 HOH AAA O   1 ? 
HETATM 1210 O  O   . HOH J 6 .   ? -7.447  0.417   15.366  1.000 54.966  ? 1372 HOH AAA O   1 ? 
HETATM 1211 O  O   . HOH J 6 .   ? -0.724  -1.124  16.620  1.000 33.603  ? 1373 HOH AAA O   1 ? 
HETATM 1212 O  O   . HOH J 6 .   ? 3.659   10.551  15.660  1.000 47.411  ? 1374 HOH AAA O   1 ? 
HETATM 1213 O  O   . HOH J 6 .   ? 11.892  5.014   -3.110  1.000 47.388  ? 1375 HOH AAA O   1 ? 
HETATM 1214 O  O   . HOH J 6 .   ? 9.494   13.435  -3.855  1.000 48.559  ? 1376 HOH AAA O   1 ? 
HETATM 1215 O  O   . HOH J 6 .   ? 13.562  2.808   5.317   1.000 50.519  ? 1377 HOH AAA O   1 ? 
HETATM 1216 O  O   . HOH J 6 .   ? -7.731  8.328   -4.063  1.000 42.175  ? 1378 HOH AAA O   1 ? 
HETATM 1217 O  O   . HOH J 6 .   ? 14.302  -1.040  16.661  1.000 98.824  ? 1379 HOH AAA O   1 ? 
HETATM 1218 O  O   . HOH J 6 .   ? -10.486 -19.194 -2.904  1.000 42.583  ? 1380 HOH AAA O   1 ? 
HETATM 1219 O  O   . HOH J 6 .   ? 16.328  6.015   16.915  1.000 51.862  ? 1381 HOH AAA O   1 ? 
HETATM 1220 O  O   . HOH J 6 .   ? 10.963  6.985   -1.184  1.000 30.716  ? 1382 HOH AAA O   1 ? 
HETATM 1221 O  O   . HOH J 6 .   ? -6.975  -22.581 -4.670  1.000 50.634  ? 1383 HOH AAA O   1 ? 
HETATM 1222 O  O   . HOH J 6 .   ? 6.153   10.590  7.809   1.000 41.290  ? 1384 HOH AAA O   1 ? 
HETATM 1223 O  O   . HOH J 6 .   ? 1.306   10.125  4.161   1.000 47.999  ? 1385 HOH AAA O   1 ? 
HETATM 1224 O  O   . HOH J 6 .   ? 10.099  -0.225  0.380   1.000 35.537  ? 1386 HOH AAA O   1 ? 
HETATM 1225 O  O   . HOH J 6 .   ? -2.769  -13.784 8.616   1.000 44.952  ? 1387 HOH AAA O   1 ? 
HETATM 1226 O  O   . HOH J 6 .   ? -3.624  11.109  -3.507  1.000 55.451  ? 1388 HOH AAA O   1 ? 
HETATM 1227 O  O   . HOH J 6 .   ? 1.005   -17.391 -5.249  1.000 46.384  ? 1389 HOH AAA O   1 ? 
HETATM 1228 O  O   . HOH J 6 .   ? 14.664  4.507   18.483  1.000 43.216  ? 1390 HOH AAA O   1 ? 
HETATM 1229 O  O   . HOH J 6 .   ? -9.577  -7.075  8.973   1.000 52.695  ? 1391 HOH AAA O   1 ? 
HETATM 1230 O  O   . HOH J 6 .   ? -10.159 2.218   14.115  1.000 44.162  ? 1392 HOH AAA O   1 ? 
HETATM 1231 O  O   . HOH J 6 .   ? -4.777  -1.997  -10.378 1.000 22.715  ? 1393 HOH AAA O   1 ? 
HETATM 1232 O  O   . HOH J 6 .   ? 1.750   -0.631  -13.836 1.000 50.546  ? 1394 HOH AAA O   1 ? 
HETATM 1233 O  O   . HOH J 6 .   ? 2.201   -16.300 -6.929  1.000 55.514  ? 1395 HOH AAA O   1 ? 
HETATM 1234 O  O   . HOH J 6 .   ? -14.371 -14.247 -5.316  1.000 21.619  ? 1396 HOH AAA O   1 ? 
HETATM 1235 O  O   . HOH J 6 .   ? 1.130   -12.242 3.297   1.000 37.517  ? 1397 HOH AAA O   1 ? 
HETATM 1236 O  O   . HOH J 6 .   ? -5.751  -3.826  -13.006 1.000 29.103  ? 1398 HOH AAA O   1 ? 
HETATM 1237 O  O   . HOH J 6 .   ? -7.476  6.888   -10.261 1.000 32.837  ? 1399 HOH AAA O   1 ? 
HETATM 1238 O  O   . HOH J 6 .   ? 8.878   -1.903  4.246   1.000 36.094  ? 1400 HOH AAA O   1 ? 
HETATM 1239 O  O   . HOH J 6 .   ? 4.520   -8.769  8.153   1.000 52.779  ? 1401 HOH AAA O   1 ? 
HETATM 1240 O  O   . HOH J 6 .   ? -4.304  -20.202 -0.828  1.000 40.776  ? 1402 HOH AAA O   1 ? 
HETATM 1241 O  O   . HOH J 6 .   ? -12.182 -4.334  -16.511 1.000 57.967  ? 1403 HOH AAA O   1 ? 
HETATM 1242 O  O   . HOH J 6 .   ? 10.382  7.574   22.818  1.000 31.018  ? 1404 HOH AAA O   1 ? 
HETATM 1243 O  O   . HOH J 6 .   ? -10.916 -5.277  8.652   1.000 38.632  ? 1405 HOH AAA O   1 ? 
HETATM 1244 O  O   . HOH J 6 .   ? 13.442  8.160   -0.587  1.000 37.225  ? 1406 HOH AAA O   1 ? 
HETATM 1245 O  O   . HOH J 6 .   ? -11.322 3.290   -12.870 1.000 42.075  ? 1407 HOH AAA O   1 ? 
HETATM 1246 O  O   . HOH J 6 .   ? -8.390  3.307   -15.672 1.000 54.791  ? 1408 HOH AAA O   1 ? 
HETATM 1247 O  O   . HOH J 6 .   ? -11.337 6.272   10.790  1.000 61.153  ? 1409 HOH AAA O   1 ? 
HETATM 1248 O  O   . HOH J 6 .   ? -7.055  -2.416  9.743   1.000 38.148  ? 1410 HOH AAA O   1 ? 
HETATM 1249 O  O   . HOH J 6 .   ? 17.674  9.738   18.082  1.000 38.026  ? 1411 HOH AAA O   1 ? 
HETATM 1250 O  O   . HOH J 6 .   ? 2.716   -4.983  -15.146 1.000 60.621  ? 1412 HOH AAA O   1 ? 
HETATM 1251 O  O   . HOH J 6 .   ? 11.396  13.936  11.016  1.000 57.992  ? 1413 HOH AAA O   1 ? 
HETATM 1252 O  O   . HOH J 6 .   ? -0.704  11.432  15.683  1.000 60.003  ? 1414 HOH AAA O   1 ? 
HETATM 1253 O  O   . HOH J 6 .   ? 9.425   -3.772  -1.510  1.000 39.900  ? 1415 HOH AAA O   1 ? 
HETATM 1254 O  O   . HOH J 6 .   ? -4.214  -15.433 -23.365 1.000 56.389  ? 1416 HOH AAA O   1 ? 
HETATM 1255 O  O   . HOH J 6 .   ? 14.524  12.981  8.084   1.000 52.138  ? 1417 HOH AAA O   1 ? 
HETATM 1256 O  O   . HOH J 6 .   ? -10.955 0.765   -12.326 1.000 46.386  ? 1418 HOH AAA O   1 ? 
HETATM 1257 O  O   . HOH J 6 .   ? 3.132   -0.134  -9.183  1.000 53.694  ? 1419 HOH AAA O   1 ? 
HETATM 1258 O  O   . HOH J 6 .   ? 11.509  11.349  25.846  1.000 63.300  ? 1420 HOH AAA O   1 ? 
HETATM 1259 O  O   . HOH J 6 .   ? -7.269  7.047   2.021   1.000 42.626  ? 1421 HOH AAA O   1 ? 
HETATM 1260 O  O   . HOH J 6 .   ? -0.702  13.009  5.965   1.000 54.136  ? 1422 HOH AAA O   1 ? 
HETATM 1261 O  O   . HOH J 6 .   ? -12.000 -13.162 -25.086 1.000 59.369  ? 1423 HOH AAA O   1 ? 
HETATM 1262 O  O   . HOH J 6 .   ? -2.421  -25.153 -8.344  1.000 54.710  ? 1424 HOH AAA O   1 ? 
HETATM 1263 O  O   . HOH J 6 .   ? -14.590 -1.863  1.058   1.000 46.210  ? 1425 HOH AAA O   1 ? 
HETATM 1264 O  O   . HOH J 6 .   ? -9.035  7.981   -6.009  1.000 52.218  ? 1426 HOH AAA O   1 ? 
HETATM 1265 O  O   . HOH J 6 .   ? 7.698   10.762  -7.112  1.000 51.536  ? 1427 HOH AAA O   1 ? 
HETATM 1266 O  O   . HOH J 6 .   ? 0.127   -15.836 -2.781  1.000 50.028  ? 1428 HOH AAA O   1 ? 
HETATM 1267 O  O   . HOH J 6 .   ? -0.223  -5.093  13.099  1.000 49.871  ? 1429 HOH AAA O   1 ? 
HETATM 1268 O  O   . HOH J 6 .   ? -7.722  5.236   0.690   1.000 43.412  ? 1430 HOH AAA O   1 ? 
HETATM 1269 O  O   . HOH J 6 .   ? 3.830   13.801  0.000   1.000 55.791  ? 1431 HOH AAA O   1 ? 
HETATM 1270 O  O   . HOH J 6 .   ? 5.816   12.752  9.510   1.000 68.503  ? 1432 HOH AAA O   1 ? 
HETATM 1271 O  O   . HOH J 6 .   ? -3.809  12.323  11.610  1.000 65.048  ? 1433 HOH AAA O   1 ? 
HETATM 1272 O  O   . HOH J 6 .   ? 6.292   -18.356 -9.839  1.000 70.638  ? 1434 HOH AAA O   1 ? 
HETATM 1273 O  O   . HOH J 6 .   ? 3.134   10.897  1.354   1.000 43.742  ? 1435 HOH AAA O   1 ? 
HETATM 1274 O  O   . HOH J 6 .   ? -7.045  1.850   -17.242 1.000 70.181  ? 1436 HOH AAA O   1 ? 
HETATM 1275 O  O   . HOH J 6 .   ? 16.818  13.374  -6.499  1.000 57.883  ? 1437 HOH AAA O   1 ? 
HETATM 1276 O  O   . HOH J 6 .   ? -0.921  -7.778  11.939  1.000 49.052  ? 1438 HOH AAA O   1 ? 
HETATM 1277 O  O   . HOH J 6 .   ? -13.840 -1.477  -1.161  1.000 31.305  ? 1439 HOH AAA O   1 ? 
HETATM 1278 O  O   . HOH J 6 .   ? -4.661  13.009  7.347   1.000 56.770  ? 1440 HOH AAA O   1 ? 
HETATM 1279 O  O   . HOH J 6 .   ? -5.482  7.558   17.103  1.000 58.864  ? 1441 HOH AAA O   1 ? 
HETATM 1280 O  O   . HOH J 6 .   ? -9.029  6.293   -12.608 1.000 36.802  ? 1442 HOH AAA O   1 ? 
HETATM 1281 O  O   . HOH J 6 .   ? 4.308   -15.893 -20.575 1.000 58.917  ? 1443 HOH AAA O   1 ? 
HETATM 1282 O  O   . HOH J 6 .   ? -10.634 -12.301 9.588   1.000 53.043  ? 1444 HOH AAA O   1 ? 
HETATM 1283 O  O   . HOH J 6 .   ? 19.285  9.846   12.531  1.000 57.747  ? 1445 HOH AAA O   1 ? 
HETATM 1284 O  O   . HOH J 6 .   ? 1.303   -12.110 7.991   1.000 36.495  ? 1446 HOH AAA O   1 ? 
HETATM 1285 O  O   . HOH J 6 .   ? 5.976   13.140  14.515  1.000 67.851  ? 1447 HOH AAA O   1 ? 
HETATM 1286 O  O   . HOH J 6 .   ? -5.496  -4.333  -15.828 1.000 39.566  ? 1448 HOH AAA O   1 ? 
HETATM 1287 O  O   . HOH J 6 .   ? -0.762  7.988   -7.560  1.000 61.579  ? 1449 HOH AAA O   1 ? 
HETATM 1288 O  O   . HOH J 6 .   ? 1.173   -9.930  11.576  1.000 51.267  ? 1450 HOH AAA O   1 ? 
HETATM 1289 O  O   . HOH J 6 .   ? 0.724   -3.023  16.443  1.000 42.797  ? 1451 HOH AAA O   1 ? 
HETATM 1290 O  O   . HOH J 6 .   ? -13.230 1.300   -1.230  1.000 54.211  ? 1452 HOH AAA O   1 ? 
HETATM 1291 O  O   . HOH J 6 .   ? -11.163 -2.837  -18.060 1.000 67.223  ? 1453 HOH AAA O   1 ? 
HETATM 1292 O  O   . HOH J 6 .   ? 10.242  -1.383  6.075   1.000 59.717  ? 1454 HOH AAA O   1 ? 
HETATM 1293 O  O   . HOH J 6 .   ? 4.518   -16.972 -16.926 1.000 49.429  ? 1455 HOH AAA O   1 ? 
HETATM 1294 O  O   . HOH J 6 .   ? 9.578   0.362   -4.172  1.000 55.166  ? 1456 HOH AAA O   1 ? 
HETATM 1295 O  O   . HOH J 6 .   ? -11.923 2.658   -2.866  1.000 55.923  ? 1457 HOH AAA O   1 ? 
HETATM 1296 O  O   . HOH J 6 .   ? 2.631   -12.836 5.530   1.000 49.666  ? 1458 HOH AAA O   1 ? 
HETATM 1297 O  O   . HOH J 6 .   ? -3.335  -16.586 8.261   1.000 58.740  ? 1459 HOH AAA O   1 ? 
HETATM 1298 O  O   . HOH J 6 .   ? -12.422 -8.896  -1.809  1.000 23.379  ? 1460 HOH AAA O   1 ? 
HETATM 1299 O  O   . HOH J 6 .   ? -4.250  11.826  -7.995  1.000 57.805  ? 1461 HOH AAA O   1 ? 
HETATM 1300 O  O   . HOH J 6 .   ? -1.778  7.455   -9.508  1.000 53.547  ? 1462 HOH AAA O   1 ? 
HETATM 1301 O  O   . HOH J 6 .   ? -3.211  -8.202  11.820  1.000 53.106  ? 1463 HOH AAA O   1 ? 
HETATM 1302 O  O   . HOH J 6 .   ? 1.062   16.074  -2.355  1.000 69.990  ? 1464 HOH AAA O   1 ? 
HETATM 1303 O  O   . HOH J 6 .   ? -5.437  -8.780  10.179  1.000 58.916  ? 1465 HOH AAA O   1 ? 
HETATM 1304 O  O   . HOH J 6 .   ? -8.857  7.924   -1.557  1.000 65.188  ? 1466 HOH AAA O   1 ? 
HETATM 1305 O  O   . HOH J 6 .   ? -4.430  -3.503  -17.652 1.000 68.094  ? 1467 HOH AAA O   1 ? 
HETATM 1306 O  O   . HOH J 6 .   ? 12.543  3.281   -1.085  1.000 45.989  ? 1468 HOH AAA O   1 ? 
HETATM 1307 O  O   . HOH J 6 .   ? -9.463  7.520   10.827  1.000 52.926  ? 1469 HOH AAA O   1 ? 
HETATM 1308 O  O   . HOH J 6 .   ? 11.042  -2.251  1.867   1.000 56.343  ? 1470 HOH AAA O   1 ? 
HETATM 1309 O  O   . HOH J 6 .   ? 8.295   6.129   22.332  1.000 34.241  ? 1471 HOH AAA O   1 ? 
HETATM 1310 O  O   . HOH J 6 .   ? 12.805  -0.050  5.507   1.000 59.274  ? 1472 HOH AAA O   1 ? 
HETATM 1311 O  O   . HOH J 6 .   ? -8.871  6.712   -15.068 1.000 52.257  ? 1473 HOH AAA O   1 ? 
HETATM 1312 O  O   . HOH J 6 .   ? -0.314  -13.312 9.644   1.000 47.088  ? 1474 HOH AAA O   1 ? 
HETATM 1313 O  O   . HOH J 6 .   ? -7.965  -4.822  9.800   1.000 45.295  ? 1475 HOH AAA O   1 ? 
HETATM 1314 O  O   . HOH J 6 .   ? -13.564 6.483   8.203   1.000 59.767  ? 1476 HOH AAA O   1 ? 
HETATM 1315 O  O   . HOH J 6 .   ? -6.800  -7.396  10.334  1.000 60.988  ? 1477 HOH AAA O   1 ? 
HETATM 1316 O  O   . HOH J 6 .   ? 2.787   13.948  7.599   1.000 88.464  ? 1478 HOH AAA O   1 ? 
HETATM 1317 O  O   . HOH J 6 .   ? -0.338  -11.783 11.911  1.000 54.406  ? 1479 HOH AAA O   1 ? 
HETATM 1318 O  O   . HOH J 6 .   ? 3.332   12.779  10.814  1.000 55.671  ? 1480 HOH AAA O   1 ? 
# 
